data_9MHX
#
_entry.id   9MHX
#
_cell.length_a   86.238
_cell.length_b   86.238
_cell.length_c   217.487
_cell.angle_alpha   90.00
_cell.angle_beta   90.00
_cell.angle_gamma   120.00
#
_symmetry.space_group_name_H-M   'P 32'
#
loop_
_entity.id
_entity.type
_entity.pdbx_description
1 polymer 'Toll-like receptor 8'
2 branched alpha-D-mannopyranose-(1-3)-[alpha-D-mannopyranose-(2-6)]beta-D-mannopyranose-(1-4)-2-acetamido-2-deoxy-beta-D-glucopyranose-(1-4)-2-acetamido-2-deoxy-beta-D-glucopyranose
3 branched alpha-D-mannopyranose-(1-3)-alpha-D-mannopyranose-(1-6)-beta-D-mannopyranose-(1-4)-2-acetamido-2-deoxy-beta-D-glucopyranose-(1-4)-2-acetamido-2-deoxy-beta-D-glucopyranose
4 branched alpha-D-mannopyranose-(1-3)-[alpha-D-mannopyranose-(1-6)]beta-D-mannopyranose-(1-4)-2-acetamido-2-deoxy-beta-D-glucopyranose-(1-4)-2-acetamido-2-deoxy-beta-D-glucopyranose
5 branched alpha-D-mannopyranose-(1-6)-beta-D-mannopyranose-(1-4)-2-acetamido-2-deoxy-beta-D-glucopyranose-(1-4)-2-acetamido-2-deoxy-beta-D-glucopyranose
6 non-polymer 2-acetamido-2-deoxy-beta-D-glucopyranose
7 non-polymer (3S,4R)-4-[({3-[(2-amino-4-{[(3S)-1-hydroxyhexan-3-yl]amino}-5H-pyrimido[5,4-b]indol-5-yl)methyl]-4-methoxyphenyl}methyl)amino]oxolan-3-ol
8 water water
#
_entity_poly.entity_id   1
_entity_poly.type   'polypeptide(L)'
_entity_poly.pdbx_seq_one_letter_code
;EENFSRSYPCDEKKQNDSVIAECSNRRLQEVPQTVGKYVTELDLSDNFITHITNESFQGLQNLTKINLNHNPNVQHQNGN
PGIQSNGLNITDGAFLNLKNLRELLLEDNQLPQIPSGLPESLTELSLIQNNIYNITKEGISRLINLKNLYLAWNCYFNKV
CEKTNIEDGVFETLTNLELLSLSFNSLSHVPPKLPSSLRKLFLSNTQIKYISEEDFKGLINLTLLDLSGNCPRCFNAPFP
CVPCDGGASINIDRFAFQNLTQLRYLNLSSTSLRKINAAWFKNMPHLKVLDLEFNYLVGEIASGAFLTMLPRLEILDLSF
NYIKGSYPQHINISRNFSKLLSLRALHLRGYVFQELREDDFQPLMQLPNLSTINLGINFIKQIDFKLFQNFSNLEIIYLS
ENRISPLVKDTRQSYANSSSFQRHIRKRRSTDFEFDPHSNFYHFTRPLIKPQCAAYGKALDLSLNSIFFIGPNQFENLPD
IACLNLSANSNAQVLSGTEFSAIPHVKYLDLTNNRLDFDNASALTELSDLEVLDLSYNSHYFRIAGVTHHLEFIQNFTNL
KVLNLSHNNIYTLTDKYNLESKSLVELVFSGNRLDILWNDDDNRYISIFKGLKNLTRLDLSLNRLKHIPNEAFLNLPASL
TELHINDNMLKFFNWTLLQQFPRLELLDLRGNKLLFLTDSLSDFTSSLRTLLLSHNRISHLPSGFLSEVSSLKHLDLSSN
LLKTINKSALETKTTTKLSMLELHGNPFECTCDIGDFRRWMDEHLNVKIPRLVDVICASPGDQRGKSIVSLELTTCVSDV
TEFLVPR
;
_entity_poly.pdbx_strand_id   A,B
#
loop_
_chem_comp.id
_chem_comp.type
_chem_comp.name
_chem_comp.formula
A1BLO non-polymer (3S,4R)-4-[({3-[(2-amino-4-{[(3S)-1-hydroxyhexan-3-yl]amino}-5H-pyrimido[5,4-b]indol-5-yl)methyl]-4-methoxyphenyl}methyl)amino]oxolan-3-ol 'C29 H38 N6 O4'
BMA D-saccharide, beta linking beta-D-mannopyranose 'C6 H12 O6'
MAN D-saccharide, alpha linking alpha-D-mannopyranose 'C6 H12 O6'
NAG D-saccharide, beta linking 2-acetamido-2-deoxy-beta-D-glucopyranose 'C8 H15 N O6'
#
# COMPACT_ATOMS: atom_id res chain seq x y z
N ARG A 6 27.85 24.78 18.19
CA ARG A 6 26.95 23.66 18.38
C ARG A 6 27.74 22.37 18.61
N SER A 7 27.19 21.46 19.41
CA SER A 7 27.87 20.21 19.74
C SER A 7 27.90 19.25 18.54
N TYR A 8 29.00 18.49 18.43
CA TYR A 8 29.16 17.48 17.38
C TYR A 8 30.10 16.38 17.88
N PRO A 9 29.81 15.08 17.67
CA PRO A 9 28.66 14.50 16.95
C PRO A 9 27.34 14.41 17.73
N CYS A 10 27.35 14.68 19.05
CA CYS A 10 26.17 14.53 19.91
C CYS A 10 25.23 15.74 19.87
N ASP A 11 23.97 15.54 20.32
CA ASP A 11 22.98 16.60 20.48
C ASP A 11 22.89 16.86 21.98
N GLU A 12 23.66 17.83 22.49
CA GLU A 12 23.68 18.14 23.92
C GLU A 12 22.53 19.07 24.31
N LYS A 13 21.79 18.71 25.39
CA LYS A 13 20.66 19.49 25.89
C LYS A 13 20.65 19.49 27.41
N LYS A 14 20.33 20.64 28.04
CA LYS A 14 20.25 20.78 29.50
C LYS A 14 18.78 20.61 29.91
N GLN A 15 18.41 19.41 30.41
CA GLN A 15 17.03 19.09 30.78
C GLN A 15 17.01 18.21 32.05
N ASN A 16 16.92 18.75 33.31
CA ASN A 16 16.82 20.17 33.72
C ASN A 16 18.09 20.57 34.49
N ASP A 17 18.45 19.82 35.53
CA ASP A 17 19.66 20.04 36.31
C ASP A 17 20.84 19.32 35.60
N SER A 18 20.58 18.11 35.07
CA SER A 18 21.56 17.28 34.37
C SER A 18 21.70 17.67 32.89
N VAL A 19 22.91 17.49 32.31
CA VAL A 19 23.21 17.77 30.90
C VAL A 19 23.26 16.44 30.14
N ILE A 20 22.30 16.21 29.22
CA ILE A 20 22.20 14.97 28.45
C ILE A 20 22.87 15.12 27.08
N ALA A 21 23.55 14.05 26.60
CA ALA A 21 24.21 14.03 25.31
C ALA A 21 23.71 12.82 24.52
N GLU A 22 22.97 13.06 23.42
CA GLU A 22 22.45 11.98 22.59
C GLU A 22 23.37 11.74 21.40
N CYS A 23 24.18 10.67 21.43
CA CYS A 23 25.11 10.31 20.33
C CYS A 23 24.73 8.94 19.74
N SER A 24 23.45 8.56 19.78
CA SER A 24 23.03 7.26 19.28
C SER A 24 22.85 7.25 17.77
N ASN A 25 23.12 6.08 17.14
CA ASN A 25 22.94 5.85 15.71
C ASN A 25 23.62 6.89 14.81
N ARG A 26 24.90 7.13 15.05
CA ARG A 26 25.71 8.06 14.26
C ARG A 26 26.98 7.39 13.69
N ARG A 27 26.92 6.06 13.44
CA ARG A 27 28.01 5.22 12.92
C ARG A 27 29.40 5.62 13.45
N LEU A 28 29.49 5.84 14.76
CA LEU A 28 30.72 6.22 15.43
C LEU A 28 31.58 4.97 15.61
N GLN A 29 32.83 4.98 15.09
CA GLN A 29 33.78 3.86 15.20
C GLN A 29 34.44 3.77 16.61
N GLU A 30 34.42 4.88 17.36
CA GLU A 30 34.98 4.97 18.69
C GLU A 30 34.19 6.02 19.50
N VAL A 31 34.38 6.07 20.84
CA VAL A 31 33.69 7.08 21.64
C VAL A 31 34.30 8.46 21.29
N PRO A 32 33.49 9.47 20.98
CA PRO A 32 34.07 10.77 20.58
C PRO A 32 34.74 11.51 21.72
N GLN A 33 35.93 12.06 21.45
CA GLN A 33 36.66 12.85 22.45
C GLN A 33 36.24 14.34 22.42
N THR A 34 35.11 14.68 21.75
CA THR A 34 34.58 16.04 21.64
C THR A 34 33.22 16.17 22.37
N VAL A 35 32.95 15.31 23.38
CA VAL A 35 31.73 15.39 24.18
C VAL A 35 31.96 16.47 25.25
N GLY A 36 30.90 17.23 25.56
CA GLY A 36 30.96 18.30 26.55
C GLY A 36 31.46 17.83 27.90
N LYS A 37 32.40 18.57 28.50
CA LYS A 37 32.98 18.21 29.79
C LYS A 37 31.94 18.07 30.91
N TYR A 38 30.86 18.87 30.89
CA TYR A 38 29.82 18.81 31.92
C TYR A 38 28.64 17.85 31.62
N VAL A 39 28.82 16.90 30.66
CA VAL A 39 27.76 15.94 30.37
C VAL A 39 27.63 14.95 31.53
N THR A 40 26.38 14.63 31.91
CA THR A 40 26.08 13.70 33.01
C THR A 40 25.50 12.38 32.48
N GLU A 41 24.75 12.41 31.37
CA GLU A 41 24.15 11.19 30.79
C GLU A 41 24.53 11.11 29.32
N LEU A 42 25.28 10.06 28.95
CA LEU A 42 25.79 9.87 27.60
C LEU A 42 25.18 8.63 26.92
N ASP A 43 24.53 8.82 25.76
CA ASP A 43 23.93 7.72 25.01
C ASP A 43 24.70 7.44 23.73
N LEU A 44 25.52 6.39 23.73
CA LEU A 44 26.31 5.96 22.58
C LEU A 44 25.78 4.65 21.97
N SER A 45 24.49 4.35 22.13
CA SER A 45 23.91 3.13 21.58
C SER A 45 23.80 3.14 20.05
N ASP A 46 23.72 1.95 19.41
CA ASP A 46 23.57 1.80 17.96
C ASP A 46 24.70 2.43 17.13
N ASN A 47 25.95 2.25 17.55
CA ASN A 47 27.12 2.74 16.82
C ASN A 47 28.06 1.57 16.45
N PHE A 48 29.21 1.84 15.83
CA PHE A 48 30.19 0.82 15.46
C PHE A 48 31.38 0.84 16.45
N ILE A 49 31.11 1.14 17.74
CA ILE A 49 32.18 1.20 18.74
C ILE A 49 32.57 -0.25 19.07
N THR A 50 33.87 -0.54 19.02
CA THR A 50 34.42 -1.87 19.23
C THR A 50 35.27 -1.98 20.49
N HIS A 51 35.83 -0.86 20.99
CA HIS A 51 36.71 -0.91 22.15
C HIS A 51 36.39 0.17 23.18
N ILE A 52 36.51 -0.19 24.47
CA ILE A 52 36.31 0.69 25.61
C ILE A 52 37.52 0.49 26.50
N THR A 53 38.21 1.58 26.84
CA THR A 53 39.39 1.56 27.72
C THR A 53 39.20 2.62 28.83
N ASN A 54 40.09 2.63 29.79
CA ASN A 54 40.09 3.61 30.87
C ASN A 54 40.34 5.07 30.36
N GLU A 55 40.74 5.26 29.07
CA GLU A 55 40.93 6.56 28.41
C GLU A 55 39.69 6.98 27.58
N SER A 56 38.76 6.05 27.30
CA SER A 56 37.54 6.33 26.52
C SER A 56 36.69 7.46 27.14
N PHE A 57 36.48 7.44 28.45
CA PHE A 57 35.71 8.48 29.14
C PHE A 57 36.65 9.28 30.03
N GLN A 58 37.66 9.92 29.39
CA GLN A 58 38.76 10.63 30.06
C GLN A 58 38.37 11.91 30.85
N GLY A 59 37.77 12.90 30.19
CA GLY A 59 37.44 14.18 30.84
C GLY A 59 35.97 14.36 31.11
N LEU A 60 35.28 13.27 31.48
CA LEU A 60 33.85 13.29 31.74
C LEU A 60 33.60 12.82 33.17
N GLN A 61 34.18 13.55 34.14
CA GLN A 61 34.11 13.23 35.57
C GLN A 61 32.71 13.25 36.18
N ASN A 62 31.77 14.01 35.61
CA ASN A 62 30.39 14.10 36.15
C ASN A 62 29.44 13.11 35.46
N LEU A 63 29.97 12.02 34.89
CA LEU A 63 29.16 11.06 34.14
C LEU A 63 28.47 10.09 35.11
N THR A 64 27.13 10.16 35.17
CA THR A 64 26.29 9.31 36.02
C THR A 64 25.64 8.16 35.21
N LYS A 65 25.43 8.35 33.89
CA LYS A 65 24.81 7.34 33.05
C LYS A 65 25.54 7.18 31.72
N ILE A 66 25.74 5.92 31.28
CA ILE A 66 26.35 5.58 30.00
C ILE A 66 25.53 4.46 29.40
N ASN A 67 25.16 4.62 28.12
CA ASN A 67 24.43 3.59 27.41
C ASN A 67 25.26 3.23 26.18
N LEU A 68 25.80 2.01 26.14
CA LEU A 68 26.58 1.50 25.01
C LEU A 68 25.88 0.30 24.36
N ASN A 69 24.53 0.26 24.36
CA ASN A 69 23.76 -0.85 23.80
C ASN A 69 23.97 -1.01 22.29
N HIS A 70 23.90 -2.24 21.77
CA HIS A 70 24.01 -2.52 20.35
C HIS A 70 25.31 -1.99 19.72
N ASN A 71 26.46 -2.25 20.37
CA ASN A 71 27.76 -1.81 19.86
C ASN A 71 28.71 -3.00 19.80
N PRO A 72 29.36 -3.33 18.66
CA PRO A 72 29.19 -2.76 17.29
C PRO A 72 27.89 -3.25 16.64
N ASN A 73 27.57 -2.77 15.43
CA ASN A 73 26.34 -3.17 14.71
C ASN A 73 26.62 -4.11 13.51
N VAL A 74 27.77 -3.96 12.83
CA VAL A 74 28.09 -4.77 11.66
C VAL A 74 28.16 -6.26 12.02
N GLY A 87 32.06 -7.97 18.48
CA GLY A 87 31.65 -7.75 19.87
C GLY A 87 32.42 -6.64 20.55
N LEU A 88 31.80 -6.01 21.55
CA LEU A 88 32.44 -4.91 22.28
C LEU A 88 33.52 -5.45 23.22
N ASN A 89 34.76 -4.96 23.05
CA ASN A 89 35.87 -5.34 23.90
C ASN A 89 36.00 -4.25 24.96
N ILE A 90 35.90 -4.64 26.25
CA ILE A 90 36.00 -3.74 27.38
C ILE A 90 37.18 -4.19 28.22
N THR A 91 38.18 -3.32 28.44
CA THR A 91 39.33 -3.67 29.27
C THR A 91 38.91 -3.72 30.74
N ASP A 92 39.69 -4.43 31.56
CA ASP A 92 39.39 -4.54 32.99
C ASP A 92 39.59 -3.18 33.66
N GLY A 93 38.55 -2.68 34.31
CA GLY A 93 38.58 -1.40 34.99
C GLY A 93 38.52 -0.20 34.07
N ALA A 94 37.84 -0.33 32.92
CA ALA A 94 37.71 0.77 31.96
C ALA A 94 36.89 1.94 32.52
N PHE A 95 35.77 1.65 33.17
CA PHE A 95 34.90 2.67 33.77
C PHE A 95 35.24 2.91 35.27
N LEU A 96 36.42 2.46 35.73
CA LEU A 96 36.80 2.54 37.15
C LEU A 96 37.14 3.97 37.62
N ASN A 97 37.60 4.84 36.72
CA ASN A 97 37.89 6.24 37.08
C ASN A 97 36.61 7.09 37.19
N LEU A 98 35.47 6.62 36.66
CA LEU A 98 34.21 7.35 36.73
C LEU A 98 33.59 7.13 38.11
N LYS A 99 33.97 7.99 39.06
CA LYS A 99 33.53 7.90 40.45
C LYS A 99 32.05 8.23 40.68
N ASN A 100 31.38 8.88 39.69
CA ASN A 100 29.95 9.22 39.79
C ASN A 100 29.05 8.29 38.93
N LEU A 101 29.61 7.27 38.24
CA LEU A 101 28.83 6.38 37.38
C LEU A 101 27.85 5.52 38.17
N ARG A 102 26.53 5.70 37.93
CA ARG A 102 25.46 4.97 38.61
C ARG A 102 24.72 4.01 37.67
N GLU A 103 24.45 4.41 36.41
CA GLU A 103 23.74 3.55 35.46
C GLU A 103 24.63 3.23 34.27
N LEU A 104 24.79 1.94 33.95
CA LEU A 104 25.64 1.48 32.85
C LEU A 104 24.87 0.43 32.06
N LEU A 105 24.43 0.78 30.85
CA LEU A 105 23.68 -0.14 30.00
C LEU A 105 24.64 -0.73 28.97
N LEU A 106 24.77 -2.06 28.98
CA LEU A 106 25.66 -2.79 28.08
C LEU A 106 24.90 -3.99 27.52
N GLU A 107 23.84 -3.70 26.78
CA GLU A 107 22.99 -4.71 26.14
C GLU A 107 23.43 -4.96 24.70
N ASP A 108 23.23 -6.19 24.19
CA ASP A 108 23.53 -6.55 22.80
C ASP A 108 24.95 -6.13 22.36
N ASN A 109 25.94 -6.53 23.16
CA ASN A 109 27.34 -6.23 22.92
C ASN A 109 28.19 -7.51 22.70
N GLN A 110 27.56 -8.71 22.62
CA GLN A 110 28.25 -9.99 22.44
C GLN A 110 29.30 -10.21 23.53
N LEU A 111 29.06 -9.70 24.76
CA LEU A 111 30.02 -9.84 25.85
C LEU A 111 30.09 -11.29 26.29
N PRO A 112 31.29 -11.92 26.33
CA PRO A 112 31.38 -13.31 26.77
C PRO A 112 31.39 -13.50 28.29
N GLN A 113 31.71 -12.42 29.05
CA GLN A 113 31.80 -12.44 30.51
C GLN A 113 31.27 -11.10 31.07
N ILE A 114 31.04 -11.03 32.40
CA ILE A 114 30.66 -9.79 33.05
C ILE A 114 31.95 -8.94 33.08
N PRO A 115 31.98 -7.69 32.58
CA PRO A 115 33.23 -6.92 32.60
C PRO A 115 33.90 -6.85 33.97
N SER A 116 35.22 -7.10 34.02
CA SER A 116 35.97 -7.06 35.27
C SER A 116 36.24 -5.62 35.68
N GLY A 117 36.36 -5.39 36.98
CA GLY A 117 36.64 -4.08 37.54
C GLY A 117 35.58 -3.03 37.28
N LEU A 118 34.28 -3.38 37.40
CA LEU A 118 33.21 -2.38 37.24
C LEU A 118 33.19 -1.51 38.50
N PRO A 119 32.83 -0.20 38.38
CA PRO A 119 32.88 0.67 39.57
C PRO A 119 31.84 0.36 40.65
N GLU A 120 32.27 0.44 41.92
CA GLU A 120 31.44 0.17 43.09
C GLU A 120 30.23 1.13 43.20
N SER A 121 30.28 2.30 42.55
CA SER A 121 29.19 3.28 42.60
C SER A 121 27.93 2.87 41.79
N LEU A 122 28.00 1.82 40.97
CA LEU A 122 26.85 1.41 40.14
C LEU A 122 25.60 1.06 40.94
N THR A 123 24.45 1.66 40.58
CA THR A 123 23.13 1.38 41.14
C THR A 123 22.29 0.57 40.11
N GLU A 124 22.53 0.73 38.80
CA GLU A 124 21.81 -0.02 37.77
C GLU A 124 22.83 -0.57 36.76
N LEU A 125 22.72 -1.86 36.42
CA LEU A 125 23.58 -2.52 35.46
C LEU A 125 22.74 -3.43 34.58
N SER A 126 22.77 -3.18 33.27
CA SER A 126 22.03 -4.01 32.33
C SER A 126 22.98 -4.71 31.38
N LEU A 127 23.00 -6.04 31.42
CA LEU A 127 23.83 -6.87 30.55
C LEU A 127 22.91 -7.84 29.78
N ILE A 128 21.75 -7.33 29.30
CA ILE A 128 20.78 -8.11 28.52
C ILE A 128 21.33 -8.41 27.12
N GLN A 129 20.96 -9.55 26.52
CA GLN A 129 21.35 -9.89 25.14
C GLN A 129 22.86 -10.00 24.90
N ASN A 130 23.57 -10.70 25.77
CA ASN A 130 25.00 -10.94 25.61
C ASN A 130 25.23 -12.47 25.62
N ASN A 131 26.50 -12.92 25.66
CA ASN A 131 26.85 -14.33 25.72
C ASN A 131 27.43 -14.65 27.10
N ILE A 132 26.84 -14.07 28.18
CA ILE A 132 27.33 -14.25 29.54
C ILE A 132 26.64 -15.47 30.14
N TYR A 133 27.41 -16.56 30.38
CA TYR A 133 26.88 -17.82 30.92
C TYR A 133 27.39 -18.14 32.33
N ASN A 134 28.16 -17.25 32.97
CA ASN A 134 28.66 -17.48 34.32
C ASN A 134 28.52 -16.17 35.10
N ILE A 135 27.74 -16.18 36.19
CA ILE A 135 27.53 -15.02 37.07
C ILE A 135 28.45 -15.27 38.25
N THR A 136 29.58 -14.54 38.31
CA THR A 136 30.63 -14.76 39.31
C THR A 136 30.76 -13.62 40.33
N LYS A 137 31.35 -13.95 41.50
CA LYS A 137 31.60 -12.98 42.57
C LYS A 137 32.64 -11.94 42.13
N GLU A 138 33.64 -12.35 41.35
CA GLU A 138 34.63 -11.42 40.80
C GLU A 138 33.95 -10.35 39.91
N GLY A 139 32.88 -10.74 39.22
CA GLY A 139 32.14 -9.83 38.36
C GLY A 139 31.21 -8.88 39.06
N ILE A 140 30.43 -9.32 40.10
CA ILE A 140 29.43 -8.42 40.73
C ILE A 140 29.45 -8.29 42.28
N SER A 141 30.12 -9.18 43.06
CA SER A 141 30.07 -9.06 44.54
C SER A 141 30.55 -7.72 45.12
N ARG A 142 31.46 -7.00 44.45
CA ARG A 142 31.89 -5.68 44.94
C ARG A 142 30.85 -4.58 44.66
N LEU A 143 29.85 -4.82 43.81
CA LEU A 143 28.85 -3.81 43.45
C LEU A 143 27.70 -3.80 44.47
N ILE A 144 28.07 -3.60 45.74
CA ILE A 144 27.14 -3.58 46.88
C ILE A 144 26.08 -2.46 46.81
N ASN A 145 26.26 -1.45 45.93
CA ASN A 145 25.26 -0.39 45.75
C ASN A 145 24.22 -0.71 44.66
N LEU A 146 24.32 -1.88 43.99
CA LEU A 146 23.35 -2.24 42.93
C LEU A 146 21.93 -2.37 43.45
N LYS A 147 20.99 -1.66 42.80
CA LYS A 147 19.56 -1.69 43.05
C LYS A 147 18.94 -2.52 41.91
N ASN A 148 19.29 -2.22 40.64
CA ASN A 148 18.74 -2.93 39.48
C ASN A 148 19.81 -3.70 38.72
N LEU A 149 19.61 -5.00 38.54
CA LEU A 149 20.56 -5.85 37.81
C LEU A 149 19.81 -6.68 36.77
N TYR A 150 20.06 -6.41 35.48
CA TYR A 150 19.42 -7.16 34.41
C TYR A 150 20.46 -8.03 33.70
N LEU A 151 20.25 -9.35 33.71
CA LEU A 151 21.11 -10.33 33.04
C LEU A 151 20.26 -11.23 32.12
N ALA A 152 19.07 -10.77 31.68
CA ALA A 152 18.16 -11.55 30.86
C ALA A 152 18.62 -11.74 29.40
N TRP A 153 18.09 -12.78 28.73
CA TRP A 153 18.33 -13.08 27.32
C TRP A 153 19.80 -13.30 26.94
N ASN A 154 20.51 -14.11 27.72
CA ASN A 154 21.89 -14.47 27.40
C ASN A 154 21.91 -15.89 26.78
N CYS A 155 21.00 -16.80 27.19
CA CYS A 155 20.93 -18.15 26.61
C CYS A 155 19.46 -18.58 26.47
N TYR A 156 18.94 -18.65 25.24
CA TYR A 156 17.53 -18.93 25.00
C TYR A 156 17.25 -19.45 23.59
N PHE A 157 16.04 -20.00 23.37
CA PHE A 157 15.56 -20.45 22.05
C PHE A 157 16.59 -21.40 21.37
N ASN A 158 16.76 -21.38 20.02
CA ASN A 158 17.74 -22.21 19.34
C ASN A 158 19.11 -21.51 19.24
N LYS A 159 19.42 -20.57 20.18
CA LYS A 159 20.72 -19.93 20.21
C LYS A 159 21.71 -20.96 20.74
N VAL A 160 22.87 -21.08 20.11
CA VAL A 160 23.90 -22.02 20.59
C VAL A 160 24.51 -21.34 21.81
N CYS A 161 24.30 -21.91 23.00
CA CYS A 161 24.79 -21.29 24.23
C CYS A 161 24.92 -22.30 25.36
N GLU A 162 25.81 -22.00 26.33
CA GLU A 162 26.05 -22.86 27.48
C GLU A 162 24.98 -22.63 28.56
N LYS A 163 24.84 -23.60 29.48
CA LYS A 163 23.91 -23.50 30.60
C LYS A 163 24.39 -22.42 31.57
N THR A 164 23.48 -21.64 32.18
CA THR A 164 23.89 -20.54 33.08
C THR A 164 24.32 -20.99 34.47
N ASN A 165 25.60 -20.85 34.78
CA ASN A 165 26.14 -21.18 36.09
C ASN A 165 26.09 -19.92 36.94
N ILE A 166 25.44 -19.98 38.12
CA ILE A 166 25.37 -18.87 39.05
C ILE A 166 26.23 -19.30 40.24
N GLU A 167 27.32 -18.56 40.53
CA GLU A 167 28.18 -18.90 41.65
C GLU A 167 27.40 -18.79 42.97
N ASP A 168 27.59 -19.75 43.89
CA ASP A 168 26.88 -19.80 45.15
C ASP A 168 27.04 -18.51 45.96
N GLY A 169 25.92 -17.89 46.35
CA GLY A 169 25.92 -16.65 47.11
C GLY A 169 26.44 -15.43 46.38
N VAL A 170 26.34 -15.41 45.03
CA VAL A 170 26.84 -14.27 44.24
C VAL A 170 26.03 -12.99 44.49
N PHE A 171 24.70 -13.11 44.65
CA PHE A 171 23.84 -11.96 44.91
C PHE A 171 23.71 -11.63 46.43
N GLU A 172 24.24 -12.48 47.32
CA GLU A 172 24.12 -12.34 48.77
C GLU A 172 24.64 -11.00 49.30
N THR A 173 25.81 -10.54 48.81
CA THR A 173 26.39 -9.26 49.21
C THR A 173 25.65 -8.04 48.66
N LEU A 174 24.74 -8.20 47.69
CA LEU A 174 24.01 -7.08 47.11
C LEU A 174 22.81 -6.76 48.02
N THR A 175 23.10 -6.20 49.20
CA THR A 175 22.12 -5.88 50.24
C THR A 175 21.12 -4.79 49.86
N ASN A 176 21.36 -4.01 48.79
CA ASN A 176 20.44 -2.98 48.30
C ASN A 176 19.73 -3.38 47.00
N LEU A 177 19.89 -4.64 46.52
CA LEU A 177 19.29 -5.10 45.28
C LEU A 177 17.76 -5.20 45.38
N GLU A 178 17.07 -4.41 44.55
CA GLU A 178 15.61 -4.33 44.46
C GLU A 178 15.08 -5.07 43.24
N LEU A 179 15.78 -5.03 42.11
CA LEU A 179 15.34 -5.72 40.90
C LEU A 179 16.44 -6.65 40.40
N LEU A 180 16.09 -7.92 40.15
CA LEU A 180 17.00 -8.91 39.59
C LEU A 180 16.24 -9.61 38.47
N SER A 181 16.75 -9.51 37.24
CA SER A 181 16.13 -10.17 36.11
C SER A 181 17.12 -11.17 35.51
N LEU A 182 16.74 -12.45 35.52
CA LEU A 182 17.54 -13.53 34.95
C LEU A 182 16.72 -14.31 33.90
N SER A 183 15.64 -13.71 33.35
CA SER A 183 14.77 -14.35 32.38
C SER A 183 15.50 -14.77 31.10
N PHE A 184 14.97 -15.75 30.37
CA PHE A 184 15.53 -16.21 29.11
C PHE A 184 17.01 -16.59 29.24
N ASN A 185 17.27 -17.46 30.23
CA ASN A 185 18.57 -18.06 30.57
C ASN A 185 18.28 -19.48 31.06
N SER A 186 19.18 -20.44 30.83
CA SER A 186 18.97 -21.80 31.32
C SER A 186 19.45 -21.90 32.77
N LEU A 187 18.53 -21.79 33.75
CA LEU A 187 18.87 -21.86 35.18
C LEU A 187 18.59 -23.22 35.81
N SER A 188 17.43 -23.84 35.49
CA SER A 188 16.98 -25.13 36.06
C SER A 188 16.45 -25.03 37.50
N HIS A 189 17.06 -24.18 38.33
CA HIS A 189 16.68 -23.99 39.74
C HIS A 189 16.65 -22.49 40.07
N VAL A 190 15.89 -22.12 41.11
CA VAL A 190 15.87 -20.74 41.57
C VAL A 190 17.22 -20.52 42.27
N PRO A 191 18.01 -19.50 41.92
CA PRO A 191 19.31 -19.33 42.59
C PRO A 191 19.18 -19.17 44.12
N PRO A 192 19.91 -19.96 44.93
CA PRO A 192 19.83 -19.79 46.38
C PRO A 192 20.55 -18.53 46.87
N LYS A 193 20.33 -18.17 48.15
CA LYS A 193 20.97 -17.03 48.80
C LYS A 193 20.71 -15.70 48.08
N LEU A 194 19.42 -15.35 47.92
CA LEU A 194 19.02 -14.09 47.30
C LEU A 194 18.84 -13.03 48.40
N PRO A 195 19.19 -11.75 48.15
CA PRO A 195 19.03 -10.74 49.21
C PRO A 195 17.57 -10.43 49.52
N SER A 196 17.25 -10.28 50.82
CA SER A 196 15.89 -9.99 51.28
C SER A 196 15.36 -8.61 50.87
N SER A 197 16.24 -7.72 50.39
CA SER A 197 15.84 -6.40 49.89
C SER A 197 15.07 -6.48 48.54
N LEU A 198 15.15 -7.62 47.82
CA LEU A 198 14.50 -7.78 46.52
C LEU A 198 13.02 -7.45 46.52
N ARG A 199 12.61 -6.67 45.51
CA ARG A 199 11.23 -6.24 45.28
C ARG A 199 10.69 -6.91 44.02
N LYS A 200 11.53 -7.07 42.97
CA LYS A 200 11.12 -7.65 41.69
C LYS A 200 12.12 -8.71 41.26
N LEU A 201 11.63 -9.92 41.01
CA LEU A 201 12.47 -11.04 40.62
C LEU A 201 11.88 -11.63 39.34
N PHE A 202 12.62 -11.52 38.22
CA PHE A 202 12.16 -12.06 36.94
C PHE A 202 12.92 -13.33 36.61
N LEU A 203 12.18 -14.46 36.50
CA LEU A 203 12.73 -15.79 36.20
C LEU A 203 11.89 -16.45 35.10
N SER A 204 11.49 -15.68 34.10
CA SER A 204 10.69 -16.19 32.99
C SER A 204 11.56 -16.98 32.03
N ASN A 205 11.05 -18.10 31.47
CA ASN A 205 11.80 -18.91 30.51
C ASN A 205 13.20 -19.28 31.00
N THR A 206 13.26 -19.83 32.21
CA THR A 206 14.53 -20.24 32.84
C THR A 206 14.67 -21.75 33.03
N GLN A 207 13.71 -22.56 32.54
CA GLN A 207 13.71 -24.01 32.67
C GLN A 207 13.63 -24.47 34.13
N ILE A 208 12.95 -23.69 34.97
CA ILE A 208 12.75 -24.05 36.37
C ILE A 208 11.45 -24.83 36.41
N LYS A 209 11.54 -26.17 36.51
CA LYS A 209 10.36 -27.03 36.53
C LYS A 209 9.72 -27.18 37.92
N TYR A 210 10.48 -26.96 39.02
CA TYR A 210 9.97 -27.14 40.37
C TYR A 210 10.33 -25.96 41.29
N ILE A 211 9.34 -25.47 42.05
CA ILE A 211 9.51 -24.40 43.04
C ILE A 211 9.25 -25.00 44.41
N SER A 212 10.28 -25.07 45.26
CA SER A 212 10.19 -25.60 46.61
C SER A 212 9.85 -24.48 47.63
N GLU A 213 9.64 -24.86 48.90
CA GLU A 213 9.33 -23.93 49.99
C GLU A 213 10.53 -23.01 50.31
N GLU A 214 11.77 -23.45 50.03
CA GLU A 214 12.99 -22.68 50.33
C GLU A 214 13.37 -21.61 49.29
N ASP A 215 12.94 -21.76 48.03
CA ASP A 215 13.36 -20.87 46.93
C ASP A 215 13.09 -19.37 47.16
N PHE A 216 11.91 -19.02 47.69
CA PHE A 216 11.54 -17.63 47.94
C PHE A 216 11.36 -17.38 49.44
N LYS A 217 12.27 -17.95 50.24
CA LYS A 217 12.24 -17.83 51.69
C LYS A 217 12.86 -16.49 52.09
N GLY A 218 12.18 -15.79 52.99
CA GLY A 218 12.63 -14.50 53.51
C GLY A 218 12.47 -13.31 52.59
N LEU A 219 11.92 -13.50 51.39
CA LEU A 219 11.72 -12.41 50.45
C LEU A 219 10.42 -11.68 50.82
N ILE A 220 10.38 -11.13 52.05
CA ILE A 220 9.21 -10.42 52.58
C ILE A 220 8.95 -9.07 51.92
N ASN A 221 9.92 -8.52 51.17
CA ASN A 221 9.70 -7.25 50.45
C ASN A 221 9.32 -7.46 48.97
N LEU A 222 9.24 -8.73 48.49
CA LEU A 222 8.95 -9.01 47.09
C LEU A 222 7.53 -8.59 46.69
N THR A 223 7.43 -7.64 45.75
CA THR A 223 6.18 -7.15 45.19
C THR A 223 5.92 -7.78 43.81
N LEU A 224 6.94 -8.30 43.10
CA LEU A 224 6.73 -8.92 41.80
C LEU A 224 7.53 -10.22 41.67
N LEU A 225 6.89 -11.25 41.10
CA LEU A 225 7.53 -12.52 40.82
C LEU A 225 7.06 -12.97 39.45
N ASP A 226 7.99 -13.20 38.53
CA ASP A 226 7.66 -13.67 37.20
C ASP A 226 8.27 -15.05 37.01
N LEU A 227 7.40 -16.07 36.90
CA LEU A 227 7.80 -17.46 36.66
C LEU A 227 7.21 -18.00 35.35
N SER A 228 6.84 -17.10 34.41
CA SER A 228 6.23 -17.49 33.15
C SER A 228 7.19 -18.28 32.25
N GLY A 229 6.65 -19.07 31.33
CA GLY A 229 7.46 -19.82 30.38
C GLY A 229 8.27 -20.97 30.94
N ASN A 230 7.97 -21.42 32.16
CA ASN A 230 8.66 -22.54 32.79
C ASN A 230 7.67 -23.69 32.71
N CYS A 231 8.01 -24.71 31.91
CA CYS A 231 7.12 -25.79 31.49
C CYS A 231 6.07 -25.14 30.60
N PRO A 232 6.49 -24.65 29.41
CA PRO A 232 5.55 -23.91 28.57
C PRO A 232 4.52 -24.72 27.80
N ARG A 233 3.43 -24.04 27.43
CA ARG A 233 2.39 -24.59 26.58
C ARG A 233 2.91 -24.27 25.17
N CYS A 234 3.37 -25.27 24.42
CA CYS A 234 4.05 -25.08 23.15
C CYS A 234 3.22 -25.25 21.90
N PHE A 235 1.94 -25.67 21.97
CA PHE A 235 1.15 -25.82 20.76
C PHE A 235 0.95 -24.43 20.09
N ASN A 236 1.26 -24.34 18.79
CA ASN A 236 1.13 -23.12 17.99
C ASN A 236 1.96 -21.93 18.52
N ALA A 237 3.13 -22.22 19.11
CA ALA A 237 4.02 -21.19 19.64
C ALA A 237 4.64 -20.36 18.52
N PRO A 238 4.57 -19.01 18.58
CA PRO A 238 5.28 -18.19 17.57
C PRO A 238 6.79 -18.03 17.85
N PHE A 239 7.40 -18.97 18.60
CA PHE A 239 8.83 -18.91 18.96
C PHE A 239 9.34 -20.34 19.30
N PRO A 240 10.67 -20.64 19.23
CA PRO A 240 11.13 -22.00 19.61
C PRO A 240 10.68 -22.34 21.03
N CYS A 241 9.98 -23.47 21.20
CA CYS A 241 9.36 -23.82 22.45
C CYS A 241 9.67 -25.29 22.82
N VAL A 242 10.19 -25.52 24.04
CA VAL A 242 10.51 -26.86 24.53
C VAL A 242 9.65 -27.11 25.76
N PRO A 243 8.64 -28.00 25.68
CA PRO A 243 7.83 -28.28 26.86
C PRO A 243 8.53 -29.19 27.87
N CYS A 244 8.05 -29.20 29.11
CA CYS A 244 8.56 -30.11 30.14
C CYS A 244 8.14 -31.55 29.73
N ASP A 245 8.84 -32.57 30.25
CA ASP A 245 8.59 -33.97 29.89
C ASP A 245 7.09 -34.35 29.92
N GLY A 246 6.52 -34.59 28.74
CA GLY A 246 5.12 -34.93 28.58
C GLY A 246 4.16 -33.77 28.74
N GLY A 247 4.57 -32.57 28.30
CA GLY A 247 3.78 -31.35 28.43
C GLY A 247 3.31 -31.07 29.85
N ALA A 248 4.11 -31.50 30.85
CA ALA A 248 3.77 -31.38 32.26
C ALA A 248 3.74 -29.92 32.76
N SER A 249 3.00 -29.71 33.84
CA SER A 249 2.84 -28.43 34.51
C SER A 249 4.09 -28.07 35.31
N ILE A 250 4.24 -26.78 35.66
CA ILE A 250 5.26 -26.34 36.62
C ILE A 250 4.81 -26.92 37.99
N ASN A 251 5.74 -27.39 38.78
CA ASN A 251 5.42 -27.98 40.07
C ASN A 251 5.72 -26.95 41.16
N ILE A 252 4.68 -26.28 41.67
CA ILE A 252 4.86 -25.27 42.71
C ILE A 252 4.34 -25.83 44.03
N ASP A 253 5.23 -25.95 45.03
CA ASP A 253 4.87 -26.45 46.34
C ASP A 253 3.79 -25.59 47.00
N ARG A 254 2.93 -26.21 47.82
CA ARG A 254 1.84 -25.51 48.53
C ARG A 254 2.34 -24.29 49.31
N PHE A 255 3.55 -24.37 49.93
CA PHE A 255 4.12 -23.29 50.73
C PHE A 255 5.21 -22.46 50.00
N ALA A 256 5.31 -22.57 48.67
CA ALA A 256 6.30 -21.82 47.91
C ALA A 256 6.21 -20.31 48.07
N PHE A 257 5.00 -19.74 48.24
CA PHE A 257 4.82 -18.30 48.36
C PHE A 257 4.39 -17.87 49.77
N GLN A 258 4.78 -18.63 50.81
CA GLN A 258 4.31 -18.37 52.17
C GLN A 258 4.88 -17.07 52.80
N ASN A 259 6.10 -16.64 52.45
CA ASN A 259 6.65 -15.37 52.96
C ASN A 259 6.43 -14.21 51.96
N LEU A 260 5.73 -14.43 50.83
CA LEU A 260 5.53 -13.35 49.86
C LEU A 260 4.28 -12.54 50.19
N THR A 261 4.30 -11.92 51.38
CA THR A 261 3.17 -11.16 51.91
C THR A 261 2.92 -9.85 51.18
N GLN A 262 3.96 -9.26 50.58
CA GLN A 262 3.82 -8.01 49.84
C GLN A 262 3.65 -8.20 48.33
N LEU A 263 3.40 -9.45 47.85
CA LEU A 263 3.30 -9.68 46.41
C LEU A 263 2.08 -8.98 45.80
N ARG A 264 2.33 -8.16 44.76
CA ARG A 264 1.32 -7.42 44.01
C ARG A 264 1.21 -7.96 42.57
N TYR A 265 2.31 -8.51 42.00
CA TYR A 265 2.36 -8.99 40.63
C TYR A 265 2.85 -10.43 40.58
N LEU A 266 2.09 -11.34 39.94
CA LEU A 266 2.49 -12.73 39.81
C LEU A 266 2.22 -13.16 38.38
N ASN A 267 3.27 -13.59 37.67
CA ASN A 267 3.13 -14.01 36.29
C ASN A 267 3.42 -15.50 36.18
N LEU A 268 2.38 -16.27 35.89
CA LEU A 268 2.47 -17.71 35.69
C LEU A 268 1.96 -18.08 34.30
N SER A 269 2.15 -17.19 33.29
CA SER A 269 1.74 -17.48 31.94
C SER A 269 2.62 -18.56 31.35
N SER A 270 2.03 -19.45 30.58
CA SER A 270 2.74 -20.51 29.91
C SER A 270 3.59 -21.37 30.85
N THR A 271 2.95 -21.83 31.92
CA THR A 271 3.53 -22.77 32.88
C THR A 271 2.77 -24.14 32.84
N SER A 272 1.91 -24.35 31.79
CA SER A 272 1.14 -25.56 31.56
C SER A 272 0.31 -25.97 32.78
N LEU A 273 -0.20 -24.98 33.52
CA LEU A 273 -1.00 -25.26 34.71
C LEU A 273 -2.38 -25.80 34.38
N ARG A 274 -2.78 -26.87 35.08
CA ARG A 274 -4.10 -27.48 35.03
C ARG A 274 -4.89 -27.12 36.31
N LYS A 275 -4.18 -26.97 37.44
CA LYS A 275 -4.75 -26.64 38.75
C LYS A 275 -4.05 -25.43 39.34
N ILE A 276 -4.81 -24.60 40.07
CA ILE A 276 -4.29 -23.46 40.80
C ILE A 276 -4.55 -23.81 42.25
N ASN A 277 -3.48 -23.94 43.05
CA ASN A 277 -3.63 -24.24 44.46
C ASN A 277 -4.05 -22.95 45.15
N ALA A 278 -5.25 -22.93 45.74
CA ALA A 278 -5.77 -21.75 46.44
C ALA A 278 -4.89 -21.36 47.64
N ALA A 279 -4.23 -22.35 48.28
CA ALA A 279 -3.33 -22.09 49.41
C ALA A 279 -2.12 -21.22 49.02
N TRP A 280 -1.78 -21.12 47.73
CA TRP A 280 -0.70 -20.26 47.26
C TRP A 280 -0.94 -18.78 47.63
N PHE A 281 -2.20 -18.35 47.72
CA PHE A 281 -2.55 -16.96 48.00
C PHE A 281 -3.05 -16.70 49.42
N LYS A 282 -2.94 -17.67 50.35
CA LYS A 282 -3.45 -17.48 51.71
C LYS A 282 -2.71 -16.39 52.50
N ASN A 283 -1.40 -16.19 52.26
CA ASN A 283 -0.61 -15.15 52.92
C ASN A 283 -0.28 -14.01 51.95
N MET A 284 -1.08 -13.81 50.88
CA MET A 284 -0.82 -12.82 49.83
C MET A 284 -2.04 -11.92 49.67
N PRO A 285 -2.31 -11.07 50.67
CA PRO A 285 -3.53 -10.24 50.62
C PRO A 285 -3.54 -9.06 49.64
N HIS A 286 -2.39 -8.66 49.09
CA HIS A 286 -2.33 -7.51 48.20
C HIS A 286 -2.17 -7.87 46.74
N LEU A 287 -2.31 -9.17 46.33
CA LEU A 287 -2.13 -9.52 44.92
C LEU A 287 -3.08 -8.70 44.02
N LYS A 288 -2.49 -7.92 43.11
CA LYS A 288 -3.18 -6.98 42.23
C LYS A 288 -3.26 -7.47 40.78
N VAL A 289 -2.18 -8.06 40.25
CA VAL A 289 -2.13 -8.50 38.85
C VAL A 289 -1.72 -9.95 38.79
N LEU A 290 -2.52 -10.77 38.11
CA LEU A 290 -2.26 -12.20 37.96
C LEU A 290 -2.38 -12.60 36.50
N ASP A 291 -1.26 -13.00 35.89
CA ASP A 291 -1.25 -13.45 34.52
C ASP A 291 -1.21 -14.97 34.51
N LEU A 292 -2.23 -15.59 33.91
CA LEU A 292 -2.35 -17.03 33.77
C LEU A 292 -2.69 -17.40 32.32
N GLU A 293 -2.07 -16.68 31.37
CA GLU A 293 -2.28 -16.88 29.95
C GLU A 293 -1.55 -18.14 29.50
N PHE A 294 -1.99 -18.75 28.40
CA PHE A 294 -1.33 -19.92 27.82
C PHE A 294 -1.11 -21.07 28.81
N ASN A 295 -2.15 -21.41 29.55
CA ASN A 295 -2.15 -22.55 30.47
C ASN A 295 -3.32 -23.51 30.03
N TYR A 296 -3.72 -24.49 30.85
CA TYR A 296 -4.82 -25.41 30.54
C TYR A 296 -5.85 -25.28 31.66
N LEU A 297 -6.38 -24.06 31.85
CA LEU A 297 -7.25 -23.73 32.96
C LEU A 297 -8.75 -23.59 32.65
N VAL A 298 -9.29 -24.20 31.57
CA VAL A 298 -10.75 -24.14 31.32
C VAL A 298 -11.53 -24.74 32.54
N GLY A 299 -11.02 -25.83 33.11
CA GLY A 299 -11.62 -26.47 34.29
C GLY A 299 -11.58 -25.57 35.51
N GLU A 300 -10.43 -24.93 35.78
CA GLU A 300 -10.29 -23.99 36.90
C GLU A 300 -11.15 -22.75 36.70
N ILE A 301 -11.37 -22.30 35.46
CA ILE A 301 -12.23 -21.14 35.22
C ILE A 301 -13.69 -21.49 35.63
N ALA A 302 -14.12 -22.75 35.41
CA ALA A 302 -15.45 -23.24 35.76
C ALA A 302 -15.67 -23.51 37.25
N SER A 303 -14.67 -24.06 37.97
CA SER A 303 -14.82 -24.40 39.40
C SER A 303 -14.22 -23.28 40.28
N GLY A 304 -12.97 -22.93 40.02
CA GLY A 304 -12.22 -21.84 40.62
C GLY A 304 -12.26 -21.58 42.11
N ALA A 305 -11.69 -22.49 42.90
CA ALA A 305 -11.59 -22.26 44.36
C ALA A 305 -10.58 -21.13 44.66
N PHE A 306 -9.54 -20.96 43.80
CA PHE A 306 -8.53 -19.90 43.97
C PHE A 306 -9.10 -18.48 43.84
N LEU A 307 -10.25 -18.32 43.18
CA LEU A 307 -10.87 -17.01 43.01
C LEU A 307 -11.38 -16.42 44.32
N THR A 308 -11.68 -17.26 45.33
CA THR A 308 -12.12 -16.78 46.64
C THR A 308 -10.96 -16.19 47.46
N MET A 309 -9.70 -16.46 47.07
CA MET A 309 -8.50 -15.96 47.76
C MET A 309 -7.93 -14.69 47.17
N LEU A 310 -8.58 -14.07 46.18
CA LEU A 310 -8.04 -12.92 45.47
C LEU A 310 -8.91 -11.65 45.58
N PRO A 311 -9.14 -11.17 46.81
CA PRO A 311 -9.99 -9.98 47.00
C PRO A 311 -9.47 -8.64 46.48
N ARG A 312 -8.14 -8.46 46.41
CA ARG A 312 -7.52 -7.21 45.92
C ARG A 312 -7.20 -7.21 44.43
N LEU A 313 -7.44 -8.32 43.74
CA LEU A 313 -7.02 -8.44 42.35
C LEU A 313 -7.76 -7.47 41.45
N GLU A 314 -6.99 -6.69 40.67
CA GLU A 314 -7.49 -5.68 39.74
C GLU A 314 -7.40 -6.18 38.29
N ILE A 315 -6.32 -6.89 37.93
CA ILE A 315 -6.16 -7.40 36.57
C ILE A 315 -5.99 -8.92 36.62
N LEU A 316 -6.80 -9.65 35.84
CA LEU A 316 -6.72 -11.09 35.72
C LEU A 316 -6.67 -11.42 34.25
N ASP A 317 -5.62 -12.11 33.81
CA ASP A 317 -5.49 -12.50 32.42
C ASP A 317 -5.51 -14.01 32.34
N LEU A 318 -6.56 -14.56 31.72
CA LEU A 318 -6.75 -16.00 31.53
C LEU A 318 -6.85 -16.30 30.04
N SER A 319 -6.12 -15.54 29.20
CA SER A 319 -6.16 -15.68 27.77
C SER A 319 -5.45 -16.91 27.28
N PHE A 320 -5.91 -17.41 26.13
CA PHE A 320 -5.37 -18.57 25.44
C PHE A 320 -5.21 -19.79 26.36
N ASN A 321 -6.30 -20.13 27.04
CA ASN A 321 -6.38 -21.34 27.85
C ASN A 321 -7.28 -22.38 27.13
N TYR A 322 -7.60 -22.19 25.81
CA TYR A 322 -8.44 -23.10 25.05
C TYR A 322 -7.97 -24.53 25.06
N ILE A 323 -8.91 -25.46 24.94
CA ILE A 323 -8.61 -26.87 24.84
C ILE A 323 -8.42 -27.12 23.34
N LYS A 324 -7.29 -27.70 22.93
CA LYS A 324 -7.03 -28.00 21.53
C LYS A 324 -8.06 -29.00 21.01
N GLY A 325 -8.71 -28.67 19.90
CA GLY A 325 -9.70 -29.55 19.32
C GLY A 325 -11.12 -29.41 19.84
N SER A 326 -11.36 -28.54 20.83
CA SER A 326 -12.69 -28.36 21.41
C SER A 326 -13.21 -26.93 21.17
N TYR A 327 -14.37 -26.81 20.50
CA TYR A 327 -15.03 -25.54 20.20
C TYR A 327 -16.39 -25.60 20.89
N PRO A 328 -16.44 -25.43 22.23
CA PRO A 328 -17.72 -25.58 22.93
C PRO A 328 -18.74 -24.51 22.59
N GLN A 329 -19.99 -24.79 22.95
CA GLN A 329 -21.09 -23.86 22.67
C GLN A 329 -21.03 -22.66 23.61
N HIS A 330 -20.66 -22.86 24.88
CA HIS A 330 -20.66 -21.79 25.87
C HIS A 330 -19.37 -21.68 26.70
N ILE A 331 -19.22 -20.52 27.39
CA ILE A 331 -18.13 -20.23 28.31
C ILE A 331 -18.63 -20.58 29.73
N ASN A 332 -17.86 -21.39 30.48
CA ASN A 332 -18.25 -21.79 31.84
C ASN A 332 -17.42 -20.99 32.85
N ILE A 333 -18.03 -19.95 33.41
CA ILE A 333 -17.47 -19.02 34.39
C ILE A 333 -18.01 -19.37 35.77
N SER A 334 -17.12 -19.65 36.72
CA SER A 334 -17.51 -19.99 38.09
C SER A 334 -18.23 -18.85 38.77
N ARG A 335 -19.15 -19.19 39.69
CA ARG A 335 -19.80 -18.19 40.54
C ARG A 335 -18.79 -17.48 41.45
N ASN A 336 -17.61 -18.11 41.70
CA ASN A 336 -16.56 -17.52 42.55
C ASN A 336 -15.91 -16.28 41.90
N PHE A 337 -16.19 -15.97 40.61
CA PHE A 337 -15.73 -14.72 40.00
C PHE A 337 -16.39 -13.50 40.71
N SER A 338 -17.57 -13.70 41.37
CA SER A 338 -18.24 -12.66 42.16
C SER A 338 -17.44 -12.23 43.40
N LYS A 339 -16.46 -13.05 43.83
CA LYS A 339 -15.60 -12.72 44.96
C LYS A 339 -14.43 -11.80 44.53
N LEU A 340 -14.24 -11.51 43.23
CA LEU A 340 -13.17 -10.63 42.77
C LEU A 340 -13.68 -9.18 42.81
N LEU A 341 -13.92 -8.66 44.02
CA LEU A 341 -14.48 -7.32 44.23
C LEU A 341 -13.64 -6.14 43.72
N SER A 342 -12.30 -6.24 43.74
CA SER A 342 -11.45 -5.15 43.23
C SER A 342 -11.19 -5.28 41.71
N LEU A 343 -11.73 -6.29 41.02
CA LEU A 343 -11.46 -6.49 39.60
C LEU A 343 -11.83 -5.29 38.72
N ARG A 344 -10.88 -4.81 37.92
CA ARG A 344 -11.03 -3.68 37.00
C ARG A 344 -11.04 -4.18 35.55
N ALA A 345 -10.19 -5.16 35.23
CA ALA A 345 -10.03 -5.70 33.88
C ALA A 345 -9.94 -7.20 33.92
N LEU A 346 -10.63 -7.85 32.97
CA LEU A 346 -10.65 -9.30 32.84
C LEU A 346 -10.33 -9.64 31.41
N HIS A 347 -9.27 -10.43 31.17
CA HIS A 347 -8.89 -10.81 29.83
C HIS A 347 -9.16 -12.30 29.62
N LEU A 348 -10.11 -12.60 28.74
CA LEU A 348 -10.54 -13.95 28.40
C LEU A 348 -10.49 -14.14 26.90
N ARG A 349 -9.35 -13.79 26.31
CA ARG A 349 -9.13 -14.04 24.89
C ARG A 349 -8.81 -15.53 24.72
N GLY A 350 -8.97 -16.07 23.53
CA GLY A 350 -8.57 -17.45 23.25
C GLY A 350 -9.11 -18.54 24.16
N TYR A 351 -10.28 -18.33 24.79
CA TYR A 351 -10.97 -19.39 25.56
C TYR A 351 -11.59 -20.32 24.51
N VAL A 352 -12.28 -19.73 23.49
CA VAL A 352 -12.86 -20.37 22.32
C VAL A 352 -14.24 -20.98 22.65
N PHE A 353 -15.31 -20.29 22.23
CA PHE A 353 -16.69 -20.73 22.43
C PHE A 353 -17.63 -20.04 21.41
N GLN A 354 -18.75 -20.68 21.09
CA GLN A 354 -19.65 -20.21 20.03
C GLN A 354 -20.61 -19.10 20.38
N GLU A 355 -21.19 -19.12 21.57
CA GLU A 355 -22.22 -18.15 21.93
C GLU A 355 -22.09 -17.68 23.35
N LEU A 356 -22.37 -16.38 23.59
CA LEU A 356 -22.32 -15.78 24.91
C LEU A 356 -23.75 -15.46 25.32
N ARG A 357 -24.27 -16.18 26.32
CA ARG A 357 -25.63 -15.97 26.83
C ARG A 357 -25.60 -15.00 28.02
N GLU A 358 -26.77 -14.45 28.39
CA GLU A 358 -26.90 -13.51 29.49
C GLU A 358 -26.57 -14.11 30.86
N ASP A 359 -26.98 -15.36 31.11
CA ASP A 359 -26.72 -16.01 32.40
C ASP A 359 -25.25 -16.42 32.58
N ASP A 360 -24.47 -16.56 31.48
CA ASP A 360 -23.08 -16.97 31.56
C ASP A 360 -22.16 -15.99 32.28
N PHE A 361 -22.50 -14.68 32.26
CA PHE A 361 -21.68 -13.64 32.89
C PHE A 361 -22.32 -13.02 34.14
N GLN A 362 -23.31 -13.71 34.76
CA GLN A 362 -23.92 -13.24 36.01
C GLN A 362 -22.89 -13.04 37.14
N PRO A 363 -21.89 -13.94 37.32
CA PRO A 363 -20.90 -13.73 38.39
C PRO A 363 -20.09 -12.43 38.33
N LEU A 364 -20.02 -11.75 37.17
CA LEU A 364 -19.28 -10.50 37.03
C LEU A 364 -20.17 -9.24 37.12
N MET A 365 -21.50 -9.38 37.08
CA MET A 365 -22.39 -8.23 37.02
C MET A 365 -22.46 -7.33 38.26
N GLN A 366 -22.09 -7.82 39.46
CA GLN A 366 -22.11 -6.98 40.67
C GLN A 366 -20.72 -6.45 41.07
N LEU A 367 -19.66 -6.69 40.27
CA LEU A 367 -18.32 -6.20 40.61
C LEU A 367 -18.32 -4.68 40.36
N PRO A 368 -18.04 -3.84 41.37
CA PRO A 368 -18.19 -2.39 41.19
C PRO A 368 -17.20 -1.68 40.29
N ASN A 369 -15.97 -2.18 40.17
CA ASN A 369 -14.94 -1.49 39.39
C ASN A 369 -14.55 -2.21 38.10
N LEU A 370 -15.29 -3.25 37.68
CA LEU A 370 -14.99 -3.95 36.44
C LEU A 370 -15.34 -3.06 35.25
N SER A 371 -14.34 -2.36 34.71
CA SER A 371 -14.49 -1.43 33.59
C SER A 371 -14.12 -2.09 32.25
N THR A 372 -13.23 -3.11 32.23
CA THR A 372 -12.82 -3.76 30.99
C THR A 372 -13.11 -5.27 30.94
N ILE A 373 -13.74 -5.72 29.84
CA ILE A 373 -13.98 -7.12 29.57
C ILE A 373 -13.39 -7.35 28.17
N ASN A 374 -12.38 -8.21 28.05
CA ASN A 374 -11.72 -8.48 26.79
C ASN A 374 -11.99 -9.92 26.36
N LEU A 375 -12.85 -10.09 25.32
CA LEU A 375 -13.23 -11.38 24.77
C LEU A 375 -12.83 -11.52 23.31
N GLY A 376 -11.69 -10.93 22.93
CA GLY A 376 -11.20 -11.05 21.56
C GLY A 376 -10.72 -12.45 21.25
N ILE A 377 -10.70 -12.82 19.97
CA ILE A 377 -10.17 -14.11 19.49
C ILE A 377 -10.79 -15.33 20.21
N ASN A 378 -12.11 -15.40 20.28
CA ASN A 378 -12.82 -16.55 20.87
C ASN A 378 -13.70 -17.30 19.85
N PHE A 379 -13.75 -16.83 18.59
CA PHE A 379 -14.58 -17.37 17.54
C PHE A 379 -16.06 -17.36 17.94
N ILE A 380 -16.49 -16.29 18.63
CA ILE A 380 -17.88 -16.15 19.06
C ILE A 380 -18.71 -15.79 17.84
N LYS A 381 -19.86 -16.46 17.67
CA LYS A 381 -20.79 -16.23 16.55
C LYS A 381 -22.00 -15.41 16.98
N GLN A 382 -22.49 -15.62 18.22
CA GLN A 382 -23.69 -14.95 18.72
C GLN A 382 -23.49 -14.40 20.13
N ILE A 383 -24.08 -13.22 20.40
CA ILE A 383 -24.01 -12.57 21.72
C ILE A 383 -25.37 -12.01 22.06
N ASP A 384 -25.84 -12.20 23.31
CA ASP A 384 -27.05 -11.57 23.81
C ASP A 384 -26.54 -10.23 24.34
N PHE A 385 -26.48 -9.18 23.49
CA PHE A 385 -25.95 -7.88 23.92
C PHE A 385 -26.64 -7.26 25.14
N LYS A 386 -27.86 -7.69 25.49
CA LYS A 386 -28.53 -7.17 26.69
C LYS A 386 -27.78 -7.49 27.98
N LEU A 387 -26.92 -8.52 27.98
CA LEU A 387 -26.16 -8.89 29.18
C LEU A 387 -25.22 -7.79 29.67
N PHE A 388 -24.65 -6.96 28.76
CA PHE A 388 -23.74 -5.89 29.18
C PHE A 388 -24.42 -4.76 29.94
N GLN A 389 -25.74 -4.61 29.80
CA GLN A 389 -26.52 -3.57 30.50
C GLN A 389 -26.52 -3.81 32.01
N ASN A 390 -26.61 -5.09 32.43
CA ASN A 390 -26.69 -5.43 33.86
C ASN A 390 -25.37 -5.21 34.63
N PHE A 391 -24.27 -4.83 33.96
CA PHE A 391 -23.00 -4.57 34.65
C PHE A 391 -23.00 -3.22 35.34
N SER A 392 -22.25 -3.12 36.45
CA SER A 392 -22.17 -1.90 37.25
C SER A 392 -21.61 -0.71 36.46
N ASN A 393 -20.40 -0.84 35.85
CA ASN A 393 -19.85 0.25 35.08
C ASN A 393 -18.75 -0.20 34.10
N LEU A 394 -19.17 -0.92 33.06
CA LEU A 394 -18.30 -1.32 31.97
C LEU A 394 -18.00 -0.06 31.14
N GLU A 395 -16.72 0.20 30.86
CA GLU A 395 -16.26 1.33 30.04
C GLU A 395 -15.64 0.84 28.71
N ILE A 396 -15.12 -0.41 28.66
CA ILE A 396 -14.52 -0.99 27.47
C ILE A 396 -15.03 -2.41 27.29
N ILE A 397 -15.85 -2.63 26.25
CA ILE A 397 -16.39 -3.94 25.88
C ILE A 397 -15.63 -4.32 24.63
N TYR A 398 -14.59 -5.13 24.77
CA TYR A 398 -13.73 -5.50 23.65
C TYR A 398 -14.07 -6.88 23.10
N LEU A 399 -14.75 -6.90 21.94
CA LEU A 399 -15.20 -8.11 21.25
C LEU A 399 -14.56 -8.25 19.87
N SER A 400 -13.42 -7.58 19.64
CA SER A 400 -12.77 -7.60 18.35
C SER A 400 -12.23 -8.97 17.98
N GLU A 401 -12.21 -9.26 16.69
CA GLU A 401 -11.67 -10.50 16.15
C GLU A 401 -12.42 -11.75 16.63
N ASN A 402 -13.69 -11.81 16.29
CA ASN A 402 -14.54 -12.97 16.58
C ASN A 402 -15.26 -13.35 15.23
N ARG A 403 -16.36 -14.09 15.27
CA ARG A 403 -17.15 -14.45 14.07
C ARG A 403 -18.58 -13.91 14.24
N ILE A 404 -18.76 -12.74 14.89
CA ILE A 404 -20.07 -12.20 15.17
C ILE A 404 -20.74 -11.79 13.86
N SER A 405 -21.85 -12.42 13.53
CA SER A 405 -22.63 -12.15 12.31
C SER A 405 -23.93 -11.38 12.69
N PRO A 406 -24.72 -10.86 11.71
CA PRO A 406 -25.92 -10.08 12.07
C PRO A 406 -26.91 -10.82 12.98
N LEU A 407 -27.48 -10.03 13.92
CA LEU A 407 -28.43 -10.45 14.97
C LEU A 407 -29.62 -11.18 14.35
N VAL A 408 -29.90 -12.41 14.82
CA VAL A 408 -31.00 -13.24 14.31
C VAL A 408 -31.86 -13.70 15.47
N GLU A 434 14.50 -9.85 17.88
CA GLU A 434 13.13 -9.70 17.41
C GLU A 434 12.23 -9.35 18.61
N PHE A 435 12.19 -10.22 19.64
CA PHE A 435 11.37 -9.97 20.83
C PHE A 435 12.07 -8.93 21.72
N ASP A 436 11.41 -7.78 21.93
CA ASP A 436 11.94 -6.69 22.76
C ASP A 436 12.05 -7.16 24.24
N PRO A 437 13.27 -7.17 24.83
CA PRO A 437 13.40 -7.67 26.21
C PRO A 437 12.68 -6.85 27.28
N HIS A 438 12.47 -5.55 27.04
CA HIS A 438 11.78 -4.68 27.98
C HIS A 438 10.27 -4.55 27.64
N SER A 439 9.67 -5.60 27.03
CA SER A 439 8.23 -5.67 26.69
C SER A 439 7.62 -6.96 27.24
N ASN A 440 6.28 -7.03 27.33
CA ASN A 440 5.60 -8.25 27.76
C ASN A 440 5.72 -9.27 26.63
N PHE A 441 6.27 -10.45 26.92
CA PHE A 441 6.48 -11.50 25.93
C PHE A 441 5.18 -12.18 25.48
N TYR A 442 4.19 -12.33 26.36
CA TYR A 442 2.95 -13.06 26.05
C TYR A 442 1.77 -12.21 25.54
N HIS A 443 1.91 -10.87 25.42
CA HIS A 443 0.82 -10.04 24.90
C HIS A 443 1.27 -8.60 24.65
N PHE A 444 0.47 -7.85 23.85
CA PHE A 444 0.73 -6.43 23.60
C PHE A 444 0.18 -5.63 24.78
N THR A 445 0.97 -4.69 25.32
CA THR A 445 0.55 -3.82 26.42
C THR A 445 -0.17 -2.53 25.90
N ARG A 446 -0.44 -2.42 24.58
CA ARG A 446 -1.10 -1.26 24.00
C ARG A 446 -2.59 -1.15 24.46
N PRO A 447 -3.23 0.04 24.35
CA PRO A 447 -4.65 0.12 24.74
C PRO A 447 -5.54 -0.65 23.77
N LEU A 448 -6.63 -1.23 24.28
CA LEU A 448 -7.56 -1.99 23.46
C LEU A 448 -8.28 -1.05 22.47
N ILE A 449 -8.76 0.09 22.96
CA ILE A 449 -9.47 1.11 22.17
C ILE A 449 -8.56 2.33 22.01
N LYS A 450 -8.75 3.10 20.91
CA LYS A 450 -7.95 4.32 20.73
C LYS A 450 -8.32 5.32 21.85
N PRO A 451 -7.35 5.92 22.58
CA PRO A 451 -7.73 6.87 23.64
C PRO A 451 -8.66 8.00 23.19
N GLN A 452 -8.52 8.45 21.95
CA GLN A 452 -9.35 9.53 21.41
C GLN A 452 -10.84 9.11 21.32
N CYS A 453 -11.10 7.82 21.08
CA CYS A 453 -12.43 7.26 21.00
C CYS A 453 -12.97 7.02 22.42
N ALA A 454 -12.18 6.36 23.28
CA ALA A 454 -12.54 6.04 24.66
C ALA A 454 -12.75 7.27 25.55
N ALA A 455 -12.15 8.42 25.19
CA ALA A 455 -12.31 9.65 25.97
C ALA A 455 -13.77 10.15 25.99
N TYR A 456 -14.60 9.76 25.01
CA TYR A 456 -15.99 10.18 24.93
C TYR A 456 -16.92 9.40 25.88
N GLY A 457 -16.53 8.21 26.30
CA GLY A 457 -17.35 7.39 27.20
C GLY A 457 -17.27 5.92 26.89
N LYS A 458 -18.36 5.18 27.16
CA LYS A 458 -18.42 3.73 26.93
C LYS A 458 -18.03 3.35 25.51
N ALA A 459 -17.07 2.41 25.39
CA ALA A 459 -16.54 1.95 24.12
C ALA A 459 -16.93 0.50 23.87
N LEU A 460 -17.38 0.21 22.65
CA LEU A 460 -17.76 -1.12 22.21
C LEU A 460 -16.97 -1.42 20.96
N ASP A 461 -16.04 -2.37 21.04
CA ASP A 461 -15.23 -2.74 19.90
C ASP A 461 -15.74 -4.02 19.28
N LEU A 462 -16.35 -3.91 18.11
CA LEU A 462 -16.83 -5.07 17.33
C LEU A 462 -16.07 -5.17 16.00
N SER A 463 -14.83 -4.68 15.95
CA SER A 463 -14.03 -4.74 14.74
C SER A 463 -13.56 -6.15 14.45
N LEU A 464 -13.22 -6.42 13.17
CA LEU A 464 -12.74 -7.72 12.73
C LEU A 464 -13.73 -8.83 13.03
N ASN A 465 -15.00 -8.58 12.71
CA ASN A 465 -16.10 -9.53 12.89
C ASN A 465 -16.81 -9.69 11.51
N SER A 466 -18.01 -10.28 11.45
CA SER A 466 -18.75 -10.51 10.20
C SER A 466 -20.15 -9.86 10.24
N ILE A 467 -20.25 -8.65 10.81
CA ILE A 467 -21.52 -7.92 10.87
C ILE A 467 -21.64 -7.19 9.52
N PHE A 468 -21.84 -7.98 8.46
CA PHE A 468 -21.92 -7.48 7.08
C PHE A 468 -23.16 -6.60 6.81
N PHE A 469 -24.17 -6.68 7.67
CA PHE A 469 -25.40 -5.89 7.55
C PHE A 469 -25.90 -5.56 8.96
N ILE A 470 -26.23 -4.29 9.20
CA ILE A 470 -26.77 -3.81 10.46
C ILE A 470 -28.28 -3.74 10.34
N GLY A 471 -28.98 -4.72 10.93
CA GLY A 471 -30.43 -4.77 10.91
C GLY A 471 -31.06 -3.80 11.89
N PRO A 472 -32.40 -3.75 11.94
CA PRO A 472 -33.07 -2.80 12.86
C PRO A 472 -32.90 -3.06 14.36
N ASN A 473 -32.59 -4.30 14.79
CA ASN A 473 -32.43 -4.60 16.22
C ASN A 473 -31.03 -5.04 16.63
N GLN A 474 -30.01 -4.80 15.78
CA GLN A 474 -28.63 -5.16 16.05
C GLN A 474 -28.10 -4.50 17.33
N PHE A 475 -28.36 -3.20 17.51
CA PHE A 475 -27.88 -2.46 18.66
C PHE A 475 -28.95 -2.21 19.74
N GLU A 476 -29.97 -3.09 19.79
CA GLU A 476 -31.02 -3.01 20.80
C GLU A 476 -30.45 -3.49 22.14
N ASN A 477 -30.93 -2.93 23.24
CA ASN A 477 -30.53 -3.33 24.60
C ASN A 477 -29.04 -3.10 24.92
N LEU A 478 -28.38 -2.15 24.25
CA LEU A 478 -26.98 -1.84 24.54
C LEU A 478 -26.94 -0.61 25.46
N PRO A 479 -25.86 -0.43 26.26
CA PRO A 479 -25.81 0.79 27.10
C PRO A 479 -25.59 2.07 26.29
N ASP A 480 -25.40 3.21 26.97
CA ASP A 480 -25.17 4.50 26.31
C ASP A 480 -23.74 4.53 25.69
N ILE A 481 -23.55 3.78 24.61
CA ILE A 481 -22.28 3.66 23.89
C ILE A 481 -21.93 5.00 23.23
N ALA A 482 -20.73 5.53 23.56
CA ALA A 482 -20.21 6.78 23.02
C ALA A 482 -19.13 6.53 21.94
N CYS A 483 -18.41 5.42 22.03
CA CYS A 483 -17.32 5.07 21.12
C CYS A 483 -17.65 3.71 20.52
N LEU A 484 -17.87 3.64 19.20
CA LEU A 484 -18.23 2.39 18.55
C LEU A 484 -17.27 2.09 17.40
N ASN A 485 -16.72 0.88 17.39
CA ASN A 485 -15.82 0.46 16.33
C ASN A 485 -16.42 -0.75 15.59
N LEU A 486 -16.76 -0.54 14.31
CA LEU A 486 -17.26 -1.58 13.42
C LEU A 486 -16.31 -1.75 12.23
N SER A 487 -15.01 -1.49 12.43
CA SER A 487 -13.99 -1.64 11.39
C SER A 487 -13.90 -3.09 10.94
N ALA A 488 -13.65 -3.33 9.65
CA ALA A 488 -13.44 -4.66 9.08
C ALA A 488 -14.52 -5.68 9.45
N ASN A 489 -15.74 -5.41 9.02
CA ASN A 489 -16.89 -6.29 9.20
C ASN A 489 -17.51 -6.70 7.84
N SER A 490 -16.79 -6.50 6.70
CA SER A 490 -17.29 -6.84 5.36
C SER A 490 -18.66 -6.22 5.06
N ASN A 491 -18.96 -5.07 5.69
CA ASN A 491 -20.22 -4.40 5.55
C ASN A 491 -20.29 -3.66 4.22
N ALA A 492 -21.18 -4.12 3.33
CA ALA A 492 -21.43 -3.55 2.02
C ALA A 492 -22.82 -2.89 1.92
N GLN A 493 -23.43 -2.52 3.05
CA GLN A 493 -24.78 -1.96 3.05
C GLN A 493 -24.84 -0.47 2.74
N VAL A 494 -26.07 0.00 2.42
CA VAL A 494 -26.39 1.40 2.17
C VAL A 494 -26.98 1.93 3.48
N LEU A 495 -26.19 2.66 4.28
CA LEU A 495 -26.70 3.27 5.53
C LEU A 495 -27.73 4.33 5.13
N SER A 496 -28.87 4.34 5.81
CA SER A 496 -30.01 5.18 5.45
CA SER A 496 -30.02 5.17 5.45
C SER A 496 -30.56 6.08 6.56
N GLY A 497 -29.90 6.13 7.71
CA GLY A 497 -30.35 6.99 8.81
C GLY A 497 -31.18 6.33 9.87
N THR A 498 -31.25 4.99 9.90
CA THR A 498 -32.02 4.26 10.93
C THR A 498 -31.20 3.18 11.67
N GLU A 499 -30.07 2.75 11.11
CA GLU A 499 -29.26 1.66 11.66
C GLU A 499 -28.71 1.87 13.07
N PHE A 500 -28.42 3.11 13.47
CA PHE A 500 -27.85 3.42 14.78
C PHE A 500 -28.83 4.21 15.68
N SER A 501 -30.14 4.16 15.40
CA SER A 501 -31.13 4.89 16.20
C SER A 501 -31.23 4.38 17.66
N ALA A 502 -30.95 3.08 17.94
CA ALA A 502 -30.98 2.55 19.31
C ALA A 502 -29.75 2.95 20.16
N ILE A 503 -28.70 3.51 19.53
CA ILE A 503 -27.47 3.99 20.19
C ILE A 503 -27.19 5.38 19.60
N PRO A 504 -28.06 6.36 19.85
CA PRO A 504 -27.92 7.67 19.20
C PRO A 504 -26.86 8.62 19.77
N HIS A 505 -26.22 8.28 20.89
CA HIS A 505 -25.22 9.16 21.48
C HIS A 505 -23.79 8.79 21.11
N VAL A 506 -23.58 8.04 20.01
CA VAL A 506 -22.23 7.70 19.54
C VAL A 506 -21.56 9.02 19.09
N LYS A 507 -20.40 9.30 19.65
CA LYS A 507 -19.63 10.51 19.38
C LYS A 507 -18.43 10.23 18.47
N TYR A 508 -17.88 9.00 18.50
CA TYR A 508 -16.74 8.58 17.69
C TYR A 508 -17.14 7.26 17.03
N LEU A 509 -17.27 7.26 15.70
CA LEU A 509 -17.68 6.08 14.95
C LEU A 509 -16.60 5.67 13.95
N ASP A 510 -16.09 4.44 14.10
CA ASP A 510 -15.08 3.92 13.20
C ASP A 510 -15.73 2.86 12.32
N LEU A 511 -15.82 3.13 11.01
CA LEU A 511 -16.36 2.19 10.03
C LEU A 511 -15.32 1.89 8.95
N THR A 512 -14.02 1.90 9.30
CA THR A 512 -12.96 1.66 8.33
C THR A 512 -12.90 0.21 7.85
N ASN A 513 -12.31 0.01 6.68
CA ASN A 513 -12.05 -1.30 6.11
C ASN A 513 -13.30 -2.12 5.93
N ASN A 514 -14.32 -1.52 5.33
CA ASN A 514 -15.56 -2.20 5.00
C ASN A 514 -15.74 -2.05 3.45
N ARG A 515 -16.95 -2.32 2.93
CA ARG A 515 -17.27 -2.14 1.51
C ARG A 515 -18.53 -1.25 1.44
N LEU A 516 -18.66 -0.25 2.33
CA LEU A 516 -19.86 0.56 2.44
C LEU A 516 -20.29 1.22 1.12
N ASP A 517 -21.60 1.15 0.86
CA ASP A 517 -22.20 1.69 -0.35
C ASP A 517 -22.89 2.99 0.04
N PHE A 518 -22.20 4.11 -0.18
CA PHE A 518 -22.74 5.41 0.17
C PHE A 518 -23.74 5.82 -0.90
N ASP A 519 -24.99 5.36 -0.77
CA ASP A 519 -26.04 5.61 -1.74
C ASP A 519 -27.32 6.23 -1.13
N ASN A 520 -27.21 7.01 -0.06
CA ASN A 520 -28.38 7.63 0.57
C ASN A 520 -27.93 8.85 1.39
N ALA A 521 -28.50 10.02 1.06
CA ALA A 521 -28.16 11.30 1.70
C ALA A 521 -28.48 11.38 3.19
N SER A 522 -29.27 10.45 3.75
CA SER A 522 -29.60 10.45 5.18
C SER A 522 -28.70 9.51 6.00
N ALA A 523 -27.65 8.92 5.41
CA ALA A 523 -26.75 8.01 6.14
C ALA A 523 -26.19 8.62 7.42
N LEU A 524 -26.24 7.87 8.53
CA LEU A 524 -25.64 8.30 9.81
C LEU A 524 -26.22 9.57 10.44
N THR A 525 -27.23 10.21 9.81
CA THR A 525 -27.81 11.45 10.34
C THR A 525 -28.53 11.27 11.69
N GLU A 526 -28.92 10.04 12.05
CA GLU A 526 -29.53 9.73 13.35
C GLU A 526 -28.53 9.95 14.53
N LEU A 527 -27.21 9.90 14.24
CA LEU A 527 -26.18 10.17 15.23
C LEU A 527 -25.98 11.68 15.26
N SER A 528 -26.92 12.40 15.88
CA SER A 528 -26.94 13.87 15.95
C SER A 528 -25.71 14.49 16.61
N ASP A 529 -25.16 13.82 17.63
CA ASP A 529 -24.00 14.34 18.38
C ASP A 529 -22.67 13.77 17.88
N LEU A 530 -22.60 13.19 16.68
CA LEU A 530 -21.37 12.61 16.15
C LEU A 530 -20.29 13.68 15.95
N GLU A 531 -19.10 13.46 16.55
CA GLU A 531 -17.96 14.38 16.46
C GLU A 531 -16.84 13.83 15.58
N VAL A 532 -16.60 12.51 15.60
CA VAL A 532 -15.54 11.91 14.80
C VAL A 532 -16.10 10.77 13.99
N LEU A 533 -15.87 10.80 12.67
CA LEU A 533 -16.33 9.76 11.79
C LEU A 533 -15.15 9.28 10.92
N ASP A 534 -14.84 7.98 10.98
CA ASP A 534 -13.77 7.40 10.18
C ASP A 534 -14.35 6.46 9.13
N LEU A 535 -14.27 6.85 7.85
CA LEU A 535 -14.73 6.05 6.71
C LEU A 535 -13.57 5.60 5.83
N SER A 536 -12.34 5.56 6.37
CA SER A 536 -11.17 5.14 5.62
C SER A 536 -11.32 3.74 5.06
N TYR A 537 -10.70 3.48 3.92
CA TYR A 537 -10.72 2.17 3.28
C TYR A 537 -12.12 1.58 3.05
N ASN A 538 -12.98 2.33 2.34
CA ASN A 538 -14.32 1.90 1.89
C ASN A 538 -14.40 2.26 0.39
N SER A 539 -13.37 1.91 -0.38
CA SER A 539 -13.25 2.24 -1.79
C SER A 539 -14.08 1.36 -2.73
N HIS A 540 -14.54 0.17 -2.28
CA HIS A 540 -15.28 -0.80 -3.12
C HIS A 540 -16.27 -0.16 -4.14
N TYR A 541 -17.26 0.62 -3.66
CA TYR A 541 -18.25 1.22 -4.54
C TYR A 541 -17.80 2.55 -5.15
N PHE A 542 -16.97 3.33 -4.42
CA PHE A 542 -16.45 4.59 -4.98
C PHE A 542 -15.68 4.38 -6.26
N ARG A 543 -14.92 3.27 -6.37
CA ARG A 543 -14.12 3.02 -7.58
C ARG A 543 -14.98 2.66 -8.84
N ILE A 544 -16.29 2.38 -8.68
CA ILE A 544 -17.16 2.03 -9.81
C ILE A 544 -17.88 3.30 -10.29
N ALA A 545 -17.59 3.78 -11.50
CA ALA A 545 -18.24 4.99 -12.02
C ALA A 545 -19.75 4.83 -12.21
N GLY A 546 -20.17 3.66 -12.70
CA GLY A 546 -21.57 3.34 -13.00
C GLY A 546 -22.54 3.30 -11.83
N VAL A 547 -22.06 3.13 -10.60
CA VAL A 547 -22.95 3.14 -9.43
C VAL A 547 -23.00 4.56 -8.85
N THR A 548 -24.05 4.88 -8.09
CA THR A 548 -24.20 6.21 -7.52
C THR A 548 -23.45 6.35 -6.19
N HIS A 549 -22.95 7.58 -5.91
CA HIS A 549 -22.19 7.89 -4.69
C HIS A 549 -22.73 9.18 -4.12
N HIS A 550 -23.18 9.12 -2.85
CA HIS A 550 -23.79 10.22 -2.13
C HIS A 550 -23.10 10.51 -0.80
N LEU A 551 -22.48 11.69 -0.70
CA LEU A 551 -21.81 12.15 0.53
C LEU A 551 -22.54 13.39 1.13
N GLU A 552 -23.81 13.67 0.76
CA GLU A 552 -24.56 14.84 1.26
C GLU A 552 -24.82 14.80 2.75
N PHE A 553 -24.84 13.61 3.37
CA PHE A 553 -25.07 13.48 4.81
C PHE A 553 -24.09 14.26 5.70
N ILE A 554 -22.89 14.59 5.18
CA ILE A 554 -21.87 15.32 5.95
C ILE A 554 -22.41 16.68 6.46
N GLN A 555 -23.20 17.40 5.65
CA GLN A 555 -23.73 18.70 6.04
C GLN A 555 -24.76 18.66 7.17
N ASN A 556 -25.47 17.54 7.33
CA ASN A 556 -26.54 17.45 8.33
C ASN A 556 -26.03 17.33 9.79
N PHE A 557 -24.73 17.09 10.04
CA PHE A 557 -24.23 17.02 11.42
C PHE A 557 -23.93 18.41 11.97
N THR A 558 -24.45 18.73 13.17
CA THR A 558 -24.22 20.03 13.79
C THR A 558 -22.91 20.09 14.57
N ASN A 559 -22.36 18.94 15.02
CA ASN A 559 -21.13 18.90 15.83
C ASN A 559 -20.01 18.03 15.23
N LEU A 560 -20.05 17.69 13.92
CA LEU A 560 -19.00 16.86 13.33
C LEU A 560 -17.70 17.65 13.26
N LYS A 561 -16.66 17.18 13.94
CA LYS A 561 -15.36 17.86 14.02
C LYS A 561 -14.32 17.21 13.09
N VAL A 562 -14.21 15.88 13.11
CA VAL A 562 -13.20 15.16 12.33
C VAL A 562 -13.85 14.16 11.39
N LEU A 563 -13.49 14.23 10.10
CA LEU A 563 -13.98 13.30 9.10
C LEU A 563 -12.79 12.77 8.32
N ASN A 564 -12.65 11.44 8.29
CA ASN A 564 -11.58 10.81 7.54
C ASN A 564 -12.17 10.01 6.38
N LEU A 565 -11.94 10.48 5.14
CA LEU A 565 -12.35 9.82 3.90
C LEU A 565 -11.13 9.24 3.18
N SER A 566 -10.05 8.88 3.88
CA SER A 566 -8.84 8.40 3.25
C SER A 566 -8.99 7.05 2.55
N HIS A 567 -8.18 6.86 1.50
CA HIS A 567 -8.08 5.64 0.72
C HIS A 567 -9.43 5.10 0.27
N ASN A 568 -10.30 6.03 -0.19
CA ASN A 568 -11.60 5.68 -0.73
C ASN A 568 -11.63 5.73 -2.27
N ASN A 569 -10.52 6.17 -2.93
CA ASN A 569 -10.42 6.26 -4.38
C ASN A 569 -11.58 7.11 -4.96
N ILE A 570 -11.99 8.17 -4.23
CA ILE A 570 -13.09 9.02 -4.64
C ILE A 570 -12.68 9.81 -5.88
N TYR A 571 -13.41 9.61 -6.98
CA TYR A 571 -13.19 10.32 -8.24
C TYR A 571 -14.49 10.81 -8.88
N THR A 572 -15.67 10.42 -8.37
CA THR A 572 -16.94 10.83 -8.95
C THR A 572 -18.05 10.78 -7.91
N LEU A 573 -18.90 11.82 -7.89
CA LEU A 573 -20.05 11.91 -7.00
C LEU A 573 -21.33 12.16 -7.83
N THR A 574 -22.48 11.78 -7.27
CA THR A 574 -23.78 11.92 -7.92
C THR A 574 -24.55 13.15 -7.40
N ASP A 575 -24.98 14.02 -8.31
CA ASP A 575 -25.83 15.19 -8.01
C ASP A 575 -25.10 16.32 -7.21
N LYS A 576 -24.62 16.04 -5.99
CA LYS A 576 -23.92 17.04 -5.19
C LYS A 576 -22.43 16.77 -5.28
N TYR A 577 -21.69 17.69 -5.87
CA TYR A 577 -20.25 17.57 -6.06
C TYR A 577 -19.42 18.22 -4.94
N ASN A 578 -20.07 18.91 -4.00
CA ASN A 578 -19.41 19.64 -2.93
C ASN A 578 -19.61 19.04 -1.55
N LEU A 579 -18.58 19.14 -0.70
CA LEU A 579 -18.64 18.71 0.70
C LEU A 579 -18.90 20.00 1.48
N GLU A 580 -19.91 19.99 2.34
CA GLU A 580 -20.31 21.16 3.11
C GLU A 580 -20.45 20.84 4.57
N SER A 581 -20.06 21.77 5.43
CA SER A 581 -20.17 21.59 6.89
C SER A 581 -19.81 22.86 7.62
N LYS A 582 -20.73 23.38 8.43
CA LYS A 582 -20.46 24.56 9.24
C LYS A 582 -19.57 24.24 10.46
N SER A 583 -19.51 22.95 10.90
CA SER A 583 -18.73 22.55 12.06
C SER A 583 -17.40 21.89 11.78
N LEU A 584 -17.26 21.14 10.65
CA LEU A 584 -16.05 20.36 10.39
C LEU A 584 -14.76 21.16 10.53
N VAL A 585 -13.82 20.63 11.32
CA VAL A 585 -12.53 21.24 11.63
C VAL A 585 -11.41 20.53 10.87
N GLU A 586 -11.50 19.21 10.72
CA GLU A 586 -10.46 18.42 10.04
C GLU A 586 -11.07 17.48 9.01
N LEU A 587 -10.52 17.49 7.79
CA LEU A 587 -10.91 16.55 6.73
C LEU A 587 -9.66 15.84 6.25
N VAL A 588 -9.66 14.50 6.28
CA VAL A 588 -8.55 13.73 5.74
C VAL A 588 -9.06 13.18 4.40
N PHE A 589 -8.51 13.67 3.29
CA PHE A 589 -8.90 13.23 1.96
C PHE A 589 -7.76 12.51 1.24
N SER A 590 -6.79 11.93 1.99
CA SER A 590 -5.66 11.26 1.37
C SER A 590 -6.08 9.96 0.69
N GLY A 591 -5.32 9.54 -0.33
CA GLY A 591 -5.61 8.31 -1.03
C GLY A 591 -6.87 8.36 -1.89
N ASN A 592 -7.24 9.56 -2.37
CA ASN A 592 -8.40 9.73 -3.24
C ASN A 592 -7.90 10.16 -4.62
N ARG A 593 -8.78 10.61 -5.54
CA ARG A 593 -8.35 11.01 -6.87
C ARG A 593 -8.68 12.45 -7.21
N LEU A 594 -8.04 13.39 -6.51
CA LEU A 594 -8.21 14.80 -6.85
C LEU A 594 -7.61 15.12 -8.22
N ASP A 595 -6.67 14.30 -8.73
CA ASP A 595 -6.14 14.47 -10.09
C ASP A 595 -7.30 14.33 -11.12
N ILE A 596 -8.28 13.46 -10.85
CA ILE A 596 -9.46 13.27 -11.71
C ILE A 596 -10.53 14.34 -11.39
N LEU A 597 -10.86 14.55 -10.10
CA LEU A 597 -11.88 15.53 -9.70
C LEU A 597 -11.53 16.94 -10.18
N TRP A 598 -10.24 17.31 -10.14
CA TRP A 598 -9.77 18.61 -10.60
C TRP A 598 -9.15 18.50 -11.99
N ASN A 599 -9.78 17.73 -12.87
CA ASN A 599 -9.37 17.60 -14.26
C ASN A 599 -9.60 18.97 -14.93
N ASP A 600 -8.63 19.43 -15.75
CA ASP A 600 -8.67 20.74 -16.39
C ASP A 600 -9.95 21.06 -17.18
N ASP A 601 -10.58 20.06 -17.79
CA ASP A 601 -11.79 20.27 -18.59
C ASP A 601 -13.08 20.04 -17.80
N ASP A 602 -13.01 19.97 -16.45
CA ASP A 602 -14.16 19.71 -15.59
C ASP A 602 -14.21 20.74 -14.46
N ASN A 603 -15.30 21.50 -14.37
CA ASN A 603 -15.49 22.53 -13.34
C ASN A 603 -16.36 22.06 -12.17
N ARG A 604 -16.99 20.88 -12.24
CA ARG A 604 -17.92 20.41 -11.21
C ARG A 604 -17.37 20.31 -9.78
N TYR A 605 -16.10 19.89 -9.59
CA TYR A 605 -15.52 19.76 -8.24
C TYR A 605 -14.51 20.86 -7.91
N ILE A 606 -14.64 22.04 -8.55
CA ILE A 606 -13.72 23.15 -8.33
C ILE A 606 -13.84 23.79 -6.93
N SER A 607 -15.04 23.70 -6.30
CA SER A 607 -15.27 24.21 -4.94
C SER A 607 -15.59 23.04 -3.98
N ILE A 608 -15.02 21.84 -4.23
CA ILE A 608 -15.29 20.63 -3.46
C ILE A 608 -15.16 20.82 -1.92
N PHE A 609 -14.21 21.66 -1.45
CA PHE A 609 -13.99 21.87 -0.02
C PHE A 609 -14.35 23.27 0.48
N LYS A 610 -14.75 24.20 -0.42
CA LYS A 610 -15.08 25.58 -0.03
C LYS A 610 -16.19 25.65 1.03
N GLY A 611 -17.19 24.78 0.92
CA GLY A 611 -18.30 24.71 1.85
C GLY A 611 -17.98 24.22 3.24
N LEU A 612 -16.72 23.84 3.51
CA LEU A 612 -16.28 23.43 4.84
C LEU A 612 -15.73 24.72 5.47
N LYS A 613 -16.67 25.58 5.87
CA LYS A 613 -16.42 26.94 6.37
C LYS A 613 -15.61 27.04 7.67
N ASN A 614 -15.56 25.99 8.52
CA ASN A 614 -14.80 26.02 9.76
C ASN A 614 -13.51 25.17 9.70
N LEU A 615 -13.10 24.70 8.51
CA LEU A 615 -11.98 23.79 8.39
C LEU A 615 -10.64 24.45 8.68
N THR A 616 -9.87 23.85 9.60
CA THR A 616 -8.54 24.33 9.95
C THR A 616 -7.47 23.33 9.45
N ARG A 617 -7.78 22.02 9.38
CA ARG A 617 -6.79 21.03 8.94
C ARG A 617 -7.34 20.23 7.73
N LEU A 618 -6.55 20.17 6.63
CA LEU A 618 -6.93 19.47 5.41
C LEU A 618 -5.78 18.63 4.87
N ASP A 619 -6.02 17.32 4.65
CA ASP A 619 -5.00 16.43 4.12
C ASP A 619 -5.35 15.97 2.69
N LEU A 620 -4.59 16.46 1.70
CA LEU A 620 -4.72 16.11 0.29
C LEU A 620 -3.56 15.24 -0.19
N SER A 621 -2.89 14.51 0.72
CA SER A 621 -1.77 13.68 0.34
C SER A 621 -2.22 12.46 -0.46
N LEU A 622 -1.31 11.86 -1.23
CA LEU A 622 -1.61 10.66 -2.00
C LEU A 622 -2.84 10.79 -2.92
N ASN A 623 -2.91 11.88 -3.67
CA ASN A 623 -4.00 12.11 -4.61
C ASN A 623 -3.53 12.19 -6.07
N ARG A 624 -2.27 11.75 -6.36
CA ARG A 624 -1.68 11.71 -7.71
C ARG A 624 -1.69 13.07 -8.41
N LEU A 625 -1.66 14.16 -7.63
CA LEU A 625 -1.71 15.50 -8.18
C LEU A 625 -0.39 15.90 -8.79
N LYS A 626 -0.36 16.10 -10.11
CA LYS A 626 0.81 16.61 -10.83
C LYS A 626 0.79 18.18 -10.75
N HIS A 627 -0.42 18.77 -10.69
CA HIS A 627 -0.62 20.22 -10.58
CA HIS A 627 -0.63 20.22 -10.61
C HIS A 627 -2.02 20.47 -9.96
N ILE A 628 -2.16 21.56 -9.18
CA ILE A 628 -3.46 21.90 -8.61
C ILE A 628 -3.94 23.14 -9.36
N PRO A 629 -5.11 23.15 -10.03
CA PRO A 629 -5.55 24.39 -10.70
C PRO A 629 -5.60 25.58 -9.74
N ASN A 630 -5.25 26.78 -10.23
CA ASN A 630 -5.25 27.98 -9.39
C ASN A 630 -6.62 28.25 -8.78
N GLU A 631 -7.68 28.05 -9.57
CA GLU A 631 -9.05 28.25 -9.11
C GLU A 631 -9.40 27.22 -8.02
N ALA A 632 -8.92 25.98 -8.15
CA ALA A 632 -9.18 24.95 -7.14
C ALA A 632 -8.44 25.26 -5.84
N PHE A 633 -7.19 25.76 -5.91
CA PHE A 633 -6.44 26.12 -4.71
C PHE A 633 -7.09 27.33 -4.02
N LEU A 634 -7.52 28.33 -4.82
CA LEU A 634 -8.18 29.52 -4.29
C LEU A 634 -9.54 29.21 -3.62
N ASN A 635 -10.17 28.08 -3.98
CA ASN A 635 -11.44 27.68 -3.36
C ASN A 635 -11.25 26.77 -2.13
N LEU A 636 -10.00 26.59 -1.63
CA LEU A 636 -9.80 25.83 -0.39
C LEU A 636 -10.24 26.76 0.77
N PRO A 637 -10.79 26.23 1.89
CA PRO A 637 -11.24 27.11 2.97
C PRO A 637 -10.20 28.13 3.44
N ALA A 638 -10.56 29.43 3.52
CA ALA A 638 -9.64 30.48 3.99
C ALA A 638 -9.28 30.35 5.48
N SER A 639 -10.02 29.53 6.24
CA SER A 639 -9.79 29.29 7.65
C SER A 639 -8.65 28.26 7.91
N LEU A 640 -8.02 27.70 6.85
CA LEU A 640 -6.96 26.69 7.02
C LEU A 640 -5.75 27.16 7.81
N THR A 641 -5.34 26.36 8.81
CA THR A 641 -4.13 26.54 9.62
C THR A 641 -3.09 25.44 9.24
N GLU A 642 -3.53 24.25 8.76
CA GLU A 642 -2.62 23.17 8.39
C GLU A 642 -3.08 22.54 7.09
N LEU A 643 -2.23 22.59 6.06
CA LEU A 643 -2.54 22.02 4.76
C LEU A 643 -1.44 21.04 4.38
N HIS A 644 -1.81 19.76 4.20
CA HIS A 644 -0.86 18.73 3.78
C HIS A 644 -1.15 18.35 2.33
N ILE A 645 -0.15 18.48 1.47
CA ILE A 645 -0.24 18.10 0.06
C ILE A 645 1.00 17.21 -0.27
N ASN A 646 1.44 16.40 0.69
CA ASN A 646 2.61 15.56 0.55
C ASN A 646 2.34 14.30 -0.26
N ASP A 647 3.39 13.66 -0.77
CA ASP A 647 3.29 12.41 -1.53
C ASP A 647 2.29 12.46 -2.67
N ASN A 648 2.42 13.51 -3.46
CA ASN A 648 1.70 13.72 -4.72
C ASN A 648 2.85 13.73 -5.79
N MET A 649 2.64 14.31 -6.97
CA MET A 649 3.67 14.41 -8.00
C MET A 649 3.77 15.86 -8.48
N LEU A 650 3.63 16.84 -7.56
CA LEU A 650 3.60 18.24 -7.94
C LEU A 650 4.94 18.70 -8.47
N LYS A 651 4.96 19.18 -9.71
CA LYS A 651 6.16 19.74 -10.33
C LYS A 651 6.23 21.28 -10.08
N PHE A 652 5.08 21.92 -9.77
CA PHE A 652 4.99 23.35 -9.53
C PHE A 652 3.97 23.62 -8.40
N PHE A 653 4.18 24.72 -7.67
CA PHE A 653 3.33 25.20 -6.59
C PHE A 653 3.27 26.72 -6.70
N ASN A 654 2.07 27.30 -6.82
CA ASN A 654 1.95 28.76 -6.95
C ASN A 654 1.95 29.39 -5.55
N TRP A 655 3.14 29.82 -5.10
CA TRP A 655 3.37 30.43 -3.79
C TRP A 655 2.53 31.68 -3.58
N THR A 656 2.25 32.43 -4.65
CA THR A 656 1.43 33.64 -4.62
C THR A 656 0.06 33.39 -3.97
N LEU A 657 -0.54 32.20 -4.19
CA LEU A 657 -1.87 31.90 -3.67
C LEU A 657 -1.95 31.76 -2.15
N LEU A 658 -0.81 31.75 -1.42
CA LEU A 658 -0.85 31.71 0.03
C LEU A 658 -1.40 33.04 0.63
N GLN A 659 -1.56 34.11 -0.19
CA GLN A 659 -2.11 35.40 0.23
C GLN A 659 -3.55 35.30 0.71
N GLN A 660 -4.31 34.32 0.19
CA GLN A 660 -5.72 34.12 0.57
C GLN A 660 -5.90 33.14 1.74
N PHE A 661 -4.83 32.83 2.48
CA PHE A 661 -4.88 31.95 3.65
C PHE A 661 -4.16 32.67 4.79
N PRO A 662 -4.79 33.69 5.41
CA PRO A 662 -4.11 34.45 6.47
C PRO A 662 -3.84 33.71 7.78
N ARG A 663 -4.36 32.49 7.94
CA ARG A 663 -4.15 31.70 9.16
C ARG A 663 -3.26 30.45 8.93
N LEU A 664 -2.69 30.27 7.72
CA LEU A 664 -1.88 29.09 7.41
C LEU A 664 -0.59 29.05 8.22
N GLU A 665 -0.50 28.11 9.14
CA GLU A 665 0.66 27.90 10.02
C GLU A 665 1.54 26.77 9.51
N LEU A 666 0.95 25.70 8.95
CA LEU A 666 1.72 24.56 8.47
C LEU A 666 1.41 24.25 7.00
N LEU A 667 2.44 24.22 6.17
CA LEU A 667 2.31 23.87 4.76
C LEU A 667 3.25 22.69 4.54
N ASP A 668 2.70 21.54 4.18
CA ASP A 668 3.50 20.33 4.01
C ASP A 668 3.46 19.86 2.54
N LEU A 669 4.57 20.05 1.81
CA LEU A 669 4.71 19.66 0.40
C LEU A 669 5.81 18.60 0.24
N ARG A 670 6.06 17.76 1.25
CA ARG A 670 7.10 16.74 1.16
C ARG A 670 6.76 15.65 0.13
N GLY A 671 7.77 15.02 -0.43
CA GLY A 671 7.58 13.90 -1.35
C GLY A 671 6.86 14.26 -2.63
N ASN A 672 7.21 15.40 -3.23
CA ASN A 672 6.67 15.87 -4.50
C ASN A 672 7.86 15.98 -5.51
N LYS A 673 7.74 16.72 -6.62
CA LYS A 673 8.84 16.89 -7.58
C LYS A 673 9.09 18.38 -7.83
N LEU A 674 8.95 19.21 -6.78
CA LEU A 674 9.14 20.65 -6.91
C LEU A 674 10.61 20.95 -7.18
N LEU A 675 10.87 21.79 -8.19
CA LEU A 675 12.21 22.16 -8.62
C LEU A 675 12.61 23.56 -8.15
N PHE A 676 11.63 24.45 -7.91
CA PHE A 676 11.89 25.85 -7.58
C PHE A 676 11.13 26.32 -6.34
N LEU A 677 11.69 27.34 -5.65
CA LEU A 677 11.09 28.01 -4.49
C LEU A 677 10.96 29.50 -4.79
N THR A 678 9.90 30.15 -4.27
CA THR A 678 9.69 31.59 -4.48
C THR A 678 10.76 32.41 -3.77
N ASP A 679 11.18 33.54 -4.35
CA ASP A 679 12.17 34.40 -3.73
C ASP A 679 11.54 35.54 -2.89
N SER A 680 10.20 35.58 -2.72
CA SER A 680 9.53 36.63 -1.95
C SER A 680 8.34 36.06 -1.15
N LEU A 681 8.63 35.05 -0.30
CA LEU A 681 7.64 34.38 0.54
C LEU A 681 7.01 35.33 1.58
N SER A 682 7.75 36.39 2.01
CA SER A 682 7.22 37.37 2.97
C SER A 682 6.02 38.15 2.40
N ASP A 683 5.98 38.35 1.07
CA ASP A 683 4.87 39.06 0.44
C ASP A 683 3.59 38.20 0.36
N PHE A 684 3.73 36.86 0.41
CA PHE A 684 2.60 35.94 0.30
C PHE A 684 2.10 35.38 1.62
N THR A 685 2.94 35.37 2.67
CA THR A 685 2.50 34.88 3.98
C THR A 685 3.22 35.59 5.11
N SER A 686 2.49 35.87 6.19
CA SER A 686 3.01 36.43 7.43
C SER A 686 2.54 35.60 8.67
N SER A 687 2.07 34.34 8.45
CA SER A 687 1.58 33.44 9.50
C SER A 687 2.21 32.04 9.46
N LEU A 688 2.91 31.68 8.37
CA LEU A 688 3.49 30.35 8.21
C LEU A 688 4.62 30.07 9.21
N ARG A 689 4.42 29.06 10.08
CA ARG A 689 5.35 28.62 11.12
C ARG A 689 6.16 27.40 10.69
N THR A 690 5.54 26.44 9.99
CA THR A 690 6.22 25.21 9.56
C THR A 690 6.06 25.03 8.06
N LEU A 691 7.19 24.85 7.36
CA LEU A 691 7.20 24.62 5.92
C LEU A 691 8.01 23.35 5.64
N LEU A 692 7.32 22.25 5.30
CA LEU A 692 7.99 20.98 5.03
C LEU A 692 8.16 20.75 3.52
N LEU A 693 9.42 20.67 3.07
CA LEU A 693 9.76 20.52 1.66
C LEU A 693 10.72 19.36 1.39
N SER A 694 10.92 18.43 2.34
CA SER A 694 11.83 17.33 2.13
C SER A 694 11.37 16.37 1.02
N HIS A 695 12.33 15.70 0.36
CA HIS A 695 12.04 14.76 -0.71
C HIS A 695 11.41 15.44 -1.93
N ASN A 696 12.04 16.53 -2.37
CA ASN A 696 11.68 17.26 -3.57
C ASN A 696 12.98 17.38 -4.44
N ARG A 697 12.98 18.18 -5.51
CA ARG A 697 14.14 18.31 -6.38
C ARG A 697 14.65 19.75 -6.39
N ILE A 698 14.67 20.39 -5.21
CA ILE A 698 15.12 21.77 -5.06
C ILE A 698 16.64 21.79 -5.00
N SER A 699 17.29 22.39 -6.01
CA SER A 699 18.75 22.47 -6.12
C SER A 699 19.32 23.85 -5.76
N HIS A 700 18.48 24.84 -5.44
CA HIS A 700 18.96 26.18 -5.13
C HIS A 700 18.03 26.83 -4.13
N LEU A 701 18.59 27.46 -3.08
CA LEU A 701 17.79 28.16 -2.09
C LEU A 701 17.85 29.64 -2.51
N PRO A 702 16.70 30.26 -2.89
CA PRO A 702 16.76 31.64 -3.39
C PRO A 702 17.40 32.63 -2.44
N SER A 703 18.14 33.62 -2.99
CA SER A 703 18.77 34.68 -2.20
C SER A 703 17.65 35.49 -1.54
N GLY A 704 17.72 35.66 -0.22
CA GLY A 704 16.68 36.32 0.55
C GLY A 704 15.42 35.48 0.63
N PHE A 705 15.57 34.15 0.82
CA PHE A 705 14.42 33.24 0.89
C PHE A 705 13.64 33.47 2.19
N LEU A 706 14.37 33.70 3.32
CA LEU A 706 13.76 33.94 4.62
C LEU A 706 13.79 35.42 5.04
N SER A 707 13.88 36.36 4.07
CA SER A 707 13.90 37.78 4.41
C SER A 707 12.50 38.28 4.79
N GLU A 708 12.37 38.82 6.01
CA GLU A 708 11.14 39.38 6.57
C GLU A 708 10.01 38.37 6.74
N VAL A 709 10.31 37.05 6.80
CA VAL A 709 9.27 36.04 6.99
C VAL A 709 8.81 36.07 8.46
N SER A 710 9.76 36.14 9.41
CA SER A 710 9.56 36.28 10.87
C SER A 710 8.82 35.14 11.59
N SER A 711 7.67 34.73 11.08
CA SER A 711 6.85 33.71 11.71
C SER A 711 7.40 32.29 11.56
N LEU A 712 8.24 32.03 10.54
CA LEU A 712 8.75 30.68 10.29
C LEU A 712 9.68 30.18 11.40
N LYS A 713 9.30 29.07 12.04
CA LYS A 713 10.03 28.43 13.12
C LYS A 713 10.74 27.17 12.61
N HIS A 714 10.06 26.38 11.77
CA HIS A 714 10.59 25.11 11.26
C HIS A 714 10.61 25.10 9.73
N LEU A 715 11.81 24.90 9.15
CA LEU A 715 12.01 24.77 7.71
C LEU A 715 12.71 23.44 7.46
N ASP A 716 12.05 22.52 6.75
CA ASP A 716 12.66 21.23 6.43
C ASP A 716 12.97 21.14 4.92
N LEU A 717 14.27 21.24 4.57
CA LEU A 717 14.75 21.13 3.18
C LEU A 717 15.64 19.88 3.00
N SER A 718 15.47 18.86 3.85
CA SER A 718 16.29 17.65 3.77
C SER A 718 15.92 16.82 2.53
N SER A 719 16.83 15.95 2.09
CA SER A 719 16.61 15.08 0.95
C SER A 719 16.16 15.81 -0.33
N ASN A 720 16.86 16.89 -0.65
CA ASN A 720 16.65 17.70 -1.86
C ASN A 720 17.99 17.65 -2.67
N LEU A 721 18.22 18.53 -3.66
CA LEU A 721 19.44 18.50 -4.46
C LEU A 721 20.30 19.74 -4.23
N LEU A 722 20.32 20.27 -2.98
CA LEU A 722 21.11 21.46 -2.67
C LEU A 722 22.59 21.14 -2.62
N LYS A 723 23.38 21.84 -3.43
CA LYS A 723 24.83 21.70 -3.44
C LYS A 723 25.46 22.63 -2.40
N THR A 724 24.79 23.73 -2.03
CA THR A 724 25.31 24.71 -1.06
C THR A 724 24.17 25.57 -0.49
N ILE A 725 24.48 26.45 0.50
CA ILE A 725 23.54 27.40 1.05
C ILE A 725 24.29 28.71 1.12
N ASN A 726 23.80 29.73 0.41
CA ASN A 726 24.41 31.06 0.44
C ASN A 726 23.94 31.75 1.71
N LYS A 727 24.80 32.57 2.33
CA LYS A 727 24.46 33.28 3.57
C LYS A 727 23.15 34.09 3.44
N SER A 728 22.99 34.81 2.32
CA SER A 728 21.81 35.63 2.05
C SER A 728 20.49 34.85 2.01
N ALA A 729 20.51 33.56 1.63
CA ALA A 729 19.29 32.76 1.57
C ALA A 729 18.64 32.51 2.94
N LEU A 730 19.42 32.64 4.04
CA LEU A 730 18.95 32.40 5.40
C LEU A 730 18.91 33.68 6.24
N GLU A 731 19.90 34.58 6.10
CA GLU A 731 19.99 35.82 6.89
C GLU A 731 18.71 36.68 6.81
N THR A 732 18.46 37.49 7.85
CA THR A 732 17.26 38.33 7.93
C THR A 732 17.53 39.68 8.61
N LYS A 733 16.82 40.74 8.18
CA LYS A 733 16.91 42.06 8.80
C LYS A 733 15.81 42.26 9.88
N THR A 734 14.75 41.42 9.92
CA THR A 734 13.64 41.47 10.90
C THR A 734 13.84 40.39 12.01
N THR A 735 12.95 40.33 13.02
CA THR A 735 13.01 39.31 14.08
C THR A 735 12.76 37.94 13.44
N THR A 736 13.58 36.93 13.79
CA THR A 736 13.45 35.59 13.21
C THR A 736 13.12 34.55 14.28
N LYS A 737 12.02 33.82 14.12
CA LYS A 737 11.64 32.74 15.04
C LYS A 737 12.19 31.38 14.57
N LEU A 738 13.16 31.34 13.62
CA LEU A 738 13.70 30.07 13.13
C LEU A 738 14.48 29.34 14.21
N SER A 739 13.92 28.18 14.64
CA SER A 739 14.52 27.33 15.66
C SER A 739 14.90 25.94 15.12
N MET A 740 14.41 25.53 13.91
CA MET A 740 14.74 24.23 13.33
C MET A 740 14.92 24.31 11.80
N LEU A 741 16.04 23.80 11.30
CA LEU A 741 16.39 23.79 9.89
C LEU A 741 16.96 22.41 9.58
N GLU A 742 16.27 21.61 8.74
CA GLU A 742 16.73 20.27 8.41
C GLU A 742 17.36 20.29 7.03
N LEU A 743 18.57 19.72 6.91
CA LEU A 743 19.31 19.70 5.64
C LEU A 743 20.02 18.37 5.34
N HIS A 744 19.75 17.31 6.12
CA HIS A 744 20.37 16.01 5.88
C HIS A 744 19.93 15.41 4.54
N GLY A 745 20.82 14.70 3.87
CA GLY A 745 20.49 14.07 2.59
C GLY A 745 20.60 14.96 1.37
N ASN A 746 21.21 16.14 1.49
CA ASN A 746 21.43 17.03 0.34
C ASN A 746 22.85 16.78 -0.20
N PRO A 747 23.08 16.80 -1.54
CA PRO A 747 24.44 16.55 -2.06
C PRO A 747 25.34 17.78 -1.97
N PHE A 748 25.84 18.05 -0.77
CA PHE A 748 26.67 19.24 -0.52
C PHE A 748 28.07 19.19 -1.11
N GLU A 749 28.44 20.21 -1.90
CA GLU A 749 29.77 20.35 -2.49
C GLU A 749 30.65 21.09 -1.47
N CYS A 750 31.45 20.34 -0.71
CA CYS A 750 32.30 20.87 0.35
C CYS A 750 33.63 21.44 -0.12
N THR A 751 33.56 22.50 -0.92
CA THR A 751 34.69 23.30 -1.35
C THR A 751 34.71 24.51 -0.34
N CYS A 752 35.46 25.60 -0.63
CA CYS A 752 35.45 26.79 0.24
C CYS A 752 34.07 27.51 0.19
N ASP A 753 33.24 27.26 -0.86
CA ASP A 753 31.92 27.85 -1.02
C ASP A 753 30.92 27.44 0.07
N ILE A 754 31.19 26.35 0.81
CA ILE A 754 30.33 25.96 1.95
C ILE A 754 30.72 26.70 3.26
N GLY A 755 31.77 27.54 3.23
CA GLY A 755 32.25 28.28 4.39
C GLY A 755 31.29 29.36 4.87
N ASP A 756 30.56 30.01 3.95
CA ASP A 756 29.57 31.03 4.35
C ASP A 756 28.46 30.37 5.18
N PHE A 757 28.03 29.15 4.79
CA PHE A 757 27.00 28.45 5.55
C PHE A 757 27.53 27.96 6.91
N ARG A 758 28.78 27.51 6.96
CA ARG A 758 29.40 27.08 8.23
C ARG A 758 29.55 28.28 9.17
N ARG A 759 29.91 29.46 8.63
CA ARG A 759 30.01 30.68 9.44
C ARG A 759 28.62 31.10 9.95
N TRP A 760 27.57 30.90 9.14
CA TRP A 760 26.19 31.18 9.54
C TRP A 760 25.77 30.26 10.67
N MET A 761 26.14 28.97 10.60
CA MET A 761 25.83 27.98 11.64
C MET A 761 26.46 28.38 12.97
N ASP A 762 27.70 28.89 12.95
CA ASP A 762 28.40 29.33 14.15
C ASP A 762 27.73 30.59 14.74
N GLU A 763 27.29 31.50 13.87
CA GLU A 763 26.63 32.74 14.30
C GLU A 763 25.22 32.50 14.87
N HIS A 764 24.50 31.47 14.37
CA HIS A 764 23.13 31.19 14.82
C HIS A 764 23.00 29.84 15.52
N LEU A 765 23.45 29.77 16.77
CA LEU A 765 23.36 28.54 17.57
C LEU A 765 21.91 28.27 18.04
N ASN A 766 21.04 29.30 18.05
CA ASN A 766 19.63 29.17 18.43
C ASN A 766 18.82 28.29 17.44
N VAL A 767 19.26 28.19 16.16
CA VAL A 767 18.55 27.35 15.19
C VAL A 767 19.26 25.97 15.22
N LYS A 768 18.51 24.91 15.56
CA LYS A 768 19.03 23.56 15.64
C LYS A 768 18.95 22.89 14.27
N ILE A 769 20.05 22.27 13.85
CA ILE A 769 20.11 21.52 12.59
C ILE A 769 20.25 20.07 13.01
N PRO A 770 19.16 19.27 13.02
CA PRO A 770 19.28 17.88 13.47
C PRO A 770 20.05 16.99 12.51
N ARG A 771 20.44 15.80 12.99
CA ARG A 771 21.15 14.79 12.18
C ARG A 771 22.36 15.36 11.44
N LEU A 772 23.21 16.06 12.19
CA LEU A 772 24.42 16.70 11.65
C LEU A 772 25.38 15.69 11.02
N VAL A 773 25.39 14.42 11.48
CA VAL A 773 26.22 13.38 10.84
C VAL A 773 25.66 12.97 9.48
N ASP A 774 24.34 13.18 9.21
CA ASP A 774 23.71 12.89 7.91
C ASP A 774 23.72 14.11 6.96
N VAL A 775 24.25 15.27 7.38
CA VAL A 775 24.42 16.46 6.55
C VAL A 775 25.84 16.27 5.99
N ILE A 776 25.95 15.32 5.06
CA ILE A 776 27.20 14.82 4.48
C ILE A 776 27.62 15.55 3.20
N CYS A 777 28.95 15.63 2.97
CA CYS A 777 29.52 16.19 1.75
C CYS A 777 29.42 15.13 0.65
N ALA A 778 29.01 15.49 -0.56
CA ALA A 778 29.01 14.58 -1.70
C ALA A 778 30.34 14.72 -2.51
N SER A 779 30.99 15.89 -2.46
CA SER A 779 32.25 16.17 -3.15
C SER A 779 33.09 17.14 -2.29
N PRO A 780 34.44 17.20 -2.46
CA PRO A 780 35.28 16.37 -3.33
C PRO A 780 35.52 14.97 -2.73
N GLY A 781 36.28 14.14 -3.46
CA GLY A 781 36.57 12.77 -3.06
C GLY A 781 37.14 12.57 -1.67
N ASP A 782 38.12 13.40 -1.29
CA ASP A 782 38.78 13.29 0.04
C ASP A 782 37.85 13.64 1.23
N GLN A 783 36.64 14.20 0.99
CA GLN A 783 35.66 14.47 2.06
C GLN A 783 34.27 13.93 1.68
N ARG A 784 34.19 12.87 0.86
CA ARG A 784 32.93 12.33 0.35
C ARG A 784 31.94 11.80 1.40
N GLY A 785 32.43 11.18 2.48
CA GLY A 785 31.56 10.64 3.51
C GLY A 785 31.46 11.46 4.79
N LYS A 786 32.26 12.54 4.91
CA LYS A 786 32.30 13.35 6.12
C LYS A 786 31.13 14.31 6.26
N SER A 787 30.83 14.70 7.51
CA SER A 787 29.81 15.70 7.81
C SER A 787 30.32 17.08 7.40
N ILE A 788 29.41 18.06 7.21
CA ILE A 788 29.77 19.44 6.86
C ILE A 788 30.80 20.03 7.83
N VAL A 789 30.67 19.74 9.13
CA VAL A 789 31.60 20.24 10.14
C VAL A 789 32.95 19.47 10.06
N SER A 790 33.94 20.06 9.36
CA SER A 790 35.27 19.47 9.19
C SER A 790 36.28 20.53 8.71
N ARG B 6 27.20 6.67 -31.43
CA ARG B 6 26.43 5.55 -30.89
C ARG B 6 24.95 5.66 -31.29
N SER B 7 24.29 6.81 -31.00
CA SER B 7 22.87 7.02 -31.35
C SER B 7 22.34 8.37 -30.83
N TYR B 8 22.56 8.68 -29.54
CA TYR B 8 22.12 9.88 -28.81
C TYR B 8 21.35 10.97 -29.60
N PRO B 9 20.21 11.53 -29.10
CA PRO B 9 19.45 11.17 -27.88
C PRO B 9 18.40 10.06 -28.09
N CYS B 10 18.17 9.65 -29.35
CA CYS B 10 17.18 8.64 -29.72
C CYS B 10 17.73 7.21 -29.61
N ASP B 11 16.80 6.23 -29.56
CA ASP B 11 17.12 4.80 -29.57
C ASP B 11 16.76 4.30 -30.97
N GLU B 12 17.74 4.28 -31.89
CA GLU B 12 17.52 3.87 -33.27
C GLU B 12 17.57 2.35 -33.41
N LYS B 13 16.57 1.76 -34.08
CA LYS B 13 16.46 0.31 -34.31
C LYS B 13 15.95 0.03 -35.73
N LYS B 14 16.51 -0.99 -36.40
CA LYS B 14 16.09 -1.38 -37.75
C LYS B 14 15.11 -2.55 -37.64
N GLN B 15 13.80 -2.26 -37.75
CA GLN B 15 12.73 -3.26 -37.61
C GLN B 15 11.59 -2.98 -38.62
N ASN B 16 11.56 -3.57 -39.86
CA ASN B 16 12.52 -4.50 -40.48
C ASN B 16 13.21 -3.81 -41.69
N ASP B 17 12.41 -3.29 -42.62
CA ASP B 17 12.92 -2.54 -43.78
C ASP B 17 13.15 -1.09 -43.36
N SER B 18 12.22 -0.52 -42.56
CA SER B 18 12.27 0.84 -42.06
C SER B 18 13.15 0.96 -40.80
N VAL B 19 13.80 2.12 -40.64
CA VAL B 19 14.65 2.45 -39.48
C VAL B 19 13.86 3.38 -38.55
N ILE B 20 13.51 2.90 -37.34
CA ILE B 20 12.72 3.65 -36.37
C ILE B 20 13.64 4.36 -35.36
N ALA B 21 13.26 5.58 -34.95
CA ALA B 21 14.01 6.37 -33.96
C ALA B 21 13.06 6.79 -32.83
N GLU B 22 13.28 6.26 -31.62
CA GLU B 22 12.45 6.58 -30.46
C GLU B 22 13.11 7.70 -29.65
N CYS B 23 12.59 8.93 -29.75
CA CYS B 23 13.12 10.07 -28.97
C CYS B 23 12.03 10.65 -28.06
N SER B 24 11.09 9.83 -27.59
CA SER B 24 10.00 10.31 -26.74
C SER B 24 10.42 10.44 -25.28
N ASN B 25 9.83 11.43 -24.58
CA ASN B 25 10.04 11.67 -23.16
C ASN B 25 11.52 11.80 -22.75
N ARG B 26 12.28 12.65 -23.44
CA ARG B 26 13.69 12.91 -23.14
C ARG B 26 13.95 14.43 -22.94
N ARG B 27 12.94 15.19 -22.43
CA ARG B 27 12.95 16.63 -22.17
C ARG B 27 13.75 17.43 -23.21
N LEU B 28 13.52 17.14 -24.48
CA LEU B 28 14.21 17.80 -25.59
C LEU B 28 13.56 19.16 -25.81
N GLN B 29 14.36 20.24 -25.74
CA GLN B 29 13.87 21.60 -25.93
C GLN B 29 13.64 21.95 -27.42
N GLU B 30 14.28 21.19 -28.33
CA GLU B 30 14.18 21.35 -29.78
C GLU B 30 14.37 19.97 -30.45
N VAL B 31 14.06 19.85 -31.76
CA VAL B 31 14.26 18.58 -32.45
C VAL B 31 15.79 18.37 -32.59
N PRO B 32 16.31 17.18 -32.21
CA PRO B 32 17.77 16.99 -32.27
C PRO B 32 18.32 16.92 -33.69
N GLN B 33 19.44 17.62 -33.94
CA GLN B 33 20.09 17.58 -35.25
C GLN B 33 21.10 16.41 -35.35
N THR B 34 21.04 15.43 -34.41
CA THR B 34 21.90 14.25 -34.39
C THR B 34 21.10 12.96 -34.64
N VAL B 35 19.94 13.04 -35.33
CA VAL B 35 19.14 11.87 -35.67
C VAL B 35 19.77 11.25 -36.93
N GLY B 36 19.77 9.92 -37.01
CA GLY B 36 20.32 9.18 -38.15
C GLY B 36 19.73 9.61 -39.47
N LYS B 37 20.59 9.83 -40.48
CA LYS B 37 20.15 10.28 -41.80
C LYS B 37 19.14 9.32 -42.46
N TYR B 38 19.28 8.00 -42.23
CA TYR B 38 18.38 7.01 -42.83
C TYR B 38 17.14 6.66 -41.98
N VAL B 39 16.77 7.50 -40.97
CA VAL B 39 15.57 7.24 -40.17
C VAL B 39 14.33 7.48 -41.03
N THR B 40 13.33 6.60 -40.91
CA THR B 40 12.07 6.67 -41.65
C THR B 40 10.89 7.04 -40.72
N GLU B 41 10.93 6.62 -39.45
CA GLU B 41 9.85 6.92 -38.50
C GLU B 41 10.46 7.55 -37.25
N LEU B 42 10.10 8.81 -36.95
CA LEU B 42 10.65 9.57 -35.83
C LEU B 42 9.58 9.89 -34.77
N ASP B 43 9.81 9.48 -33.51
CA ASP B 43 8.88 9.74 -32.43
C ASP B 43 9.46 10.75 -31.45
N LEU B 44 9.02 12.01 -31.54
CA LEU B 44 9.44 13.10 -30.65
C LEU B 44 8.34 13.51 -29.67
N SER B 45 7.40 12.61 -29.33
CA SER B 45 6.33 12.94 -28.41
C SER B 45 6.80 13.12 -26.95
N ASP B 46 6.02 13.84 -26.13
CA ASP B 46 6.31 14.07 -24.71
C ASP B 46 7.65 14.77 -24.43
N ASN B 47 7.97 15.80 -25.20
CA ASN B 47 9.19 16.59 -25.01
C ASN B 47 8.81 18.08 -24.76
N PHE B 48 9.81 18.97 -24.62
CA PHE B 48 9.54 20.39 -24.44
C PHE B 48 9.82 21.17 -25.74
N ILE B 49 9.52 20.55 -26.90
CA ILE B 49 9.75 21.20 -28.19
C ILE B 49 8.68 22.27 -28.37
N THR B 50 9.10 23.50 -28.70
CA THR B 50 8.21 24.65 -28.84
C THR B 50 8.11 25.17 -30.27
N HIS B 51 9.12 24.90 -31.12
CA HIS B 51 9.14 25.43 -32.48
C HIS B 51 9.50 24.38 -33.52
N ILE B 52 8.83 24.44 -34.68
CA ILE B 52 9.06 23.57 -35.83
C ILE B 52 9.20 24.50 -37.04
N THR B 53 10.30 24.38 -37.78
CA THR B 53 10.56 25.18 -38.98
C THR B 53 10.98 24.24 -40.16
N ASN B 54 11.18 24.80 -41.40
CA ASN B 54 11.70 24.05 -42.56
C ASN B 54 13.10 23.45 -42.33
N GLU B 55 13.82 23.96 -41.32
CA GLU B 55 15.15 23.49 -40.97
C GLU B 55 15.14 22.40 -39.89
N SER B 56 14.02 22.22 -39.17
CA SER B 56 13.90 21.22 -38.11
C SER B 56 14.19 19.79 -38.60
N PHE B 57 13.62 19.40 -39.75
CA PHE B 57 13.85 18.08 -40.32
C PHE B 57 14.66 18.22 -41.60
N GLN B 58 15.88 18.75 -41.46
CA GLN B 58 16.81 18.94 -42.58
C GLN B 58 17.70 17.70 -42.64
N GLY B 59 17.84 17.10 -43.82
CA GLY B 59 18.67 15.92 -43.99
C GLY B 59 18.01 14.59 -43.63
N LEU B 60 16.71 14.60 -43.27
CA LEU B 60 15.95 13.39 -42.98
C LEU B 60 14.96 13.21 -44.14
N GLN B 61 15.48 13.10 -45.37
CA GLN B 61 14.67 12.98 -46.59
C GLN B 61 13.74 11.76 -46.64
N ASN B 62 14.17 10.60 -46.09
CA ASN B 62 13.37 9.37 -46.13
C ASN B 62 12.39 9.28 -44.93
N LEU B 63 11.98 10.43 -44.38
CA LEU B 63 11.06 10.45 -43.23
C LEU B 63 9.62 10.25 -43.73
N THR B 64 8.99 9.13 -43.35
CA THR B 64 7.61 8.78 -43.70
C THR B 64 6.65 9.05 -42.52
N LYS B 65 7.14 9.01 -41.26
CA LYS B 65 6.30 9.23 -40.09
C LYS B 65 6.98 10.14 -39.08
N ILE B 66 6.20 11.09 -38.51
CA ILE B 66 6.66 12.01 -37.47
C ILE B 66 5.56 12.08 -36.42
N ASN B 67 5.93 11.93 -35.16
CA ASN B 67 5.00 12.05 -34.05
C ASN B 67 5.52 13.13 -33.12
N LEU B 68 4.81 14.27 -33.05
CA LEU B 68 5.18 15.39 -32.18
C LEU B 68 4.08 15.62 -31.12
N ASN B 69 3.39 14.55 -30.67
CA ASN B 69 2.31 14.64 -29.69
C ASN B 69 2.80 15.18 -28.33
N HIS B 70 1.93 15.91 -27.61
CA HIS B 70 2.23 16.42 -26.27
C HIS B 70 3.51 17.28 -26.23
N ASN B 71 3.64 18.24 -27.16
CA ASN B 71 4.80 19.13 -27.21
C ASN B 71 4.33 20.57 -27.25
N PRO B 72 4.78 21.48 -26.35
CA PRO B 72 5.65 21.26 -25.18
C PRO B 72 4.87 20.64 -24.03
N ASN B 73 5.52 19.79 -23.21
CA ASN B 73 4.87 19.17 -22.06
C ASN B 73 5.01 20.08 -20.82
N VAL B 74 4.60 21.37 -20.97
CA VAL B 74 4.61 22.48 -19.99
C VAL B 74 5.98 22.70 -19.30
N GLN B 75 6.29 24.00 -19.01
CA GLN B 75 7.54 24.46 -18.40
C GLN B 75 7.96 23.69 -17.15
N GLY B 87 2.42 26.28 -26.22
CA GLY B 87 1.92 25.61 -27.42
C GLY B 87 2.96 25.49 -28.51
N LEU B 88 2.83 24.46 -29.35
CA LEU B 88 3.79 24.22 -30.44
C LEU B 88 3.56 25.22 -31.57
N ASN B 89 4.61 25.98 -31.92
CA ASN B 89 4.56 26.93 -33.01
C ASN B 89 5.14 26.22 -34.23
N ILE B 90 4.35 26.14 -35.31
CA ILE B 90 4.75 25.51 -36.56
C ILE B 90 4.68 26.56 -37.66
N THR B 91 5.80 26.82 -38.34
CA THR B 91 5.80 27.80 -39.43
C THR B 91 5.06 27.23 -40.65
N ASP B 92 4.60 28.11 -41.53
CA ASP B 92 3.86 27.69 -42.72
C ASP B 92 4.84 26.96 -43.66
N GLY B 93 4.50 25.73 -44.01
CA GLY B 93 5.34 24.91 -44.89
C GLY B 93 6.58 24.35 -44.22
N ALA B 94 6.55 24.12 -42.90
CA ALA B 94 7.70 23.57 -42.19
C ALA B 94 8.05 22.14 -42.66
N PHE B 95 7.03 21.25 -42.81
CA PHE B 95 7.22 19.86 -43.27
C PHE B 95 7.09 19.74 -44.81
N LEU B 96 7.14 20.86 -45.56
CA LEU B 96 6.92 20.86 -46.99
C LEU B 96 8.08 20.26 -47.81
N ASN B 97 9.31 20.30 -47.28
CA ASN B 97 10.45 19.69 -47.96
C ASN B 97 10.47 18.14 -47.80
N LEU B 98 9.72 17.58 -46.85
CA LEU B 98 9.67 16.15 -46.62
C LEU B 98 8.72 15.52 -47.65
N LYS B 99 9.29 15.16 -48.82
CA LYS B 99 8.53 14.62 -49.94
C LYS B 99 8.00 13.19 -49.72
N ASN B 100 8.51 12.47 -48.71
CA ASN B 100 8.06 11.12 -48.38
C ASN B 100 7.17 11.06 -47.11
N LEU B 101 6.84 12.21 -46.48
CA LEU B 101 6.04 12.23 -45.25
C LEU B 101 4.60 11.78 -45.50
N ARG B 102 4.18 10.69 -44.85
CA ARG B 102 2.86 10.10 -44.97
C ARG B 102 2.03 10.27 -43.68
N GLU B 103 2.64 9.98 -42.52
CA GLU B 103 1.97 10.05 -41.23
C GLU B 103 2.52 11.22 -40.41
N LEU B 104 1.63 12.10 -39.93
CA LEU B 104 2.04 13.23 -39.12
C LEU B 104 1.09 13.35 -37.93
N LEU B 105 1.58 13.01 -36.73
CA LEU B 105 0.75 13.08 -35.53
C LEU B 105 1.09 14.37 -34.78
N LEU B 106 0.08 15.22 -34.60
CA LEU B 106 0.23 16.50 -33.93
C LEU B 106 -0.91 16.67 -32.94
N GLU B 107 -0.95 15.79 -31.95
CA GLU B 107 -1.96 15.80 -30.90
C GLU B 107 -1.47 16.54 -29.67
N ASP B 108 -2.39 17.16 -28.91
CA ASP B 108 -2.07 17.86 -27.66
C ASP B 108 -0.89 18.85 -27.80
N ASN B 109 -0.99 19.72 -28.78
CA ASN B 109 0.01 20.73 -29.08
C ASN B 109 -0.52 22.17 -28.93
N GLN B 110 -1.77 22.36 -28.43
CA GLN B 110 -2.41 23.67 -28.26
C GLN B 110 -2.45 24.45 -29.58
N LEU B 111 -2.55 23.74 -30.72
CA LEU B 111 -2.56 24.41 -32.02
C LEU B 111 -3.85 25.21 -32.19
N PRO B 112 -3.77 26.51 -32.52
CA PRO B 112 -5.00 27.30 -32.70
C PRO B 112 -5.65 27.15 -34.07
N GLN B 113 -4.91 26.66 -35.07
CA GLN B 113 -5.37 26.47 -36.45
C GLN B 113 -4.74 25.19 -37.04
N ILE B 114 -5.25 24.73 -38.20
CA ILE B 114 -4.64 23.60 -38.90
C ILE B 114 -3.34 24.17 -39.51
N PRO B 115 -2.15 23.57 -39.29
CA PRO B 115 -0.92 24.14 -39.87
C PRO B 115 -1.01 24.40 -41.38
N SER B 116 -0.58 25.59 -41.82
CA SER B 116 -0.60 25.94 -43.23
C SER B 116 0.55 25.27 -43.96
N GLY B 117 0.36 25.01 -45.25
CA GLY B 117 1.37 24.40 -46.09
C GLY B 117 1.78 22.99 -45.70
N LEU B 118 0.81 22.12 -45.30
CA LEU B 118 1.16 20.74 -44.99
C LEU B 118 1.44 20.00 -46.30
N PRO B 119 2.34 18.99 -46.31
CA PRO B 119 2.68 18.33 -47.58
C PRO B 119 1.57 17.48 -48.18
N GLU B 120 1.41 17.55 -49.51
CA GLU B 120 0.39 16.82 -50.27
C GLU B 120 0.53 15.29 -50.15
N SER B 121 1.73 14.79 -49.79
CA SER B 121 1.95 13.35 -49.63
C SER B 121 1.29 12.70 -48.40
N LEU B 122 0.75 13.50 -47.46
CA LEU B 122 0.15 12.95 -46.25
C LEU B 122 -1.03 12.01 -46.51
N THR B 123 -0.99 10.80 -45.92
CA THR B 123 -2.05 9.80 -45.94
C THR B 123 -2.78 9.75 -44.57
N GLU B 124 -2.09 10.10 -43.47
CA GLU B 124 -2.70 10.13 -42.13
C GLU B 124 -2.30 11.43 -41.44
N LEU B 125 -3.29 12.13 -40.84
CA LEU B 125 -3.05 13.38 -40.12
C LEU B 125 -3.91 13.36 -38.87
N SER B 126 -3.27 13.42 -37.71
CA SER B 126 -3.97 13.47 -36.44
C SER B 126 -3.74 14.82 -35.78
N LEU B 127 -4.81 15.59 -35.57
CA LEU B 127 -4.79 16.88 -34.89
C LEU B 127 -5.75 16.85 -33.69
N ILE B 128 -5.75 15.72 -32.96
CA ILE B 128 -6.58 15.51 -31.76
C ILE B 128 -6.08 16.37 -30.59
N GLN B 129 -6.99 16.82 -29.69
CA GLN B 129 -6.60 17.56 -28.48
C GLN B 129 -5.87 18.89 -28.74
N ASN B 130 -6.38 19.70 -29.66
CA ASN B 130 -5.82 21.01 -29.95
C ASN B 130 -6.95 22.06 -29.75
N ASN B 131 -6.71 23.33 -30.13
CA ASN B 131 -7.69 24.40 -30.02
C ASN B 131 -8.12 24.80 -31.45
N ILE B 132 -8.31 23.82 -32.34
CA ILE B 132 -8.69 24.07 -33.73
C ILE B 132 -10.21 24.10 -33.81
N TYR B 133 -10.79 25.28 -34.10
CA TYR B 133 -12.25 25.46 -34.19
C TYR B 133 -12.74 25.80 -35.60
N ASN B 134 -11.85 25.80 -36.61
CA ASN B 134 -12.25 26.09 -37.98
C ASN B 134 -11.52 25.12 -38.89
N ILE B 135 -12.29 24.30 -39.65
CA ILE B 135 -11.75 23.33 -40.60
C ILE B 135 -11.90 24.01 -41.96
N THR B 136 -10.78 24.50 -42.52
CA THR B 136 -10.78 25.29 -43.74
C THR B 136 -10.15 24.58 -44.94
N LYS B 137 -10.52 25.03 -46.16
CA LYS B 137 -9.98 24.51 -47.42
C LYS B 137 -8.49 24.84 -47.54
N GLU B 138 -8.07 26.02 -47.07
CA GLU B 138 -6.65 26.38 -47.08
C GLU B 138 -5.82 25.38 -46.23
N GLY B 139 -6.41 24.86 -45.16
CA GLY B 139 -5.75 23.90 -44.29
C GLY B 139 -5.69 22.48 -44.82
N ILE B 140 -6.77 21.93 -45.44
CA ILE B 140 -6.75 20.52 -45.85
C ILE B 140 -7.17 20.19 -47.31
N SER B 141 -7.82 21.08 -48.09
CA SER B 141 -8.25 20.72 -49.46
C SER B 141 -7.13 20.26 -50.41
N ARG B 142 -5.88 20.71 -50.21
CA ARG B 142 -4.77 20.26 -51.04
C ARG B 142 -4.22 18.88 -50.61
N LEU B 143 -4.69 18.30 -49.47
CA LEU B 143 -4.24 17.01 -48.98
C LEU B 143 -5.12 15.89 -49.56
N ILE B 144 -5.15 15.81 -50.89
CA ILE B 144 -5.96 14.85 -51.65
C ILE B 144 -5.57 13.37 -51.44
N ASN B 145 -4.39 13.10 -50.87
CA ASN B 145 -3.98 11.73 -50.59
C ASN B 145 -4.39 11.26 -49.17
N LEU B 146 -5.03 12.13 -48.35
CA LEU B 146 -5.45 11.74 -47.00
C LEU B 146 -6.42 10.57 -47.02
N LYS B 147 -6.11 9.54 -46.23
CA LYS B 147 -6.93 8.36 -45.98
C LYS B 147 -7.51 8.52 -44.58
N ASN B 148 -6.67 8.86 -43.56
CA ASN B 148 -7.12 9.01 -42.18
C ASN B 148 -6.96 10.44 -41.68
N LEU B 149 -8.05 11.05 -41.22
CA LEU B 149 -8.03 12.42 -40.70
C LEU B 149 -8.71 12.46 -39.34
N TYR B 150 -7.93 12.73 -38.27
CA TYR B 150 -8.48 12.84 -36.93
C TYR B 150 -8.44 14.28 -36.47
N LEU B 151 -9.61 14.86 -36.16
CA LEU B 151 -9.75 16.22 -35.63
C LEU B 151 -10.59 16.21 -34.33
N ALA B 152 -10.64 15.07 -33.62
CA ALA B 152 -11.44 14.92 -32.41
C ALA B 152 -10.86 15.66 -31.19
N TRP B 153 -11.73 15.93 -30.19
CA TRP B 153 -11.38 16.54 -28.91
C TRP B 153 -10.71 17.91 -29.01
N ASN B 154 -11.28 18.81 -29.82
CA ASN B 154 -10.79 20.18 -29.91
C ASN B 154 -11.71 21.11 -29.08
N CYS B 155 -13.03 20.81 -28.98
CA CYS B 155 -13.95 21.62 -28.17
C CYS B 155 -14.97 20.70 -27.48
N TYR B 156 -14.86 20.54 -26.15
CA TYR B 156 -15.69 19.60 -25.42
C TYR B 156 -15.76 19.91 -23.92
N PHE B 157 -16.72 19.29 -23.21
CA PHE B 157 -16.86 19.39 -21.75
C PHE B 157 -16.90 20.88 -21.29
N ASN B 158 -16.35 21.24 -20.10
CA ASN B 158 -16.31 22.63 -19.65
C ASN B 158 -15.04 23.35 -20.14
N LYS B 159 -14.47 22.90 -21.27
CA LYS B 159 -13.31 23.59 -21.86
C LYS B 159 -13.84 24.87 -22.49
N VAL B 160 -13.15 26.00 -22.28
CA VAL B 160 -13.55 27.26 -22.88
C VAL B 160 -13.13 27.15 -24.34
N CYS B 161 -14.10 27.11 -25.26
CA CYS B 161 -13.79 26.93 -26.68
C CYS B 161 -14.92 27.40 -27.57
N GLU B 162 -14.57 27.77 -28.80
CA GLU B 162 -15.54 28.24 -29.80
C GLU B 162 -16.24 27.06 -30.48
N LYS B 163 -17.40 27.33 -31.11
CA LYS B 163 -18.17 26.32 -31.85
C LYS B 163 -17.38 25.92 -33.11
N THR B 164 -17.41 24.65 -33.51
CA THR B 164 -16.64 24.19 -34.68
C THR B 164 -17.26 24.56 -36.02
N ASN B 165 -16.61 25.46 -36.76
CA ASN B 165 -17.06 25.84 -38.09
C ASN B 165 -16.36 24.94 -39.09
N ILE B 166 -17.12 24.26 -39.95
CA ILE B 166 -16.57 23.41 -40.99
C ILE B 166 -16.89 24.14 -42.30
N GLU B 167 -15.88 24.55 -43.06
CA GLU B 167 -16.11 25.25 -44.32
C GLU B 167 -16.83 24.32 -45.31
N ASP B 168 -17.83 24.86 -46.03
CA ASP B 168 -18.65 24.08 -46.95
C ASP B 168 -17.80 23.34 -48.00
N GLY B 169 -17.96 22.03 -48.07
CA GLY B 169 -17.24 21.22 -49.03
C GLY B 169 -15.76 21.07 -48.76
N VAL B 170 -15.33 21.21 -47.49
CA VAL B 170 -13.92 21.11 -47.14
C VAL B 170 -13.37 19.69 -47.34
N PHE B 171 -14.16 18.65 -47.03
CA PHE B 171 -13.76 17.26 -47.20
C PHE B 171 -14.05 16.71 -48.62
N GLU B 172 -14.78 17.46 -49.46
CA GLU B 172 -15.21 17.03 -50.79
C GLU B 172 -14.06 16.60 -51.71
N THR B 173 -12.95 17.37 -51.72
CA THR B 173 -11.77 17.06 -52.53
C THR B 173 -10.96 15.86 -52.01
N LEU B 174 -11.21 15.39 -50.77
CA LEU B 174 -10.47 14.27 -50.22
C LEU B 174 -11.12 12.97 -50.71
N THR B 175 -10.91 12.68 -52.00
CA THR B 175 -11.48 11.52 -52.70
C THR B 175 -10.95 10.16 -52.22
N ASN B 176 -9.84 10.12 -51.46
CA ASN B 176 -9.30 8.87 -50.89
C ASN B 176 -9.53 8.76 -49.37
N LEU B 177 -10.32 9.69 -48.76
CA LEU B 177 -10.56 9.67 -47.32
C LEU B 177 -11.42 8.48 -46.90
N GLU B 178 -10.85 7.62 -46.04
CA GLU B 178 -11.47 6.41 -45.50
C GLU B 178 -11.92 6.61 -44.07
N LEU B 179 -11.16 7.36 -43.25
CA LEU B 179 -11.51 7.60 -41.87
C LEU B 179 -11.55 9.10 -41.58
N LEU B 180 -12.67 9.57 -41.00
CA LEU B 180 -12.84 10.96 -40.60
C LEU B 180 -13.39 10.94 -39.18
N SER B 181 -12.64 11.50 -38.24
CA SER B 181 -13.09 11.59 -36.85
C SER B 181 -13.21 13.04 -36.43
N LEU B 182 -14.44 13.45 -36.09
CA LEU B 182 -14.72 14.81 -35.61
C LEU B 182 -15.39 14.78 -34.23
N SER B 183 -15.25 13.67 -33.47
CA SER B 183 -15.85 13.50 -32.17
C SER B 183 -15.39 14.54 -31.15
N PHE B 184 -16.20 14.79 -30.12
CA PHE B 184 -15.87 15.73 -29.05
C PHE B 184 -15.51 17.11 -29.60
N ASN B 185 -16.41 17.63 -30.43
CA ASN B 185 -16.39 18.96 -31.06
C ASN B 185 -17.84 19.43 -31.15
N SER B 186 -18.09 20.74 -31.06
CA SER B 186 -19.46 21.25 -31.18
C SER B 186 -19.79 21.44 -32.67
N LEU B 187 -20.50 20.46 -33.28
CA LEU B 187 -20.87 20.52 -34.71
C LEU B 187 -22.33 20.93 -34.94
N SER B 188 -23.28 20.40 -34.15
CA SER B 188 -24.73 20.65 -34.28
C SER B 188 -25.40 19.90 -35.45
N HIS B 189 -24.69 19.78 -36.58
CA HIS B 189 -25.21 19.10 -37.78
C HIS B 189 -24.13 18.19 -38.37
N VAL B 190 -24.55 17.18 -39.14
CA VAL B 190 -23.61 16.31 -39.83
C VAL B 190 -23.02 17.15 -40.97
N PRO B 191 -21.68 17.30 -41.09
CA PRO B 191 -21.14 18.14 -42.17
C PRO B 191 -21.59 17.67 -43.56
N PRO B 192 -22.13 18.57 -44.41
CA PRO B 192 -22.52 18.15 -45.77
C PRO B 192 -21.32 17.94 -46.69
N LYS B 193 -21.56 17.35 -47.87
CA LYS B 193 -20.54 17.11 -48.90
C LYS B 193 -19.35 16.28 -48.40
N LEU B 194 -19.65 15.08 -47.87
CA LEU B 194 -18.62 14.15 -47.41
C LEU B 194 -18.23 13.22 -48.57
N PRO B 195 -16.94 12.83 -48.70
CA PRO B 195 -16.56 11.95 -49.82
C PRO B 195 -17.13 10.54 -49.69
N SER B 196 -17.62 9.97 -50.81
CA SER B 196 -18.21 8.63 -50.83
C SER B 196 -17.21 7.51 -50.54
N SER B 197 -15.90 7.80 -50.57
CA SER B 197 -14.86 6.81 -50.22
C SER B 197 -14.84 6.48 -48.71
N LEU B 198 -15.47 7.31 -47.85
CA LEU B 198 -15.49 7.11 -46.39
C LEU B 198 -15.95 5.71 -45.97
N ARG B 199 -15.18 5.12 -45.05
CA ARG B 199 -15.42 3.82 -44.46
C ARG B 199 -15.79 3.98 -42.99
N LYS B 200 -15.16 4.93 -42.27
CA LYS B 200 -15.39 5.16 -40.85
C LYS B 200 -15.61 6.62 -40.58
N LEU B 201 -16.75 6.95 -39.95
CA LEU B 201 -17.12 8.32 -39.65
C LEU B 201 -17.43 8.40 -38.16
N PHE B 202 -16.60 9.14 -37.39
CA PHE B 202 -16.83 9.29 -35.96
C PHE B 202 -17.37 10.68 -35.66
N LEU B 203 -18.60 10.73 -35.10
CA LEU B 203 -19.31 11.97 -34.75
C LEU B 203 -19.88 11.87 -33.33
N SER B 204 -19.10 11.28 -32.41
CA SER B 204 -19.53 11.11 -31.04
C SER B 204 -19.42 12.43 -30.28
N ASN B 205 -20.36 12.74 -29.39
CA ASN B 205 -20.32 13.98 -28.58
C ASN B 205 -20.12 15.23 -29.44
N THR B 206 -20.94 15.37 -30.48
CA THR B 206 -20.87 16.50 -31.41
C THR B 206 -22.10 17.43 -31.35
N GLN B 207 -23.05 17.19 -30.42
CA GLN B 207 -24.27 17.99 -30.26
C GLN B 207 -25.18 17.91 -31.50
N ILE B 208 -25.15 16.76 -32.21
CA ILE B 208 -26.03 16.53 -33.36
C ILE B 208 -27.30 15.90 -32.81
N LYS B 209 -28.38 16.70 -32.65
CA LYS B 209 -29.64 16.22 -32.09
C LYS B 209 -30.55 15.53 -33.13
N TYR B 210 -30.39 15.84 -34.44
CA TYR B 210 -31.26 15.28 -35.49
C TYR B 210 -30.44 14.76 -36.67
N ILE B 211 -30.78 13.54 -37.14
CA ILE B 211 -30.16 12.90 -38.31
C ILE B 211 -31.25 12.77 -39.37
N SER B 212 -31.11 13.50 -40.49
CA SER B 212 -32.05 13.47 -41.60
C SER B 212 -31.65 12.38 -42.63
N GLU B 213 -32.49 12.19 -43.66
CA GLU B 213 -32.25 11.24 -44.74
C GLU B 213 -31.03 11.64 -45.62
N GLU B 214 -30.72 12.94 -45.69
CA GLU B 214 -29.62 13.45 -46.54
C GLU B 214 -28.22 13.38 -45.91
N ASP B 215 -28.10 13.34 -44.58
CA ASP B 215 -26.81 13.39 -43.88
C ASP B 215 -25.80 12.30 -44.30
N PHE B 216 -26.25 11.05 -44.45
CA PHE B 216 -25.38 9.95 -44.84
C PHE B 216 -25.76 9.39 -46.20
N LYS B 217 -26.06 10.32 -47.15
CA LYS B 217 -26.46 9.98 -48.50
C LYS B 217 -25.20 9.72 -49.35
N GLY B 218 -25.21 8.67 -50.16
CA GLY B 218 -24.07 8.34 -51.00
C GLY B 218 -22.89 7.72 -50.27
N LEU B 219 -23.01 7.41 -48.95
CA LEU B 219 -21.92 6.76 -48.22
C LEU B 219 -22.10 5.24 -48.28
N ILE B 220 -22.06 4.74 -49.52
CA ILE B 220 -22.24 3.33 -49.85
C ILE B 220 -21.08 2.44 -49.40
N ASN B 221 -19.91 3.02 -49.04
CA ASN B 221 -18.76 2.24 -48.54
C ASN B 221 -18.60 2.32 -47.01
N LEU B 222 -19.49 3.04 -46.30
CA LEU B 222 -19.39 3.20 -44.86
C LEU B 222 -19.61 1.90 -44.09
N THR B 223 -18.56 1.44 -43.38
CA THR B 223 -18.56 0.25 -42.53
C THR B 223 -18.73 0.63 -41.05
N LEU B 224 -18.41 1.88 -40.64
CA LEU B 224 -18.57 2.29 -39.24
C LEU B 224 -19.18 3.68 -39.14
N LEU B 225 -20.13 3.83 -38.20
CA LEU B 225 -20.76 5.12 -37.92
C LEU B 225 -20.88 5.23 -36.40
N ASP B 226 -20.29 6.28 -35.82
CA ASP B 226 -20.38 6.50 -34.39
C ASP B 226 -21.14 7.80 -34.15
N LEU B 227 -22.33 7.69 -33.56
CA LEU B 227 -23.18 8.83 -33.21
C LEU B 227 -23.46 8.88 -31.70
N SER B 228 -22.60 8.25 -30.88
CA SER B 228 -22.76 8.20 -29.44
C SER B 228 -22.64 9.58 -28.78
N GLY B 229 -23.22 9.74 -27.60
CA GLY B 229 -23.11 10.99 -26.85
C GLY B 229 -23.84 12.18 -27.41
N ASN B 230 -24.78 11.97 -28.35
CA ASN B 230 -25.56 13.04 -28.95
C ASN B 230 -26.94 12.89 -28.32
N CYS B 231 -27.33 13.87 -27.49
CA CYS B 231 -28.49 13.82 -26.60
C CYS B 231 -28.15 12.77 -25.55
N PRO B 232 -27.15 13.05 -24.70
CA PRO B 232 -26.71 12.04 -23.74
C PRO B 232 -27.59 11.79 -22.53
N ARG B 233 -27.44 10.59 -21.95
CA ARG B 233 -28.06 10.21 -20.71
C ARG B 233 -27.07 10.71 -19.64
N CYS B 234 -27.42 11.78 -18.91
CA CYS B 234 -26.51 12.44 -18.01
C CYS B 234 -26.61 12.10 -16.54
N PHE B 235 -27.59 11.28 -16.10
CA PHE B 235 -27.66 10.94 -14.67
C PHE B 235 -26.40 10.15 -14.26
N ASN B 236 -25.73 10.59 -13.18
CA ASN B 236 -24.54 9.98 -12.62
C ASN B 236 -23.35 9.88 -13.61
N ALA B 237 -23.24 10.87 -14.50
CA ALA B 237 -22.17 10.91 -15.50
C ALA B 237 -20.81 11.15 -14.83
N PRO B 238 -19.78 10.33 -15.12
CA PRO B 238 -18.44 10.62 -14.58
C PRO B 238 -17.68 11.71 -15.39
N PHE B 239 -18.39 12.59 -16.11
CA PHE B 239 -17.80 13.65 -16.94
C PHE B 239 -18.83 14.78 -17.15
N PRO B 240 -18.42 16.05 -17.46
CA PRO B 240 -19.42 17.10 -17.71
C PRO B 240 -20.40 16.68 -18.82
N CYS B 241 -21.70 16.72 -18.52
CA CYS B 241 -22.72 16.18 -19.40
C CYS B 241 -23.88 17.18 -19.56
N VAL B 242 -24.24 17.51 -20.81
CA VAL B 242 -25.34 18.42 -21.11
C VAL B 242 -26.39 17.65 -21.91
N PRO B 243 -27.56 17.34 -21.33
CA PRO B 243 -28.58 16.62 -22.10
C PRO B 243 -29.32 17.52 -23.08
N CYS B 244 -29.99 16.90 -24.06
CA CYS B 244 -30.85 17.63 -25.00
C CYS B 244 -32.05 18.15 -24.21
N ASP B 245 -32.73 19.20 -24.73
CA ASP B 245 -33.88 19.82 -24.04
C ASP B 245 -34.90 18.81 -23.49
N GLY B 246 -34.95 18.69 -22.17
CA GLY B 246 -35.84 17.77 -21.48
C GLY B 246 -35.41 16.32 -21.53
N GLY B 247 -34.10 16.09 -21.50
CA GLY B 247 -33.52 14.74 -21.58
C GLY B 247 -34.00 13.94 -22.78
N ALA B 248 -34.31 14.63 -23.89
CA ALA B 248 -34.86 14.04 -25.10
C ALA B 248 -33.87 13.13 -25.84
N SER B 249 -34.43 12.21 -26.62
CA SER B 249 -33.69 11.25 -27.43
C SER B 249 -33.07 11.92 -28.66
N ILE B 250 -32.08 11.25 -29.28
CA ILE B 250 -31.58 11.68 -30.58
C ILE B 250 -32.72 11.37 -31.58
N ASN B 251 -32.93 12.26 -32.54
CA ASN B 251 -34.00 12.10 -33.51
C ASN B 251 -33.39 11.57 -34.81
N ILE B 252 -33.52 10.25 -35.05
CA ILE B 252 -32.98 9.65 -36.27
C ILE B 252 -34.13 9.31 -37.20
N ASP B 253 -34.15 9.92 -38.39
CA ASP B 253 -35.19 9.66 -39.39
C ASP B 253 -35.23 8.18 -39.77
N ARG B 254 -36.43 7.66 -40.11
CA ARG B 254 -36.63 6.27 -40.52
C ARG B 254 -35.68 5.85 -41.64
N PHE B 255 -35.41 6.74 -42.59
CA PHE B 255 -34.55 6.44 -43.73
C PHE B 255 -33.13 7.02 -43.63
N ALA B 256 -32.66 7.43 -42.43
CA ALA B 256 -31.31 7.97 -42.22
C ALA B 256 -30.17 7.05 -42.64
N PHE B 257 -30.35 5.72 -42.47
CA PHE B 257 -29.32 4.74 -42.82
C PHE B 257 -29.68 3.88 -44.04
N GLN B 258 -30.60 4.37 -44.90
CA GLN B 258 -31.08 3.68 -46.12
C GLN B 258 -29.94 3.19 -47.05
N ASN B 259 -28.92 4.04 -47.31
CA ASN B 259 -27.80 3.70 -48.20
C ASN B 259 -26.60 3.07 -47.50
N LEU B 260 -26.62 2.90 -46.16
CA LEU B 260 -25.50 2.32 -45.42
C LEU B 260 -25.57 0.80 -45.45
N THR B 261 -25.49 0.25 -46.66
CA THR B 261 -25.58 -1.18 -46.92
C THR B 261 -24.38 -1.97 -46.42
N GLN B 262 -23.19 -1.33 -46.34
CA GLN B 262 -21.99 -2.01 -45.86
C GLN B 262 -21.70 -1.76 -44.38
N LEU B 263 -22.66 -1.19 -43.61
CA LEU B 263 -22.41 -0.91 -42.20
C LEU B 263 -22.21 -2.17 -41.36
N ARG B 264 -21.07 -2.24 -40.65
CA ARG B 264 -20.69 -3.33 -39.76
C ARG B 264 -20.68 -2.86 -38.30
N TYR B 265 -20.40 -1.56 -38.04
CA TYR B 265 -20.30 -1.01 -36.68
C TYR B 265 -21.21 0.20 -36.53
N LEU B 266 -22.08 0.20 -35.51
CA LEU B 266 -22.97 1.32 -35.25
C LEU B 266 -22.96 1.60 -33.76
N ASN B 267 -22.57 2.81 -33.37
CA ASN B 267 -22.50 3.19 -31.97
C ASN B 267 -23.54 4.27 -31.67
N LEU B 268 -24.57 3.91 -30.92
CA LEU B 268 -25.64 4.80 -30.51
C LEU B 268 -25.70 4.88 -28.98
N SER B 269 -24.55 4.77 -28.31
CA SER B 269 -24.46 4.82 -26.87
C SER B 269 -24.74 6.21 -26.40
N SER B 270 -25.46 6.35 -25.27
CA SER B 270 -25.75 7.64 -24.69
C SER B 270 -26.37 8.63 -25.68
N THR B 271 -27.41 8.17 -26.35
CA THR B 271 -28.22 8.98 -27.25
C THR B 271 -29.67 9.12 -26.68
N SER B 272 -29.89 8.72 -25.40
CA SER B 272 -31.16 8.81 -24.68
C SER B 272 -32.30 8.14 -25.45
N LEU B 273 -32.01 7.04 -26.15
CA LEU B 273 -33.01 6.33 -26.91
C LEU B 273 -33.98 5.55 -26.03
N ARG B 274 -35.27 5.67 -26.33
CA ARG B 274 -36.37 4.92 -25.68
CA ARG B 274 -36.34 4.91 -25.68
C ARG B 274 -36.90 3.86 -26.67
N LYS B 275 -36.84 4.14 -27.99
CA LYS B 275 -37.29 3.25 -29.04
C LYS B 275 -36.18 3.06 -30.08
N ILE B 276 -36.12 1.85 -30.64
CA ILE B 276 -35.20 1.52 -31.72
C ILE B 276 -36.10 1.24 -32.90
N ASN B 277 -35.98 2.05 -33.97
CA ASN B 277 -36.78 1.85 -35.16
C ASN B 277 -36.17 0.66 -35.91
N ALA B 278 -36.93 -0.45 -36.03
CA ALA B 278 -36.48 -1.66 -36.73
C ALA B 278 -36.16 -1.37 -38.22
N ALA B 279 -36.87 -0.39 -38.84
CA ALA B 279 -36.62 -0.01 -40.24
C ALA B 279 -35.22 0.57 -40.47
N TRP B 280 -34.53 1.03 -39.40
CA TRP B 280 -33.15 1.51 -39.51
C TRP B 280 -32.20 0.45 -40.07
N PHE B 281 -32.48 -0.84 -39.80
CA PHE B 281 -31.61 -1.95 -40.22
C PHE B 281 -32.14 -2.76 -41.40
N LYS B 282 -33.20 -2.31 -42.10
CA LYS B 282 -33.75 -3.10 -43.21
C LYS B 282 -32.79 -3.25 -44.40
N ASN B 283 -31.94 -2.22 -44.67
CA ASN B 283 -30.96 -2.27 -45.76
C ASN B 283 -29.53 -2.44 -45.20
N MET B 284 -29.37 -3.01 -44.00
CA MET B 284 -28.08 -3.15 -43.33
C MET B 284 -27.87 -4.61 -42.94
N PRO B 285 -27.65 -5.48 -43.95
CA PRO B 285 -27.54 -6.92 -43.66
C PRO B 285 -26.25 -7.41 -43.00
N HIS B 286 -25.19 -6.58 -42.95
CA HIS B 286 -23.93 -7.01 -42.38
C HIS B 286 -23.64 -6.41 -41.02
N LEU B 287 -24.62 -5.73 -40.34
CA LEU B 287 -24.32 -5.15 -39.02
C LEU B 287 -23.81 -6.20 -38.03
N LYS B 288 -22.61 -5.98 -37.52
CA LYS B 288 -21.88 -6.91 -36.66
C LYS B 288 -21.79 -6.44 -35.21
N VAL B 289 -21.57 -5.14 -34.98
CA VAL B 289 -21.40 -4.60 -33.62
C VAL B 289 -22.36 -3.44 -33.42
N LEU B 290 -23.18 -3.50 -32.37
CA LEU B 290 -24.15 -2.45 -32.08
C LEU B 290 -24.02 -2.10 -30.61
N ASP B 291 -23.61 -0.86 -30.33
CA ASP B 291 -23.49 -0.36 -28.98
C ASP B 291 -24.69 0.51 -28.68
N LEU B 292 -25.46 0.15 -27.65
CA LEU B 292 -26.65 0.86 -27.18
C LEU B 292 -26.59 1.06 -25.67
N GLU B 293 -25.41 1.36 -25.15
CA GLU B 293 -25.18 1.55 -23.74
C GLU B 293 -25.70 2.91 -23.33
N PHE B 294 -26.02 3.09 -22.05
CA PHE B 294 -26.46 4.38 -21.51
C PHE B 294 -27.63 5.01 -22.28
N ASN B 295 -28.66 4.21 -22.56
CA ASN B 295 -29.90 4.67 -23.17
C ASN B 295 -31.06 4.32 -22.16
N TYR B 296 -32.32 4.37 -22.58
CA TYR B 296 -33.48 4.04 -21.73
C TYR B 296 -34.24 2.91 -22.44
N LEU B 297 -33.56 1.78 -22.67
CA LEU B 297 -34.09 0.67 -23.45
C LEU B 297 -34.55 -0.57 -22.68
N VAL B 298 -34.92 -0.49 -21.38
CA VAL B 298 -35.46 -1.67 -20.66
C VAL B 298 -36.73 -2.20 -21.40
N GLY B 299 -37.59 -1.30 -21.88
CA GLY B 299 -38.79 -1.67 -22.62
C GLY B 299 -38.47 -2.35 -23.94
N GLU B 300 -37.51 -1.79 -24.71
CA GLU B 300 -37.08 -2.40 -25.97
C GLU B 300 -36.39 -3.75 -25.74
N ILE B 301 -35.69 -3.95 -24.61
CA ILE B 301 -35.06 -5.24 -24.33
C ILE B 301 -36.16 -6.32 -24.15
N ALA B 302 -37.31 -5.94 -23.54
CA ALA B 302 -38.43 -6.84 -23.30
C ALA B 302 -39.29 -7.14 -24.54
N SER B 303 -39.53 -6.17 -25.44
CA SER B 303 -40.37 -6.36 -26.63
C SER B 303 -39.50 -6.65 -27.87
N GLY B 304 -38.54 -5.76 -28.12
CA GLY B 304 -37.51 -5.85 -29.16
C GLY B 304 -37.85 -6.29 -30.57
N ALA B 305 -38.60 -5.47 -31.31
CA ALA B 305 -38.88 -5.77 -32.72
C ALA B 305 -37.61 -5.61 -33.58
N PHE B 306 -36.67 -4.70 -33.17
CA PHE B 306 -35.42 -4.48 -33.88
C PHE B 306 -34.48 -5.70 -33.85
N LEU B 307 -34.65 -6.61 -32.88
CA LEU B 307 -33.81 -7.81 -32.78
C LEU B 307 -34.03 -8.79 -33.93
N THR B 308 -35.20 -8.76 -34.58
CA THR B 308 -35.48 -9.62 -35.73
C THR B 308 -34.74 -9.13 -37.02
N MET B 309 -34.25 -7.87 -37.03
CA MET B 309 -33.53 -7.29 -38.17
C MET B 309 -32.02 -7.40 -38.06
N LEU B 310 -31.47 -8.10 -37.04
CA LEU B 310 -30.02 -8.17 -36.82
C LEU B 310 -29.46 -9.59 -36.88
N PRO B 311 -29.60 -10.26 -38.03
CA PRO B 311 -29.11 -11.65 -38.16
C PRO B 311 -27.60 -11.85 -38.14
N ARG B 312 -26.83 -10.85 -38.57
CA ARG B 312 -25.37 -10.95 -38.60
C ARG B 312 -24.67 -10.37 -37.35
N LEU B 313 -25.43 -9.88 -36.37
CA LEU B 313 -24.85 -9.24 -35.21
C LEU B 313 -24.08 -10.19 -34.33
N GLU B 314 -22.84 -9.84 -34.02
CA GLU B 314 -21.92 -10.62 -33.22
C GLU B 314 -21.75 -10.01 -31.83
N ILE B 315 -21.72 -8.69 -31.69
CA ILE B 315 -21.57 -8.05 -30.39
C ILE B 315 -22.72 -7.06 -30.17
N LEU B 316 -23.41 -7.20 -29.03
CA LEU B 316 -24.51 -6.32 -28.66
C LEU B 316 -24.24 -5.84 -27.24
N ASP B 317 -24.17 -4.50 -27.07
CA ASP B 317 -23.93 -3.94 -25.77
C ASP B 317 -25.15 -3.10 -25.38
N LEU B 318 -25.87 -3.55 -24.36
CA LEU B 318 -27.05 -2.88 -23.83
C LEU B 318 -26.84 -2.51 -22.37
N SER B 319 -25.58 -2.17 -22.00
CA SER B 319 -25.22 -1.86 -20.64
C SER B 319 -25.73 -0.52 -20.19
N PHE B 320 -25.94 -0.40 -18.88
CA PHE B 320 -26.40 0.80 -18.20
C PHE B 320 -27.63 1.42 -18.87
N ASN B 321 -28.65 0.59 -19.05
CA ASN B 321 -29.96 1.04 -19.52
C ASN B 321 -30.97 1.01 -18.35
N TYR B 322 -30.50 0.90 -17.07
CA TYR B 322 -31.38 0.83 -15.90
C TYR B 322 -32.33 2.00 -15.80
N ILE B 323 -33.48 1.75 -15.19
CA ILE B 323 -34.46 2.80 -14.91
C ILE B 323 -34.07 3.36 -13.56
N LYS B 324 -33.88 4.69 -13.45
CA LYS B 324 -33.52 5.32 -12.19
C LYS B 324 -34.64 5.10 -11.17
N GLY B 325 -34.30 4.62 -9.99
CA GLY B 325 -35.29 4.39 -8.95
C GLY B 325 -36.00 3.05 -8.98
N SER B 326 -35.73 2.20 -9.97
CA SER B 326 -36.39 0.90 -10.08
C SER B 326 -35.37 -0.25 -9.97
N TYR B 327 -35.58 -1.14 -8.98
CA TYR B 327 -34.73 -2.30 -8.73
C TYR B 327 -35.64 -3.51 -8.89
N PRO B 328 -35.98 -3.91 -10.13
CA PRO B 328 -36.94 -5.01 -10.30
C PRO B 328 -36.41 -6.37 -9.85
N GLN B 329 -37.31 -7.32 -9.68
CA GLN B 329 -36.95 -8.66 -9.24
C GLN B 329 -36.26 -9.42 -10.35
N HIS B 330 -36.72 -9.27 -11.61
CA HIS B 330 -36.19 -10.03 -12.73
C HIS B 330 -35.79 -9.20 -13.95
N ILE B 331 -35.01 -9.83 -14.86
CA ILE B 331 -34.59 -9.27 -16.14
C ILE B 331 -35.60 -9.77 -17.21
N ASN B 332 -36.17 -8.86 -18.00
CA ASN B 332 -37.13 -9.21 -19.04
C ASN B 332 -36.46 -9.14 -20.42
N ILE B 333 -36.00 -10.28 -20.99
CA ILE B 333 -35.42 -10.27 -22.34
C ILE B 333 -36.44 -10.87 -23.31
N SER B 334 -36.60 -10.26 -24.48
CA SER B 334 -37.56 -10.71 -25.47
C SER B 334 -37.19 -12.05 -26.06
N ARG B 335 -38.21 -12.84 -26.45
CA ARG B 335 -37.98 -14.09 -27.18
C ARG B 335 -37.28 -13.82 -28.53
N ASN B 336 -37.35 -12.58 -29.06
CA ASN B 336 -36.69 -12.21 -30.31
C ASN B 336 -35.15 -12.25 -30.19
N PHE B 337 -34.58 -12.32 -28.96
CA PHE B 337 -33.12 -12.49 -28.81
C PHE B 337 -32.67 -13.83 -29.48
N SER B 338 -33.61 -14.82 -29.65
CA SER B 338 -33.35 -16.08 -30.35
C SER B 338 -33.07 -15.88 -31.85
N LYS B 339 -33.45 -14.71 -32.41
CA LYS B 339 -33.17 -14.40 -33.81
C LYS B 339 -31.73 -13.86 -34.00
N LEU B 340 -30.96 -13.62 -32.92
CA LEU B 340 -29.59 -13.13 -33.05
C LEU B 340 -28.65 -14.33 -33.19
N LEU B 341 -28.75 -15.04 -34.32
CA LEU B 341 -27.98 -16.25 -34.59
C LEU B 341 -26.46 -16.09 -34.65
N SER B 342 -25.95 -14.96 -35.15
CA SER B 342 -24.50 -14.74 -35.23
C SER B 342 -23.89 -14.23 -33.90
N LEU B 343 -24.70 -14.02 -32.83
CA LEU B 343 -24.25 -13.43 -31.57
C LEU B 343 -23.11 -14.19 -30.90
N ARG B 344 -22.04 -13.47 -30.55
CA ARG B 344 -20.81 -13.96 -29.93
C ARG B 344 -20.67 -13.42 -28.51
N ALA B 345 -21.10 -12.17 -28.26
CA ALA B 345 -20.98 -11.55 -26.94
C ALA B 345 -22.19 -10.69 -26.65
N LEU B 346 -22.69 -10.75 -25.43
CA LEU B 346 -23.84 -9.96 -25.01
C LEU B 346 -23.45 -9.24 -23.73
N HIS B 347 -23.53 -7.90 -23.72
CA HIS B 347 -23.19 -7.13 -22.54
C HIS B 347 -24.46 -6.50 -21.97
N LEU B 348 -24.83 -6.95 -20.77
CA LEU B 348 -26.01 -6.50 -20.06
C LEU B 348 -25.63 -6.06 -18.65
N ARG B 349 -24.62 -5.20 -18.54
CA ARG B 349 -24.23 -4.64 -17.25
C ARG B 349 -25.20 -3.50 -16.94
N GLY B 350 -25.33 -3.12 -15.69
CA GLY B 350 -26.18 -1.99 -15.31
C GLY B 350 -27.64 -2.02 -15.75
N TYR B 351 -28.22 -3.20 -15.97
CA TYR B 351 -29.66 -3.34 -16.23
C TYR B 351 -30.36 -3.15 -14.88
N VAL B 352 -29.83 -3.83 -13.82
CA VAL B 352 -30.22 -3.73 -12.42
C VAL B 352 -31.47 -4.59 -12.13
N PHE B 353 -31.24 -5.76 -11.51
CA PHE B 353 -32.31 -6.69 -11.14
C PHE B 353 -31.82 -7.61 -10.01
N GLN B 354 -32.76 -8.13 -9.19
CA GLN B 354 -32.41 -8.90 -8.00
C GLN B 354 -32.06 -10.37 -8.21
N GLU B 355 -32.76 -11.06 -9.11
CA GLU B 355 -32.57 -12.50 -9.25
C GLU B 355 -32.59 -12.92 -10.70
N LEU B 356 -31.72 -13.88 -11.06
CA LEU B 356 -31.66 -14.43 -12.39
C LEU B 356 -32.22 -15.87 -12.36
N ARG B 357 -33.41 -16.09 -12.95
CA ARG B 357 -34.03 -17.42 -13.01
C ARG B 357 -33.61 -18.14 -14.30
N GLU B 358 -33.77 -19.47 -14.32
CA GLU B 358 -33.40 -20.26 -15.51
C GLU B 358 -34.26 -19.96 -16.77
N ASP B 359 -35.56 -19.70 -16.60
CA ASP B 359 -36.42 -19.39 -17.76
C ASP B 359 -36.16 -17.99 -18.35
N ASP B 360 -35.55 -17.07 -17.58
CA ASP B 360 -35.29 -15.72 -18.06
C ASP B 360 -34.30 -15.64 -19.24
N PHE B 361 -33.36 -16.59 -19.37
CA PHE B 361 -32.38 -16.61 -20.47
C PHE B 361 -32.62 -17.71 -21.51
N GLN B 362 -33.84 -18.26 -21.58
CA GLN B 362 -34.18 -19.26 -22.61
C GLN B 362 -33.94 -18.73 -24.05
N PRO B 363 -34.30 -17.47 -24.38
CA PRO B 363 -34.07 -16.97 -25.75
C PRO B 363 -32.62 -17.01 -26.26
N LEU B 364 -31.61 -17.12 -25.38
CA LEU B 364 -30.20 -17.15 -25.77
C LEU B 364 -29.59 -18.56 -25.84
N MET B 365 -30.25 -19.58 -25.26
CA MET B 365 -29.67 -20.90 -25.12
C MET B 365 -29.42 -21.65 -26.41
N GLN B 366 -30.11 -21.33 -27.52
CA GLN B 366 -29.85 -22.02 -28.78
C GLN B 366 -28.93 -21.24 -29.73
N LEU B 367 -28.38 -20.07 -29.31
CA LEU B 367 -27.48 -19.30 -30.16
C LEU B 367 -26.14 -20.05 -30.19
N PRO B 368 -25.67 -20.45 -31.38
CA PRO B 368 -24.46 -21.30 -31.45
C PRO B 368 -23.11 -20.71 -31.11
N ASN B 369 -22.93 -19.42 -31.36
CA ASN B 369 -21.65 -18.77 -31.21
C ASN B 369 -21.55 -17.84 -29.97
N LEU B 370 -22.59 -17.79 -29.11
CA LEU B 370 -22.58 -16.95 -27.92
C LEU B 370 -21.60 -17.50 -26.88
N SER B 371 -20.36 -16.98 -26.88
CA SER B 371 -19.30 -17.44 -25.95
C SER B 371 -19.12 -16.53 -24.72
N THR B 372 -19.58 -15.27 -24.77
CA THR B 372 -19.45 -14.35 -23.65
C THR B 372 -20.80 -13.75 -23.27
N ILE B 373 -21.12 -13.79 -21.96
CA ILE B 373 -22.28 -13.18 -21.34
C ILE B 373 -21.71 -12.32 -20.21
N ASN B 374 -22.01 -11.03 -20.22
CA ASN B 374 -21.50 -10.11 -19.23
C ASN B 374 -22.65 -9.46 -18.45
N LEU B 375 -22.81 -9.86 -17.17
CA LEU B 375 -23.85 -9.37 -16.28
C LEU B 375 -23.27 -8.67 -15.05
N GLY B 376 -22.13 -8.00 -15.21
CA GLY B 376 -21.53 -7.27 -14.10
C GLY B 376 -22.37 -6.07 -13.71
N ILE B 377 -22.21 -5.60 -12.47
CA ILE B 377 -22.86 -4.38 -11.96
C ILE B 377 -24.40 -4.35 -12.17
N ASN B 378 -25.08 -5.42 -11.77
CA ASN B 378 -26.55 -5.48 -11.84
C ASN B 378 -27.23 -5.59 -10.46
N PHE B 379 -26.42 -5.65 -9.37
CA PHE B 379 -26.89 -5.82 -8.01
C PHE B 379 -27.70 -7.11 -7.88
N ILE B 380 -27.25 -8.18 -8.56
CA ILE B 380 -27.93 -9.47 -8.50
C ILE B 380 -27.60 -10.11 -7.17
N LYS B 381 -28.61 -10.65 -6.48
CA LYS B 381 -28.47 -11.29 -5.18
C LYS B 381 -28.51 -12.82 -5.31
N GLN B 382 -29.35 -13.34 -6.23
CA GLN B 382 -29.51 -14.79 -6.40
C GLN B 382 -29.46 -15.20 -7.85
N ILE B 383 -28.87 -16.36 -8.14
CA ILE B 383 -28.77 -16.91 -9.49
C ILE B 383 -29.06 -18.40 -9.45
N ASP B 384 -29.88 -18.91 -10.39
CA ASP B 384 -30.11 -20.34 -10.55
C ASP B 384 -28.96 -20.75 -11.49
N PHE B 385 -27.79 -21.11 -10.94
CA PHE B 385 -26.64 -21.45 -11.78
C PHE B 385 -26.87 -22.58 -12.80
N LYS B 386 -27.93 -23.41 -12.63
CA LYS B 386 -28.23 -24.46 -13.60
C LYS B 386 -28.56 -23.92 -15.00
N LEU B 387 -28.93 -22.62 -15.10
CA LEU B 387 -29.27 -21.99 -16.37
C LEU B 387 -28.12 -21.95 -17.37
N PHE B 388 -26.87 -21.83 -16.92
CA PHE B 388 -25.72 -21.76 -17.83
C PHE B 388 -25.38 -23.12 -18.47
N GLN B 389 -25.89 -24.24 -17.90
CA GLN B 389 -25.65 -25.57 -18.46
C GLN B 389 -26.35 -25.73 -19.81
N ASN B 390 -27.53 -25.15 -19.99
CA ASN B 390 -28.29 -25.30 -21.23
C ASN B 390 -27.76 -24.47 -22.43
N PHE B 391 -26.70 -23.64 -22.25
CA PHE B 391 -26.16 -22.86 -23.36
C PHE B 391 -25.30 -23.72 -24.27
N SER B 392 -25.31 -23.40 -25.59
CA SER B 392 -24.56 -24.14 -26.60
C SER B 392 -23.05 -24.20 -26.28
N ASN B 393 -22.39 -23.04 -26.08
CA ASN B 393 -20.97 -23.04 -25.76
C ASN B 393 -20.50 -21.73 -25.13
N LEU B 394 -20.93 -21.49 -23.89
CA LEU B 394 -20.47 -20.34 -23.12
C LEU B 394 -19.03 -20.64 -22.70
N GLU B 395 -18.11 -19.70 -22.90
CA GLU B 395 -16.70 -19.81 -22.51
C GLU B 395 -16.35 -18.78 -21.40
N ILE B 396 -17.09 -17.66 -21.31
CA ILE B 396 -16.88 -16.62 -20.30
C ILE B 396 -18.22 -16.22 -19.68
N ILE B 397 -18.42 -16.57 -18.39
CA ILE B 397 -19.63 -16.20 -17.64
C ILE B 397 -19.15 -15.15 -16.66
N TYR B 398 -19.37 -13.88 -17.01
CA TYR B 398 -18.88 -12.77 -16.20
C TYR B 398 -19.98 -12.18 -15.32
N LEU B 399 -19.92 -12.51 -14.02
CA LEU B 399 -20.87 -12.07 -12.99
C LEU B 399 -20.20 -11.21 -11.92
N SER B 400 -19.04 -10.60 -12.23
CA SER B 400 -18.30 -9.82 -11.27
C SER B 400 -19.05 -8.56 -10.86
N GLU B 401 -18.84 -8.15 -9.62
CA GLU B 401 -19.41 -6.93 -9.08
C GLU B 401 -20.95 -6.94 -9.01
N ASN B 402 -21.47 -7.87 -8.25
CA ASN B 402 -22.92 -7.98 -8.00
C ASN B 402 -23.09 -8.09 -6.45
N ARG B 403 -24.23 -8.60 -5.95
CA ARG B 403 -24.45 -8.82 -4.51
C ARG B 403 -24.75 -10.30 -4.27
N ILE B 404 -24.10 -11.19 -5.04
CA ILE B 404 -24.37 -12.62 -4.94
C ILE B 404 -23.88 -13.11 -3.59
N SER B 405 -24.80 -13.60 -2.76
CA SER B 405 -24.53 -14.12 -1.42
C SER B 405 -24.64 -15.68 -1.45
N PRO B 406 -24.25 -16.40 -0.39
CA PRO B 406 -24.32 -17.88 -0.45
C PRO B 406 -25.73 -18.46 -0.73
N LEU B 407 -25.83 -19.65 -1.37
CA LEU B 407 -27.14 -20.28 -1.65
C LEU B 407 -27.97 -20.47 -0.35
N VAL B 408 -29.01 -19.61 -0.16
CA VAL B 408 -29.92 -19.55 0.99
C VAL B 408 -29.25 -19.98 2.32
N GLU B 434 -7.41 13.33 -19.54
CA GLU B 434 -7.78 12.20 -18.68
C GLU B 434 -8.34 11.06 -19.56
N PHE B 435 -9.42 11.34 -20.33
CA PHE B 435 -10.02 10.34 -21.20
C PHE B 435 -9.16 10.13 -22.44
N ASP B 436 -8.62 8.92 -22.64
CA ASP B 436 -7.77 8.59 -23.79
C ASP B 436 -8.59 8.69 -25.09
N PRO B 437 -8.21 9.58 -26.04
CA PRO B 437 -9.02 9.71 -27.27
C PRO B 437 -9.05 8.49 -28.17
N HIS B 438 -8.02 7.64 -28.13
CA HIS B 438 -7.98 6.41 -28.94
C HIS B 438 -8.48 5.19 -28.15
N SER B 439 -9.41 5.40 -27.21
CA SER B 439 -10.04 4.35 -26.40
C SER B 439 -11.56 4.49 -26.47
N ASN B 440 -12.30 3.44 -26.10
CA ASN B 440 -13.75 3.49 -26.05
C ASN B 440 -14.14 4.36 -24.84
N PHE B 441 -14.93 5.41 -25.07
CA PHE B 441 -15.32 6.35 -24.02
C PHE B 441 -16.34 5.76 -23.04
N TYR B 442 -17.23 4.86 -23.50
CA TYR B 442 -18.30 4.33 -22.66
C TYR B 442 -18.00 2.98 -21.96
N HIS B 443 -16.81 2.38 -22.14
CA HIS B 443 -16.46 1.12 -21.45
C HIS B 443 -14.99 0.73 -21.66
N PHE B 444 -14.47 -0.17 -20.81
CA PHE B 444 -13.10 -0.68 -20.95
C PHE B 444 -13.10 -1.80 -21.99
N THR B 445 -12.17 -1.75 -22.94
CA THR B 445 -12.03 -2.79 -23.97
C THR B 445 -11.09 -3.94 -23.52
N ARG B 446 -10.62 -3.94 -22.24
CA ARG B 446 -9.71 -4.98 -21.72
C ARG B 446 -10.42 -6.34 -21.64
N PRO B 447 -9.71 -7.48 -21.54
CA PRO B 447 -10.42 -8.77 -21.42
C PRO B 447 -11.14 -8.86 -20.07
N LEU B 448 -12.31 -9.51 -20.05
CA LEU B 448 -13.08 -9.68 -18.83
C LEU B 448 -12.31 -10.59 -17.85
N ILE B 449 -11.75 -11.70 -18.35
CA ILE B 449 -10.98 -12.68 -17.57
C ILE B 449 -9.49 -12.58 -17.95
N LYS B 450 -8.58 -12.96 -17.03
CA LYS B 450 -7.14 -12.96 -17.36
C LYS B 450 -6.90 -14.02 -18.45
N PRO B 451 -6.20 -13.72 -19.56
CA PRO B 451 -5.98 -14.76 -20.59
C PRO B 451 -5.34 -16.05 -20.07
N GLN B 452 -4.49 -15.96 -19.06
CA GLN B 452 -3.82 -17.13 -18.48
C GLN B 452 -4.84 -18.09 -17.80
N CYS B 453 -5.92 -17.53 -17.25
CA CYS B 453 -6.98 -18.30 -16.63
C CYS B 453 -7.91 -18.87 -17.71
N ALA B 454 -8.38 -18.01 -18.64
CA ALA B 454 -9.29 -18.38 -19.72
C ALA B 454 -8.68 -19.42 -20.69
N ALA B 455 -7.34 -19.50 -20.79
CA ALA B 455 -6.69 -20.46 -21.67
C ALA B 455 -6.99 -21.93 -21.29
N TYR B 456 -7.36 -22.19 -20.02
CA TYR B 456 -7.66 -23.55 -19.56
C TYR B 456 -9.06 -24.04 -19.96
N GLY B 457 -9.99 -23.14 -20.26
CA GLY B 457 -11.34 -23.53 -20.65
C GLY B 457 -12.39 -22.57 -20.11
N LYS B 458 -13.60 -23.09 -19.84
CA LYS B 458 -14.73 -22.30 -19.34
C LYS B 458 -14.36 -21.50 -18.10
N ALA B 459 -14.63 -20.17 -18.15
CA ALA B 459 -14.31 -19.25 -17.07
C ALA B 459 -15.58 -18.72 -16.44
N LEU B 460 -15.60 -18.69 -15.10
CA LEU B 460 -16.72 -18.18 -14.31
C LEU B 460 -16.15 -17.13 -13.38
N ASP B 461 -16.51 -15.86 -13.60
CA ASP B 461 -16.03 -14.79 -12.76
C ASP B 461 -17.11 -14.37 -11.78
N LEU B 462 -16.90 -14.71 -10.50
CA LEU B 462 -17.79 -14.31 -9.41
C LEU B 462 -17.05 -13.37 -8.43
N SER B 463 -16.05 -12.63 -8.90
CA SER B 463 -15.30 -11.72 -8.06
C SER B 463 -16.13 -10.50 -7.68
N LEU B 464 -15.74 -9.83 -6.59
CA LEU B 464 -16.42 -8.63 -6.09
C LEU B 464 -17.91 -8.90 -5.83
N ASN B 465 -18.17 -9.99 -5.14
CA ASN B 465 -19.51 -10.42 -4.73
C ASN B 465 -19.49 -10.63 -3.19
N SER B 466 -20.54 -11.25 -2.61
CA SER B 466 -20.63 -11.48 -1.17
C SER B 466 -20.77 -12.97 -0.84
N ILE B 467 -20.03 -13.84 -1.56
CA ILE B 467 -20.07 -15.28 -1.30
C ILE B 467 -19.07 -15.51 -0.16
N PHE B 468 -19.43 -15.03 1.04
CA PHE B 468 -18.58 -15.10 2.23
C PHE B 468 -18.36 -16.53 2.75
N PHE B 469 -19.20 -17.48 2.32
CA PHE B 469 -19.12 -18.89 2.71
C PHE B 469 -19.57 -19.75 1.55
N ILE B 470 -18.81 -20.77 1.20
CA ILE B 470 -19.15 -21.68 0.13
C ILE B 470 -19.76 -22.92 0.78
N GLY B 471 -21.07 -23.09 0.64
CA GLY B 471 -21.79 -24.23 1.16
C GLY B 471 -21.65 -25.46 0.30
N PRO B 472 -22.29 -26.58 0.71
CA PRO B 472 -22.15 -27.83 -0.08
C PRO B 472 -22.79 -27.84 -1.46
N ASN B 473 -23.79 -26.98 -1.74
CA ASN B 473 -24.45 -26.96 -3.06
C ASN B 473 -24.27 -25.66 -3.84
N GLN B 474 -23.29 -24.82 -3.45
CA GLN B 474 -23.01 -23.55 -4.11
C GLN B 474 -22.67 -23.74 -5.60
N PHE B 475 -21.81 -24.71 -5.92
CA PHE B 475 -21.38 -24.94 -7.29
C PHE B 475 -22.06 -26.15 -7.96
N GLU B 476 -23.27 -26.49 -7.49
CA GLU B 476 -24.06 -27.58 -8.05
C GLU B 476 -24.63 -27.12 -9.40
N ASN B 477 -24.77 -28.06 -10.36
CA ASN B 477 -25.35 -27.79 -11.68
C ASN B 477 -24.58 -26.77 -12.53
N LEU B 478 -23.27 -26.63 -12.31
CA LEU B 478 -22.46 -25.72 -13.13
C LEU B 478 -21.76 -26.56 -14.20
N PRO B 479 -21.44 -25.96 -15.37
CA PRO B 479 -20.72 -26.72 -16.41
C PRO B 479 -19.28 -27.08 -15.97
N ASP B 480 -18.48 -27.67 -16.88
CA ASP B 480 -17.09 -28.08 -16.59
C ASP B 480 -16.18 -26.82 -16.53
N ILE B 481 -16.33 -26.03 -15.44
CA ILE B 481 -15.57 -24.80 -15.20
C ILE B 481 -14.09 -25.13 -14.97
N ALA B 482 -13.21 -24.52 -15.78
CA ALA B 482 -11.76 -24.71 -15.69
C ALA B 482 -11.07 -23.49 -15.03
N CYS B 483 -11.67 -22.29 -15.16
CA CYS B 483 -11.12 -21.05 -14.63
C CYS B 483 -12.17 -20.45 -13.71
N LEU B 484 -11.85 -20.31 -12.42
CA LEU B 484 -12.80 -19.77 -11.46
C LEU B 484 -12.18 -18.63 -10.70
N ASN B 485 -12.92 -17.50 -10.63
CA ASN B 485 -12.48 -16.36 -9.88
C ASN B 485 -13.47 -16.02 -8.77
N LEU B 486 -13.04 -16.17 -7.52
CA LEU B 486 -13.80 -15.83 -6.33
C LEU B 486 -13.07 -14.73 -5.54
N SER B 487 -12.32 -13.86 -6.22
CA SER B 487 -11.60 -12.76 -5.58
C SER B 487 -12.58 -11.79 -4.93
N ALA B 488 -12.20 -11.21 -3.79
CA ALA B 488 -12.97 -10.19 -3.10
C ALA B 488 -14.44 -10.56 -2.86
N ASN B 489 -14.64 -11.63 -2.09
CA ASN B 489 -15.97 -12.10 -1.69
C ASN B 489 -16.13 -12.11 -0.15
N SER B 490 -15.23 -11.43 0.61
CA SER B 490 -15.26 -11.38 2.07
C SER B 490 -15.31 -12.77 2.71
N ASN B 491 -14.74 -13.77 2.02
CA ASN B 491 -14.75 -15.15 2.46
C ASN B 491 -13.73 -15.36 3.56
N ALA B 492 -14.22 -15.65 4.79
CA ALA B 492 -13.42 -15.91 5.97
C ALA B 492 -13.52 -17.38 6.41
N GLN B 493 -13.90 -18.31 5.51
CA GLN B 493 -14.09 -19.70 5.89
C GLN B 493 -12.80 -20.52 5.92
N VAL B 494 -12.90 -21.71 6.54
CA VAL B 494 -11.85 -22.71 6.62
C VAL B 494 -12.17 -23.72 5.51
N LEU B 495 -11.46 -23.66 4.38
CA LEU B 495 -11.66 -24.64 3.29
C LEU B 495 -11.15 -26.00 3.80
N SER B 496 -11.94 -27.05 3.57
CA SER B 496 -11.70 -28.37 4.14
C SER B 496 -11.61 -29.53 3.15
N GLY B 497 -11.65 -29.25 1.86
CA GLY B 497 -11.53 -30.28 0.85
C GLY B 497 -12.84 -30.80 0.27
N THR B 498 -13.96 -30.11 0.52
CA THR B 498 -15.27 -30.51 -0.01
C THR B 498 -16.01 -29.39 -0.77
N GLU B 499 -15.61 -28.13 -0.58
CA GLU B 499 -16.30 -26.98 -1.14
C GLU B 499 -16.35 -26.93 -2.68
N PHE B 500 -15.34 -27.46 -3.37
CA PHE B 500 -15.27 -27.44 -4.84
C PHE B 500 -15.42 -28.83 -5.47
N SER B 501 -16.00 -29.82 -4.75
CA SER B 501 -16.15 -31.16 -5.29
C SER B 501 -17.10 -31.25 -6.50
N ALA B 502 -18.12 -30.36 -6.60
CA ALA B 502 -19.03 -30.36 -7.75
C ALA B 502 -18.42 -29.74 -9.03
N ILE B 503 -17.25 -29.07 -8.92
CA ILE B 503 -16.50 -28.48 -10.05
C ILE B 503 -15.04 -28.91 -9.87
N PRO B 504 -14.75 -30.23 -9.98
CA PRO B 504 -13.40 -30.71 -9.68
C PRO B 504 -12.33 -30.49 -10.75
N HIS B 505 -12.69 -29.99 -11.93
CA HIS B 505 -11.71 -29.79 -12.99
C HIS B 505 -11.19 -28.36 -13.08
N VAL B 506 -11.32 -27.55 -12.00
CA VAL B 506 -10.78 -26.19 -11.97
C VAL B 506 -9.26 -26.30 -12.04
N LYS B 507 -8.66 -25.63 -13.02
CA LYS B 507 -7.22 -25.62 -13.26
C LYS B 507 -6.55 -24.32 -12.78
N TYR B 508 -7.31 -23.21 -12.78
CA TYR B 508 -6.82 -21.90 -12.37
C TYR B 508 -7.86 -21.37 -11.41
N LEU B 509 -7.46 -21.17 -10.14
CA LEU B 509 -8.36 -20.70 -9.11
C LEU B 509 -7.81 -19.43 -8.46
N ASP B 510 -8.60 -18.36 -8.50
CA ASP B 510 -8.22 -17.08 -7.92
C ASP B 510 -9.10 -16.86 -6.69
N LEU B 511 -8.47 -16.83 -5.51
CA LEU B 511 -9.14 -16.56 -4.24
C LEU B 511 -8.51 -15.34 -3.55
N THR B 512 -8.02 -14.38 -4.33
CA THR B 512 -7.35 -13.19 -3.81
C THR B 512 -8.33 -12.27 -3.07
N ASN B 513 -7.80 -11.45 -2.17
CA ASN B 513 -8.54 -10.40 -1.49
C ASN B 513 -9.75 -10.89 -0.72
N ASN B 514 -9.53 -11.93 0.06
CA ASN B 514 -10.56 -12.49 0.94
C ASN B 514 -9.99 -12.43 2.40
N ARG B 515 -10.60 -13.15 3.34
CA ARG B 515 -10.10 -13.25 4.72
C ARG B 515 -9.98 -14.75 5.05
N LEU B 516 -9.53 -15.58 4.08
CA LEU B 516 -9.49 -17.03 4.26
C LEU B 516 -8.72 -17.50 5.50
N ASP B 517 -9.30 -18.46 6.21
CA ASP B 517 -8.74 -19.02 7.43
C ASP B 517 -8.15 -20.37 7.06
N PHE B 518 -6.84 -20.41 6.80
CA PHE B 518 -6.18 -21.64 6.44
C PHE B 518 -5.97 -22.47 7.70
N ASP B 519 -6.99 -23.25 8.09
CA ASP B 519 -6.95 -24.05 9.30
C ASP B 519 -7.27 -25.54 9.07
N ASN B 520 -6.96 -26.10 7.90
CA ASN B 520 -7.24 -27.51 7.61
C ASN B 520 -6.33 -27.98 6.46
N ALA B 521 -5.54 -29.04 6.75
CA ALA B 521 -4.57 -29.61 5.81
C ALA B 521 -5.17 -30.17 4.53
N SER B 522 -6.50 -30.39 4.46
CA SER B 522 -7.15 -30.93 3.27
C SER B 522 -7.76 -29.84 2.37
N ALA B 523 -7.56 -28.55 2.66
CA ALA B 523 -8.11 -27.45 1.87
C ALA B 523 -7.77 -27.58 0.38
N LEU B 524 -8.76 -27.43 -0.50
CA LEU B 524 -8.58 -27.42 -1.96
C LEU B 524 -8.04 -28.72 -2.58
N THR B 525 -7.79 -29.77 -1.77
CA THR B 525 -7.25 -31.04 -2.28
C THR B 525 -8.21 -31.77 -3.24
N GLU B 526 -9.52 -31.47 -3.20
CA GLU B 526 -10.51 -32.04 -4.14
C GLU B 526 -10.24 -31.58 -5.59
N LEU B 527 -9.56 -30.43 -5.78
CA LEU B 527 -9.20 -29.93 -7.11
C LEU B 527 -7.89 -30.62 -7.49
N SER B 528 -7.95 -31.90 -7.83
CA SER B 528 -6.76 -32.70 -8.11
C SER B 528 -5.99 -32.29 -9.36
N ASP B 529 -6.63 -31.57 -10.31
CA ASP B 529 -5.95 -31.10 -11.53
C ASP B 529 -5.54 -29.61 -11.45
N LEU B 530 -5.56 -29.00 -10.25
CA LEU B 530 -5.24 -27.59 -10.08
C LEU B 530 -3.80 -27.28 -10.48
N GLU B 531 -3.62 -26.31 -11.40
CA GLU B 531 -2.30 -25.89 -11.88
C GLU B 531 -1.89 -24.51 -11.35
N VAL B 532 -2.85 -23.58 -11.20
CA VAL B 532 -2.54 -22.24 -10.72
C VAL B 532 -3.45 -21.91 -9.56
N LEU B 533 -2.86 -21.48 -8.44
CA LEU B 533 -3.62 -21.10 -7.28
C LEU B 533 -3.14 -19.72 -6.80
N ASP B 534 -4.06 -18.76 -6.71
CA ASP B 534 -3.73 -17.42 -6.25
C ASP B 534 -4.41 -17.15 -4.90
N LEU B 535 -3.61 -17.07 -3.83
CA LEU B 535 -4.09 -16.78 -2.46
C LEU B 535 -3.58 -15.43 -1.97
N SER B 536 -3.21 -14.51 -2.89
CA SER B 536 -2.72 -13.19 -2.52
C SER B 536 -3.73 -12.43 -1.68
N TYR B 537 -3.24 -11.57 -0.79
CA TYR B 537 -4.10 -10.73 0.03
C TYR B 537 -5.17 -11.48 0.83
N ASN B 538 -4.73 -12.42 1.67
CA ASN B 538 -5.56 -13.20 2.60
C ASN B 538 -4.83 -13.19 3.97
N SER B 539 -4.30 -12.02 4.36
CA SER B 539 -3.51 -11.84 5.56
C SER B 539 -4.29 -11.84 6.88
N HIS B 540 -5.62 -11.63 6.84
CA HIS B 540 -6.48 -11.53 8.05
C HIS B 540 -6.09 -12.50 9.21
N TYR B 541 -6.10 -13.80 8.97
CA TYR B 541 -5.77 -14.78 10.01
C TYR B 541 -4.28 -15.05 10.15
N PHE B 542 -3.50 -14.96 9.07
CA PHE B 542 -2.05 -15.15 9.16
C PHE B 542 -1.40 -14.16 10.11
N ARG B 543 -1.88 -12.91 10.16
CA ARG B 543 -1.29 -11.91 11.03
C ARG B 543 -1.56 -12.15 12.55
N ILE B 544 -2.48 -13.07 12.92
CA ILE B 544 -2.79 -13.37 14.32
C ILE B 544 -1.94 -14.57 14.77
N ALA B 545 -1.00 -14.38 15.70
CA ALA B 545 -0.15 -15.48 16.18
C ALA B 545 -0.94 -16.57 16.91
N GLY B 546 -1.92 -16.16 17.72
CA GLY B 546 -2.75 -17.05 18.54
C GLY B 546 -3.66 -18.03 17.81
N VAL B 547 -3.98 -17.78 16.54
CA VAL B 547 -4.81 -18.72 15.77
C VAL B 547 -3.87 -19.67 14.99
N THR B 548 -4.39 -20.83 14.60
CA THR B 548 -3.59 -21.82 13.88
C THR B 548 -3.57 -21.55 12.36
N HIS B 549 -2.45 -21.89 11.70
CA HIS B 549 -2.24 -21.68 10.26
C HIS B 549 -1.66 -22.94 9.66
N HIS B 550 -2.36 -23.50 8.68
CA HIS B 550 -2.03 -24.76 8.02
C HIS B 550 -1.90 -24.61 6.50
N LEU B 551 -0.70 -24.80 5.97
CA LEU B 551 -0.43 -24.76 4.52
C LEU B 551 0.01 -26.14 3.98
N GLU B 552 -0.25 -27.26 4.72
CA GLU B 552 0.16 -28.61 4.30
C GLU B 552 -0.51 -29.08 3.01
N PHE B 553 -1.69 -28.53 2.68
CA PHE B 553 -2.41 -28.92 1.46
C PHE B 553 -1.61 -28.73 0.16
N ILE B 554 -0.59 -27.86 0.16
CA ILE B 554 0.23 -27.60 -1.04
C ILE B 554 0.88 -28.89 -1.57
N GLN B 555 1.40 -29.77 -0.69
CA GLN B 555 2.05 -31.00 -1.15
C GLN B 555 1.11 -32.02 -1.81
N ASN B 556 -0.19 -32.01 -1.49
CA ASN B 556 -1.10 -33.01 -2.01
C ASN B 556 -1.49 -32.83 -3.49
N PHE B 557 -1.14 -31.68 -4.14
CA PHE B 557 -1.43 -31.49 -5.58
C PHE B 557 -0.36 -32.13 -6.46
N THR B 558 -0.78 -32.95 -7.42
CA THR B 558 0.16 -33.61 -8.33
C THR B 558 0.57 -32.74 -9.52
N ASN B 559 -0.24 -31.73 -9.89
CA ASN B 559 0.04 -30.87 -11.06
C ASN B 559 0.09 -29.37 -10.73
N LEU B 560 0.21 -28.95 -9.45
CA LEU B 560 0.26 -27.53 -9.11
C LEU B 560 1.56 -26.93 -9.65
N LYS B 561 1.46 -25.93 -10.54
CA LYS B 561 2.60 -25.29 -11.19
C LYS B 561 2.91 -23.91 -10.58
N VAL B 562 1.88 -23.08 -10.38
CA VAL B 562 2.06 -21.72 -9.87
C VAL B 562 1.26 -21.50 -8.59
N LEU B 563 1.94 -21.00 -7.56
CA LEU B 563 1.30 -20.68 -6.29
C LEU B 563 1.71 -19.30 -5.88
N ASN B 564 0.72 -18.42 -5.65
CA ASN B 564 0.99 -17.07 -5.21
C ASN B 564 0.45 -16.87 -3.79
N LEU B 565 1.38 -16.72 -2.82
CA LEU B 565 1.08 -16.46 -1.41
C LEU B 565 1.45 -15.01 -1.04
N SER B 566 1.43 -14.07 -2.01
CA SER B 566 1.85 -12.71 -1.75
C SER B 566 0.93 -11.94 -0.80
N HIS B 567 1.53 -10.99 -0.08
CA HIS B 567 0.86 -10.07 0.82
C HIS B 567 -0.06 -10.77 1.81
N ASN B 568 0.43 -11.90 2.36
CA ASN B 568 -0.30 -12.66 3.38
C ASN B 568 0.26 -12.41 4.78
N ASN B 569 1.38 -11.66 4.93
CA ASN B 569 2.01 -11.35 6.22
C ASN B 569 2.33 -12.65 6.98
N ILE B 570 2.74 -13.71 6.25
CA ILE B 570 3.03 -15.01 6.87
C ILE B 570 4.28 -14.90 7.71
N TYR B 571 4.15 -15.15 9.01
CA TYR B 571 5.27 -15.15 9.95
C TYR B 571 5.26 -16.34 10.91
N THR B 572 4.19 -17.17 10.92
CA THR B 572 4.12 -18.32 11.82
C THR B 572 3.19 -19.37 11.25
N LEU B 573 3.61 -20.64 11.33
CA LEU B 573 2.82 -21.79 10.89
C LEU B 573 2.69 -22.79 12.04
N THR B 574 1.64 -23.61 12.00
CA THR B 574 1.35 -24.62 13.02
C THR B 574 1.79 -26.03 12.58
N ASP B 575 2.61 -26.70 13.40
CA ASP B 575 3.03 -28.09 13.19
C ASP B 575 4.00 -28.30 11.99
N LYS B 576 3.59 -27.98 10.75
CA LYS B 576 4.46 -28.13 9.59
C LYS B 576 4.98 -26.76 9.21
N TYR B 577 6.30 -26.57 9.33
CA TYR B 577 6.96 -25.30 9.03
C TYR B 577 7.49 -25.22 7.59
N ASN B 578 7.41 -26.32 6.81
CA ASN B 578 7.95 -26.40 5.45
C ASN B 578 6.88 -26.46 4.38
N LEU B 579 7.18 -25.86 3.21
CA LEU B 579 6.33 -25.92 2.03
C LEU B 579 6.96 -27.01 1.16
N GLU B 580 6.16 -27.97 0.71
CA GLU B 580 6.65 -29.10 -0.08
C GLU B 580 5.81 -29.30 -1.31
N SER B 581 6.45 -29.67 -2.43
CA SER B 581 5.75 -29.93 -3.68
C SER B 581 6.69 -30.49 -4.72
N LYS B 582 6.38 -31.68 -5.25
CA LYS B 582 7.18 -32.28 -6.32
C LYS B 582 6.93 -31.60 -7.67
N SER B 583 5.79 -30.91 -7.85
CA SER B 583 5.43 -30.28 -9.12
C SER B 583 5.63 -28.77 -9.18
N LEU B 584 5.49 -28.04 -8.06
CA LEU B 584 5.54 -26.57 -8.10
C LEU B 584 6.76 -26.01 -8.82
N VAL B 585 6.51 -25.11 -9.77
CA VAL B 585 7.52 -24.46 -10.62
C VAL B 585 7.74 -23.02 -10.17
N GLU B 586 6.69 -22.31 -9.73
CA GLU B 586 6.81 -20.92 -9.33
C GLU B 586 6.10 -20.68 -7.99
N LEU B 587 6.79 -20.02 -7.05
CA LEU B 587 6.22 -19.61 -5.77
C LEU B 587 6.42 -18.11 -5.63
N VAL B 588 5.32 -17.36 -5.41
CA VAL B 588 5.42 -15.94 -5.15
C VAL B 588 5.20 -15.79 -3.64
N PHE B 589 6.24 -15.42 -2.90
CA PHE B 589 6.16 -15.24 -1.44
C PHE B 589 6.37 -13.78 -1.05
N SER B 590 6.13 -12.83 -1.96
CA SER B 590 6.34 -11.41 -1.66
C SER B 590 5.34 -10.89 -0.63
N GLY B 591 5.71 -9.87 0.11
CA GLY B 591 4.82 -9.27 1.10
C GLY B 591 4.54 -10.16 2.30
N ASN B 592 5.51 -11.03 2.65
CA ASN B 592 5.38 -11.90 3.82
C ASN B 592 6.46 -11.48 4.84
N ARG B 593 6.71 -12.28 5.90
CA ARG B 593 7.68 -11.90 6.90
C ARG B 593 8.80 -12.92 7.06
N LEU B 594 9.64 -13.07 6.02
CA LEU B 594 10.81 -13.94 6.13
C LEU B 594 11.83 -13.38 7.12
N ASP B 595 11.80 -12.07 7.42
CA ASP B 595 12.66 -11.49 8.46
C ASP B 595 12.34 -12.13 9.82
N ILE B 596 11.07 -12.49 10.08
CA ILE B 596 10.66 -13.17 11.31
C ILE B 596 10.89 -14.68 11.19
N LEU B 597 10.44 -15.31 10.07
CA LEU B 597 10.61 -16.76 9.88
C LEU B 597 12.08 -17.19 9.93
N TRP B 598 12.99 -16.37 9.37
CA TRP B 598 14.42 -16.64 9.39
C TRP B 598 15.12 -15.82 10.47
N ASN B 599 14.48 -15.72 11.65
CA ASN B 599 15.07 -15.05 12.80
C ASN B 599 16.30 -15.88 13.24
N ASP B 600 17.42 -15.21 13.57
CA ASP B 600 18.67 -15.87 13.93
C ASP B 600 18.59 -16.92 15.04
N ASP B 601 17.67 -16.74 16.01
CA ASP B 601 17.54 -17.68 17.12
C ASP B 601 16.47 -18.75 16.89
N ASP B 602 15.98 -18.90 15.63
CA ASP B 602 14.92 -19.84 15.29
C ASP B 602 15.34 -20.67 14.08
N ASN B 603 15.38 -22.00 14.22
CA ASN B 603 15.75 -22.93 13.16
C ASN B 603 14.55 -23.58 12.46
N ARG B 604 13.32 -23.40 12.97
CA ARG B 604 12.14 -24.09 12.43
C ARG B 604 11.83 -23.85 10.95
N TYR B 605 12.05 -22.64 10.41
CA TYR B 605 11.75 -22.33 8.99
C TYR B 605 13.00 -22.23 8.13
N ILE B 606 14.11 -22.88 8.54
CA ILE B 606 15.39 -22.80 7.82
C ILE B 606 15.34 -23.53 6.45
N SER B 607 14.48 -24.55 6.29
CA SER B 607 14.31 -25.28 5.03
C SER B 607 12.89 -25.06 4.48
N ILE B 608 12.27 -23.88 4.73
CA ILE B 608 10.90 -23.58 4.33
C ILE B 608 10.59 -23.84 2.83
N PHE B 609 11.56 -23.63 1.91
CA PHE B 609 11.34 -23.84 0.49
C PHE B 609 12.11 -25.03 -0.11
N LYS B 610 12.99 -25.70 0.68
CA LYS B 610 13.81 -26.81 0.18
C LYS B 610 12.97 -27.94 -0.43
N GLY B 611 11.82 -28.24 0.18
CA GLY B 611 10.90 -29.26 -0.27
C GLY B 611 10.18 -28.99 -1.58
N LEU B 612 10.39 -27.80 -2.18
CA LEU B 612 9.82 -27.46 -3.48
C LEU B 612 10.90 -27.87 -4.50
N LYS B 613 11.01 -29.18 -4.71
CA LYS B 613 12.03 -29.84 -5.52
C LYS B 613 12.07 -29.49 -7.01
N ASN B 614 10.96 -29.01 -7.60
CA ASN B 614 10.92 -28.64 -9.01
C ASN B 614 10.89 -27.11 -9.25
N LEU B 615 11.10 -26.30 -8.20
CA LEU B 615 10.96 -24.85 -8.30
C LEU B 615 12.03 -24.21 -9.16
N THR B 616 11.60 -23.42 -10.15
CA THR B 616 12.51 -22.68 -11.02
C THR B 616 12.41 -21.17 -10.75
N ARG B 617 11.23 -20.66 -10.33
CA ARG B 617 11.04 -19.23 -10.07
C ARG B 617 10.57 -19.00 -8.62
N LEU B 618 11.27 -18.12 -7.87
CA LEU B 618 10.94 -17.83 -6.48
C LEU B 618 11.01 -16.33 -6.22
N ASP B 619 9.92 -15.74 -5.69
CA ASP B 619 9.87 -14.31 -5.38
C ASP B 619 9.83 -14.08 -3.86
N LEU B 620 10.94 -13.56 -3.30
CA LEU B 620 11.08 -13.21 -1.88
C LEU B 620 11.12 -11.69 -1.68
N SER B 621 10.53 -10.92 -2.61
CA SER B 621 10.54 -9.47 -2.48
C SER B 621 9.62 -9.00 -1.36
N LEU B 622 9.83 -7.79 -0.85
CA LEU B 622 9.00 -7.19 0.19
C LEU B 622 8.81 -8.09 1.42
N ASN B 623 9.92 -8.62 1.93
CA ASN B 623 9.91 -9.47 3.13
C ASN B 623 10.70 -8.85 4.30
N ARG B 624 11.05 -7.54 4.21
CA ARG B 624 11.80 -6.79 5.25
C ARG B 624 13.11 -7.44 5.65
N LEU B 625 13.73 -8.18 4.72
CA LEU B 625 14.98 -8.87 4.99
C LEU B 625 16.16 -7.93 5.03
N LYS B 626 16.78 -7.78 6.21
CA LYS B 626 18.02 -7.00 6.38
C LYS B 626 19.24 -7.91 6.02
N HIS B 627 19.11 -9.24 6.25
CA HIS B 627 20.11 -10.22 5.88
C HIS B 627 19.44 -11.60 5.78
N ILE B 628 19.97 -12.48 4.92
CA ILE B 628 19.43 -13.83 4.77
C ILE B 628 20.47 -14.76 5.38
N PRO B 629 20.14 -15.59 6.41
CA PRO B 629 21.16 -16.51 6.95
C PRO B 629 21.75 -17.40 5.87
N ASN B 630 23.05 -17.72 5.96
CA ASN B 630 23.74 -18.54 4.95
C ASN B 630 23.08 -19.91 4.81
N GLU B 631 22.66 -20.50 5.95
CA GLU B 631 22.01 -21.81 5.96
C GLU B 631 20.64 -21.72 5.28
N ALA B 632 19.92 -20.59 5.46
CA ALA B 632 18.61 -20.40 4.81
C ALA B 632 18.78 -20.23 3.30
N PHE B 633 19.81 -19.50 2.85
CA PHE B 633 20.04 -19.31 1.42
C PHE B 633 20.47 -20.65 0.79
N LEU B 634 21.33 -21.41 1.47
CA LEU B 634 21.78 -22.71 0.98
C LEU B 634 20.65 -23.75 0.90
N ASN B 635 19.56 -23.56 1.67
CA ASN B 635 18.41 -24.47 1.61
C ASN B 635 17.36 -24.03 0.57
N LEU B 636 17.66 -23.03 -0.30
CA LEU B 636 16.71 -22.67 -1.37
C LEU B 636 16.84 -23.76 -2.46
N PRO B 637 15.75 -24.09 -3.19
CA PRO B 637 15.87 -25.16 -4.21
C PRO B 637 17.03 -24.97 -5.20
N ALA B 638 17.86 -26.01 -5.40
CA ALA B 638 18.99 -25.95 -6.34
C ALA B 638 18.54 -25.85 -7.82
N SER B 639 17.26 -26.12 -8.10
CA SER B 639 16.68 -26.05 -9.43
C SER B 639 16.33 -24.61 -9.86
N LEU B 640 16.56 -23.59 -9.00
CA LEU B 640 16.18 -22.21 -9.33
C LEU B 640 16.88 -21.64 -10.56
N THR B 641 16.09 -21.05 -11.46
CA THR B 641 16.55 -20.32 -12.65
C THR B 641 16.30 -18.79 -12.45
N GLU B 642 15.29 -18.39 -11.63
CA GLU B 642 15.00 -16.99 -11.40
C GLU B 642 14.71 -16.76 -9.93
N LEU B 643 15.52 -15.91 -9.28
CA LEU B 643 15.36 -15.60 -7.86
C LEU B 643 15.23 -14.10 -7.71
N HIS B 644 14.09 -13.64 -7.16
CA HIS B 644 13.86 -12.23 -6.91
C HIS B 644 13.91 -11.97 -5.41
N ILE B 645 14.80 -11.09 -4.97
CA ILE B 645 14.94 -10.68 -3.57
C ILE B 645 14.93 -9.13 -3.52
N ASN B 646 14.17 -8.49 -4.41
CA ASN B 646 14.11 -7.05 -4.52
C ASN B 646 13.23 -6.41 -3.43
N ASP B 647 13.41 -5.11 -3.21
CA ASP B 647 12.62 -4.34 -2.25
C ASP B 647 12.57 -4.96 -0.86
N ASN B 648 13.74 -5.30 -0.37
CA ASN B 648 14.00 -5.76 0.98
C ASN B 648 14.94 -4.66 1.58
N MET B 649 15.74 -4.94 2.61
CA MET B 649 16.69 -3.95 3.16
C MET B 649 18.06 -4.62 3.32
N LEU B 650 18.44 -5.46 2.35
CA LEU B 650 19.68 -6.22 2.45
C LEU B 650 20.88 -5.31 2.40
N LYS B 651 21.70 -5.33 3.45
CA LYS B 651 22.95 -4.56 3.50
C LYS B 651 24.13 -5.42 2.95
N PHE B 652 23.99 -6.76 2.94
CA PHE B 652 25.00 -7.69 2.47
C PHE B 652 24.34 -8.88 1.73
N PHE B 653 25.08 -9.45 0.78
CA PHE B 653 24.67 -10.60 -0.02
C PHE B 653 25.90 -11.48 -0.18
N ASN B 654 25.85 -12.75 0.22
CA ASN B 654 27.01 -13.64 0.10
C ASN B 654 27.02 -14.26 -1.30
N TRP B 655 27.79 -13.62 -2.20
CA TRP B 655 27.94 -14.02 -3.61
C TRP B 655 28.46 -15.44 -3.76
N THR B 656 29.30 -15.88 -2.82
CA THR B 656 29.87 -17.25 -2.79
C THR B 656 28.78 -18.33 -2.87
N LEU B 657 27.61 -18.10 -2.24
CA LEU B 657 26.54 -19.10 -2.21
C LEU B 657 25.86 -19.35 -3.56
N LEU B 658 26.16 -18.56 -4.61
CA LEU B 658 25.60 -18.84 -5.93
C LEU B 658 26.19 -20.14 -6.55
N GLN B 659 27.26 -20.72 -5.95
CA GLN B 659 27.86 -21.98 -6.44
C GLN B 659 26.88 -23.15 -6.37
N GLN B 660 25.97 -23.14 -5.39
CA GLN B 660 24.99 -24.21 -5.21
C GLN B 660 23.70 -24.03 -6.05
N PHE B 661 23.72 -23.12 -7.04
CA PHE B 661 22.59 -22.88 -7.93
C PHE B 661 23.12 -22.91 -9.37
N PRO B 662 23.41 -24.12 -9.91
CA PRO B 662 23.99 -24.18 -11.27
C PRO B 662 23.08 -23.79 -12.43
N ARG B 663 21.79 -23.54 -12.17
CA ARG B 663 20.85 -23.15 -13.21
C ARG B 663 20.35 -21.69 -13.07
N LEU B 664 20.90 -20.90 -12.11
CA LEU B 664 20.44 -19.54 -11.88
C LEU B 664 20.77 -18.63 -13.05
N GLU B 665 19.74 -18.18 -13.76
CA GLU B 665 19.83 -17.29 -14.92
C GLU B 665 19.52 -15.85 -14.53
N LEU B 666 18.57 -15.62 -13.61
CA LEU B 666 18.19 -14.28 -13.22
C LEU B 666 18.29 -14.10 -11.70
N LEU B 667 19.06 -13.08 -11.27
CA LEU B 667 19.19 -12.75 -9.86
C LEU B 667 18.78 -11.29 -9.77
N ASP B 668 17.70 -11.01 -9.03
CA ASP B 668 17.19 -9.65 -8.90
C ASP B 668 17.30 -9.16 -7.45
N LEU B 669 18.24 -8.23 -7.19
CA LEU B 669 18.47 -7.64 -5.87
C LEU B 669 18.21 -6.13 -5.88
N ARG B 670 17.30 -5.64 -6.74
CA ARG B 670 17.01 -4.21 -6.81
C ARG B 670 16.33 -3.69 -5.54
N GLY B 671 16.51 -2.42 -5.25
CA GLY B 671 15.83 -1.78 -4.13
C GLY B 671 16.22 -2.33 -2.77
N ASN B 672 17.51 -2.58 -2.56
CA ASN B 672 18.08 -3.04 -1.29
C ASN B 672 19.08 -1.95 -0.80
N LYS B 673 20.01 -2.26 0.12
CA LYS B 673 21.00 -1.30 0.62
C LYS B 673 22.42 -1.89 0.47
N LEU B 674 22.66 -2.66 -0.61
CA LEU B 674 23.95 -3.30 -0.84
C LEU B 674 25.00 -2.24 -1.14
N LEU B 675 26.14 -2.32 -0.46
CA LEU B 675 27.23 -1.35 -0.60
C LEU B 675 28.40 -1.90 -1.44
N PHE B 676 28.56 -3.24 -1.50
CA PHE B 676 29.69 -3.87 -2.16
C PHE B 676 29.27 -4.98 -3.13
N LEU B 677 30.12 -5.23 -4.15
CA LEU B 677 29.96 -6.30 -5.14
C LEU B 677 31.21 -7.19 -5.11
N THR B 678 31.03 -8.50 -5.35
CA THR B 678 32.16 -9.44 -5.35
C THR B 678 33.09 -9.16 -6.52
N ASP B 679 34.40 -9.38 -6.31
CA ASP B 679 35.40 -9.17 -7.37
C ASP B 679 35.72 -10.46 -8.17
N SER B 680 35.01 -11.59 -7.91
CA SER B 680 35.26 -12.86 -8.58
C SER B 680 33.96 -13.64 -8.80
N LEU B 681 32.99 -13.00 -9.49
CA LEU B 681 31.67 -13.58 -9.81
C LEU B 681 31.78 -14.81 -10.72
N SER B 682 32.83 -14.88 -11.57
CA SER B 682 33.03 -16.03 -12.46
C SER B 682 33.28 -17.34 -11.68
N ASP B 683 33.89 -17.25 -10.49
CA ASP B 683 34.15 -18.42 -9.66
C ASP B 683 32.86 -18.96 -9.00
N PHE B 684 31.83 -18.10 -8.82
CA PHE B 684 30.59 -18.48 -8.15
C PHE B 684 29.45 -18.82 -9.09
N THR B 685 29.47 -18.33 -10.35
CA THR B 685 28.42 -18.64 -11.31
C THR B 685 28.94 -18.65 -12.73
N SER B 686 28.44 -19.60 -13.52
CA SER B 686 28.72 -19.71 -14.95
C SER B 686 27.40 -19.86 -15.78
N SER B 687 26.23 -19.50 -15.17
CA SER B 687 24.92 -19.58 -15.80
C SER B 687 24.11 -18.27 -15.72
N LEU B 688 24.52 -17.30 -14.88
CA LEU B 688 23.78 -16.05 -14.68
C LEU B 688 23.78 -15.16 -15.93
N ARG B 689 22.57 -14.91 -16.47
CA ARG B 689 22.31 -14.11 -17.67
C ARG B 689 21.86 -12.68 -17.31
N THR B 690 21.03 -12.53 -16.27
CA THR B 690 20.52 -11.22 -15.87
C THR B 690 20.81 -10.96 -14.41
N LEU B 691 21.45 -9.83 -14.11
CA LEU B 691 21.77 -9.42 -12.75
C LEU B 691 21.23 -8.01 -12.51
N LEU B 692 20.12 -7.89 -11.75
CA LEU B 692 19.51 -6.59 -11.49
C LEU B 692 19.94 -6.05 -10.12
N LEU B 693 20.63 -4.91 -10.12
CA LEU B 693 21.16 -4.29 -8.90
C LEU B 693 20.79 -2.81 -8.74
N SER B 694 19.80 -2.31 -9.51
CA SER B 694 19.42 -0.91 -9.41
C SER B 694 18.82 -0.54 -8.05
N HIS B 695 18.96 0.72 -7.64
CA HIS B 695 18.45 1.22 -6.36
C HIS B 695 19.11 0.55 -5.17
N ASN B 696 20.44 0.53 -5.19
CA ASN B 696 21.30 0.05 -4.11
C ASN B 696 22.30 1.19 -3.77
N ARG B 697 23.31 0.94 -2.94
CA ARG B 697 24.30 1.96 -2.56
C ARG B 697 25.71 1.57 -3.03
N ILE B 698 25.81 1.01 -4.24
CA ILE B 698 27.08 0.57 -4.80
C ILE B 698 27.80 1.79 -5.38
N SER B 699 28.95 2.16 -4.80
CA SER B 699 29.73 3.32 -5.23
C SER B 699 30.99 2.96 -6.04
N HIS B 700 31.28 1.66 -6.26
CA HIS B 700 32.48 1.25 -6.98
C HIS B 700 32.29 -0.11 -7.67
N LEU B 701 32.74 -0.22 -8.93
CA LEU B 701 32.67 -1.47 -9.70
C LEU B 701 34.00 -2.20 -9.54
N PRO B 702 34.04 -3.45 -9.01
CA PRO B 702 35.34 -4.13 -8.84
C PRO B 702 36.10 -4.40 -10.13
N SER B 703 37.42 -4.65 -10.02
CA SER B 703 38.29 -4.96 -11.16
C SER B 703 37.82 -6.29 -11.75
N GLY B 704 37.62 -6.32 -13.07
CA GLY B 704 37.11 -7.50 -13.74
C GLY B 704 35.63 -7.71 -13.45
N PHE B 705 34.79 -6.83 -14.04
CA PHE B 705 33.33 -6.88 -13.87
C PHE B 705 32.64 -6.44 -15.17
N VAL B 709 29.74 -13.97 -15.67
CA VAL B 709 30.62 -13.14 -16.50
C VAL B 709 30.34 -13.35 -18.02
N SER B 710 30.78 -14.46 -18.65
CA SER B 710 30.57 -14.68 -20.09
C SER B 710 29.11 -14.90 -20.41
N SER B 711 28.39 -15.61 -19.54
CA SER B 711 26.95 -15.85 -19.68
C SER B 711 26.11 -14.59 -19.46
N LEU B 712 26.66 -13.57 -18.74
CA LEU B 712 25.91 -12.35 -18.44
C LEU B 712 25.58 -11.51 -19.68
N LYS B 713 24.28 -11.33 -19.93
CA LYS B 713 23.74 -10.58 -21.05
C LYS B 713 23.24 -9.21 -20.59
N HIS B 714 22.55 -9.15 -19.43
CA HIS B 714 21.96 -7.93 -18.91
C HIS B 714 22.47 -7.63 -17.50
N LEU B 715 23.09 -6.45 -17.33
CA LEU B 715 23.58 -5.95 -16.05
C LEU B 715 22.93 -4.59 -15.80
N ASP B 716 22.13 -4.47 -14.73
CA ASP B 716 21.47 -3.21 -14.40
C ASP B 716 22.08 -2.63 -13.11
N LEU B 717 22.89 -1.57 -13.24
CA LEU B 717 23.51 -0.86 -12.11
C LEU B 717 22.98 0.58 -12.01
N SER B 718 21.79 0.86 -12.52
CA SER B 718 21.22 2.20 -12.48
C SER B 718 20.81 2.59 -11.06
N SER B 719 20.69 3.90 -10.79
CA SER B 719 20.29 4.43 -9.49
C SER B 719 21.11 3.87 -8.32
N ASN B 720 22.43 3.90 -8.48
CA ASN B 720 23.41 3.51 -7.46
C ASN B 720 24.29 4.77 -7.16
N LEU B 721 25.45 4.64 -6.51
CA LEU B 721 26.28 5.80 -6.18
C LEU B 721 27.62 5.78 -6.96
N LEU B 722 27.61 5.26 -8.20
CA LEU B 722 28.82 5.17 -9.00
C LEU B 722 29.24 6.55 -9.52
N LYS B 723 30.47 7.00 -9.17
CA LYS B 723 31.02 8.28 -9.63
C LYS B 723 31.71 8.12 -11.00
N THR B 724 32.27 6.93 -11.28
CA THR B 724 32.98 6.64 -12.54
C THR B 724 33.13 5.12 -12.76
N ILE B 725 33.52 4.69 -13.98
CA ILE B 725 33.80 3.29 -14.28
C ILE B 725 35.26 3.25 -14.73
N ASN B 726 36.15 2.66 -13.91
CA ASN B 726 37.59 2.60 -14.16
C ASN B 726 38.00 1.53 -15.19
N LYS B 727 39.21 1.67 -15.76
CA LYS B 727 39.77 0.73 -16.73
C LYS B 727 39.97 -0.68 -16.15
N SER B 728 40.03 -0.83 -14.81
CA SER B 728 40.17 -2.13 -14.17
C SER B 728 38.89 -2.97 -14.39
N ALA B 729 37.71 -2.37 -14.19
CA ALA B 729 36.43 -3.04 -14.41
C ALA B 729 36.18 -3.34 -15.90
N LEU B 730 36.71 -2.49 -16.79
CA LEU B 730 36.55 -2.61 -18.24
C LEU B 730 37.63 -3.51 -18.82
N THR B 736 32.11 -12.46 -24.49
CA THR B 736 31.17 -11.73 -23.63
C THR B 736 29.80 -11.63 -24.30
N LYS B 737 28.74 -12.12 -23.62
CA LYS B 737 27.38 -12.00 -24.16
C LYS B 737 26.68 -10.71 -23.69
N LEU B 738 27.43 -9.73 -23.13
CA LEU B 738 26.82 -8.50 -22.61
C LEU B 738 26.21 -7.67 -23.73
N SER B 739 24.87 -7.55 -23.72
CA SER B 739 24.10 -6.81 -24.70
C SER B 739 23.34 -5.62 -24.06
N MET B 740 23.23 -5.55 -22.71
CA MET B 740 22.56 -4.44 -22.04
C MET B 740 23.27 -4.09 -20.73
N LEU B 741 23.47 -2.79 -20.53
CA LEU B 741 24.11 -2.24 -19.34
C LEU B 741 23.36 -0.96 -18.98
N GLU B 742 22.69 -0.93 -17.82
CA GLU B 742 21.93 0.25 -17.41
C GLU B 742 22.72 1.01 -16.37
N LEU B 743 22.86 2.33 -16.56
CA LEU B 743 23.64 3.19 -15.65
C LEU B 743 22.98 4.55 -15.35
N HIS B 744 21.73 4.77 -15.76
CA HIS B 744 21.03 6.02 -15.50
C HIS B 744 20.83 6.25 -13.99
N GLY B 745 20.90 7.48 -13.54
CA GLY B 745 20.69 7.81 -12.14
C GLY B 745 21.89 7.64 -11.22
N ASN B 746 23.10 7.46 -11.78
CA ASN B 746 24.33 7.36 -10.98
C ASN B 746 24.98 8.76 -10.92
N PRO B 747 25.56 9.17 -9.78
CA PRO B 747 26.16 10.51 -9.70
C PRO B 747 27.55 10.58 -10.36
N PHE B 748 27.57 10.61 -11.70
CA PHE B 748 28.83 10.60 -12.44
C PHE B 748 29.64 11.89 -12.36
N GLU B 749 30.92 11.79 -11.96
CA GLU B 749 31.84 12.92 -11.90
C GLU B 749 32.50 13.05 -13.28
N CYS B 750 31.94 13.88 -14.16
CA CYS B 750 32.44 14.06 -15.52
C CYS B 750 33.66 14.97 -15.57
N THR B 751 34.84 14.44 -15.22
CA THR B 751 36.08 15.21 -15.18
C THR B 751 37.28 14.53 -15.87
N CYS B 752 37.67 13.29 -15.45
CA CYS B 752 38.88 12.64 -15.98
C CYS B 752 38.66 11.18 -16.37
N ASP B 753 38.31 10.32 -15.39
CA ASP B 753 38.11 8.89 -15.61
C ASP B 753 36.87 8.56 -16.47
N ILE B 754 35.98 9.55 -16.74
CA ILE B 754 34.83 9.29 -17.61
C ILE B 754 35.27 9.14 -19.08
N GLY B 755 36.43 9.70 -19.46
CA GLY B 755 36.96 9.53 -20.80
C GLY B 755 37.23 8.07 -21.12
N ASP B 756 37.70 7.30 -20.14
CA ASP B 756 37.98 5.86 -20.30
C ASP B 756 36.68 5.09 -20.55
N PHE B 757 35.63 5.35 -19.76
CA PHE B 757 34.33 4.71 -19.94
C PHE B 757 33.71 5.15 -21.28
N ARG B 758 33.87 6.42 -21.66
CA ARG B 758 33.39 6.95 -22.95
C ARG B 758 34.08 6.21 -24.10
N ARG B 759 35.41 5.96 -23.98
CA ARG B 759 36.18 5.20 -24.97
C ARG B 759 35.65 3.76 -25.06
N TRP B 760 35.35 3.14 -23.90
CA TRP B 760 34.80 1.78 -23.85
C TRP B 760 33.45 1.72 -24.56
N MET B 761 32.59 2.75 -24.37
CA MET B 761 31.29 2.83 -25.02
C MET B 761 31.44 2.87 -26.55
N ASP B 762 32.45 3.61 -27.05
CA ASP B 762 32.70 3.71 -28.48
C ASP B 762 33.22 2.37 -29.04
N GLU B 763 34.06 1.67 -28.27
CA GLU B 763 34.61 0.37 -28.67
C GLU B 763 33.57 -0.75 -28.66
N HIS B 764 32.57 -0.69 -27.75
CA HIS B 764 31.55 -1.73 -27.63
C HIS B 764 30.15 -1.23 -27.96
N LEU B 765 29.86 -1.06 -29.25
CA LEU B 765 28.54 -0.62 -29.72
C LEU B 765 27.49 -1.74 -29.58
N ASN B 766 27.92 -3.02 -29.51
CA ASN B 766 27.03 -4.17 -29.34
C ASN B 766 26.29 -4.15 -27.99
N VAL B 767 26.85 -3.50 -26.94
CA VAL B 767 26.16 -3.43 -25.63
C VAL B 767 25.36 -2.11 -25.65
N LYS B 768 24.03 -2.20 -25.48
CA LYS B 768 23.14 -1.05 -25.48
C LYS B 768 23.04 -0.50 -24.07
N ILE B 769 23.19 0.83 -23.93
CA ILE B 769 23.05 1.52 -22.66
C ILE B 769 21.78 2.35 -22.80
N PRO B 770 20.63 1.90 -22.27
CA PRO B 770 19.39 2.67 -22.46
C PRO B 770 19.35 3.97 -21.65
N ARG B 771 18.40 4.85 -21.97
CA ARG B 771 18.18 6.12 -21.29
C ARG B 771 19.46 6.95 -21.15
N LEU B 772 20.17 7.11 -22.26
CA LEU B 772 21.43 7.84 -22.31
C LEU B 772 21.27 9.31 -21.86
N VAL B 773 20.06 9.89 -22.02
CA VAL B 773 19.77 11.26 -21.54
C VAL B 773 19.71 11.31 -19.99
N ASP B 774 19.37 10.18 -19.34
CA ASP B 774 19.31 10.07 -17.88
C ASP B 774 20.65 9.59 -17.25
N VAL B 775 21.69 9.31 -18.06
CA VAL B 775 23.03 8.96 -17.60
C VAL B 775 23.72 10.33 -17.52
N ILE B 776 23.33 11.11 -16.51
CA ILE B 776 23.69 12.51 -16.30
C ILE B 776 24.93 12.70 -15.42
N CYS B 777 25.68 13.80 -15.67
CA CYS B 777 26.82 14.18 -14.87
C CYS B 777 26.29 14.87 -13.60
N ALA B 778 26.84 14.56 -12.43
CA ALA B 778 26.50 15.26 -11.19
C ALA B 778 27.49 16.42 -10.93
N SER B 779 28.75 16.30 -11.40
CA SER B 779 29.83 17.28 -11.24
C SER B 779 30.66 17.33 -12.54
N PRO B 780 31.36 18.45 -12.87
CA PRO B 780 31.36 19.75 -12.18
C PRO B 780 30.11 20.59 -12.51
N GLY B 781 30.03 21.79 -11.93
CA GLY B 781 28.90 22.70 -12.10
C GLY B 781 28.51 23.02 -13.54
N ASP B 782 29.51 23.32 -14.40
CA ASP B 782 29.26 23.68 -15.79
C ASP B 782 28.70 22.51 -16.66
N GLN B 783 28.69 21.26 -16.15
CA GLN B 783 28.10 20.12 -16.87
C GLN B 783 27.15 19.31 -15.94
N ARG B 784 26.54 19.97 -14.94
CA ARG B 784 25.69 19.32 -13.94
C ARG B 784 24.44 18.60 -14.46
N GLY B 785 23.79 19.13 -15.49
CA GLY B 785 22.59 18.51 -16.04
C GLY B 785 22.76 17.76 -17.34
N LYS B 786 23.96 17.83 -17.94
CA LYS B 786 24.23 17.20 -19.23
C LYS B 786 24.42 15.68 -19.17
N SER B 787 24.17 14.99 -20.29
CA SER B 787 24.41 13.56 -20.43
C SER B 787 25.93 13.33 -20.49
N ILE B 788 26.41 12.16 -20.03
CA ILE B 788 27.85 11.86 -20.04
C ILE B 788 28.44 11.81 -21.45
N VAL B 789 27.60 11.68 -22.50
CA VAL B 789 28.07 11.59 -23.89
C VAL B 789 28.12 13.00 -24.53
N SER B 790 28.48 14.03 -23.75
CA SER B 790 28.56 15.42 -24.23
C SER B 790 29.76 16.12 -23.59
C1 NAG C . 5.08 -11.24 33.50
C2 NAG C . 5.79 -10.59 32.30
C3 NAG C . 6.55 -9.36 32.77
C4 NAG C . 5.63 -8.40 33.51
C5 NAG C . 4.92 -9.14 34.64
C6 NAG C . 3.90 -8.28 35.37
C7 NAG C . 6.88 -11.81 30.45
C8 NAG C . 8.12 -12.57 30.08
N2 NAG C . 6.71 -11.58 31.76
O3 NAG C . 7.12 -8.74 31.62
O4 NAG C . 6.38 -7.34 34.10
O5 NAG C . 4.20 -10.27 34.09
O6 NAG C . 3.46 -8.90 36.56
O7 NAG C . 6.08 -11.41 29.61
H2 NAG C . 5.05 -10.29 31.57
H3 NAG C . 7.36 -9.66 33.44
H4 NAG C . 4.89 -8.02 32.81
H5 NAG C . 5.67 -9.50 35.35
H61 NAG C . 3.00 -8.20 34.78
H62 NAG C . 4.27 -7.28 35.56
H81 NAG C . 8.08 -13.08 29.12
H82 NAG C . 8.32 -13.36 30.80
H83 NAG C . 8.99 -11.92 30.08
HN2 NAG C . 7.25 -12.10 32.44
HO3 NAG C . 7.61 -7.94 31.96
HO6 NAG C . 3.56 -9.89 36.46
C1 NAG C . 6.57 -6.16 33.38
C2 NAG C . 7.00 -5.06 34.35
C3 NAG C . 7.18 -3.77 33.53
C4 NAG C . 8.18 -3.98 32.39
C5 NAG C . 7.79 -5.21 31.58
C6 NAG C . 8.81 -5.62 30.54
C7 NAG C . 6.24 -4.43 36.60
C8 NAG C . 5.04 -4.09 37.45
N2 NAG C . 5.97 -4.87 35.36
O3 NAG C . 7.64 -2.74 34.39
O4 NAG C . 8.15 -2.87 31.51
O5 NAG C . 7.62 -6.35 32.44
O6 NAG C . 10.05 -5.99 31.13
O7 NAG C . 7.39 -4.30 37.02
H2 NAG C . 7.95 -5.32 34.80
H3 NAG C . 6.22 -3.47 33.11
H4 NAG C . 9.17 -4.14 32.82
H5 NAG C . 6.84 -5.04 31.05
H61 NAG C . 9.08 -4.77 29.92
H62 NAG C . 8.43 -6.39 29.88
H81 NAG C . 5.30 -3.69 38.42
H82 NAG C . 4.43 -4.97 37.62
H83 NAG C . 4.40 -3.36 36.95
HN2 NAG C . 5.03 -5.09 35.09
HO3 NAG C . 7.62 -1.90 33.87
HO6 NAG C . 9.86 -6.35 32.04
C1 BMA C . 9.20 -1.92 31.53
C2 BMA C . 9.00 -1.01 30.33
C3 BMA C . 10.03 0.11 30.33
C4 BMA C . 10.06 0.84 31.67
C5 BMA C . 10.22 -0.18 32.81
C6 BMA C . 10.15 0.44 34.19
O2 BMA C . 7.68 -0.47 30.35
O3 BMA C . 9.71 1.05 29.30
O4 BMA C . 11.15 1.74 31.70
O5 BMA C . 9.17 -1.16 32.73
O6 BMA C . 8.90 1.10 34.42
H2 BMA C . 9.15 -1.58 29.42
H3 BMA C . 11.01 -0.30 30.09
H4 BMA C . 9.13 1.39 31.81
H5 BMA C . 11.17 -0.68 32.72
H61 BMA C . 10.99 1.09 34.38
H62 BMA C . 10.17 -0.34 34.95
HO2 BMA C . 7.07 -1.23 30.15
HO4 BMA C . 10.99 2.45 32.37
C1 MAN C . 10.63 1.31 28.24
C2 MAN C . 10.23 2.62 27.56
C3 MAN C . 8.90 2.45 26.82
C4 MAN C . 8.96 1.27 25.87
C5 MAN C . 9.40 0.02 26.61
C6 MAN C . 9.62 -1.17 25.69
O2 MAN C . 11.26 3.02 26.66
O3 MAN C . 8.58 3.65 26.12
O4 MAN C . 7.66 1.06 25.30
O5 MAN C . 10.65 0.25 27.29
O6 MAN C . 10.74 -0.97 24.83
H2 MAN C . 10.13 3.40 28.31
H3 MAN C . 8.10 2.32 27.55
H4 MAN C . 9.68 1.49 25.08
H5 MAN C . 8.63 -0.27 27.32
H61 MAN C . 8.71 -1.42 25.14
H62 MAN C . 9.89 -2.04 26.27
HO2 MAN C . 10.89 3.69 26.03
HO3 MAN C . 8.00 3.45 25.34
HO4 MAN C . 7.77 0.57 24.44
HO6 MAN C . 11.54 -0.85 25.40
C1 MAN C . 7.04 2.13 35.69
C2 MAN C . 8.55 2.10 35.44
C3 MAN C . 9.07 3.53 35.26
C4 MAN C . 8.31 4.22 34.15
C5 MAN C . 6.82 4.20 34.44
C6 MAN C . 5.98 4.76 33.30
O1 MAN C . 6.78 2.73 36.93
O3 MAN C . 10.47 3.51 34.99
O4 MAN C . 8.76 5.57 34.04
O5 MAN C . 6.38 2.84 34.64
O6 MAN C . 4.59 4.78 33.63
H1 MAN C . 6.59 1.15 35.62
H3 MAN C . 8.97 4.07 36.20
H4 MAN C . 8.50 3.69 33.21
H5 MAN C . 6.60 4.80 35.32
H61 MAN C . 6.18 4.24 32.36
H62 MAN C . 6.22 5.82 33.14
HO1 MAN C . 5.80 2.78 37.06
HO3 MAN C . 10.79 4.41 34.73
HO4 MAN C . 8.55 5.91 33.13
HO6 MAN C . 4.09 4.87 32.78
C1 NAG D . -10.98 -0.27 15.46
C2 NAG D . -9.92 0.67 16.05
C3 NAG D . -8.71 0.70 15.13
C4 NAG D . -8.19 -0.72 14.89
C5 NAG D . -9.33 -1.58 14.36
C6 NAG D . -8.95 -3.04 14.15
C7 NAG D . -10.62 2.65 17.36
C8 NAG D . -11.42 3.91 17.32
N2 NAG D . -10.49 2.00 16.19
O3 NAG D . -7.70 1.52 15.72
O4 NAG D . -7.17 -0.71 13.90
O5 NAG D . -10.40 -1.56 15.31
O6 NAG D . -8.53 -3.66 15.37
O7 NAG D . -10.13 2.23 18.40
H2 NAG D . -9.60 0.28 17.02
H3 NAG D . -8.99 1.12 14.18
H4 NAG D . -7.85 -1.12 15.84
H5 NAG D . -9.68 -1.19 13.41
H61 NAG D . -8.08 -3.13 13.52
H62 NAG D . -9.76 -3.60 13.69
H81 NAG D . -12.00 4.09 18.23
H82 NAG D . -12.15 3.90 16.51
H83 NAG D . -10.80 4.79 17.17
HN2 NAG D . -10.79 2.43 15.33
HO3 NAG D . -6.84 1.25 15.29
HO6 NAG D . -9.12 -3.32 16.09
C1 NAG D . -5.85 -0.84 14.34
C2 NAG D . -5.00 -1.40 13.18
C3 NAG D . -3.52 -1.37 13.56
C4 NAG D . -3.11 0.02 14.01
C5 NAG D . -4.01 0.42 15.18
C6 NAG D . -3.71 1.80 15.73
C7 NAG D . -6.15 -3.08 11.81
C8 NAG D . -6.41 -4.56 11.61
N2 NAG D . -5.43 -2.76 12.88
O3 NAG D . -2.75 -1.79 12.44
O4 NAG D . -1.75 0.03 14.41
O5 NAG D . -5.36 0.44 14.74
O6 NAG D . -3.87 2.80 14.73
O7 NAG D . -6.58 -2.24 11.02
H2 NAG D . -5.13 -0.76 12.32
H3 NAG D . -3.35 -2.08 14.37
H4 NAG D . -3.31 0.70 13.18
H5 NAG D . -3.90 -0.30 15.99
H61 NAG D . -2.68 1.88 16.07
H62 NAG D . -4.34 2.02 16.60
H81 NAG D . -7.26 -4.78 10.96
H82 NAG D . -6.60 -5.05 12.56
H83 NAG D . -5.54 -5.05 11.17
HN2 NAG D . -5.16 -3.48 13.55
HO3 NAG D . -1.80 -1.58 12.66
HO6 NAG D . -4.77 2.69 14.34
C1 BMA D . -0.82 0.80 13.65
C2 BMA D . -0.13 1.78 14.58
C3 BMA D . 0.91 2.59 13.82
C4 BMA D . 1.89 1.65 13.11
C5 BMA D . 1.14 0.63 12.26
C6 BMA D . 2.06 -0.44 11.73
O2 BMA D . 0.48 1.09 15.66
O3 BMA D . 1.60 3.46 14.70
O4 BMA D . 2.74 2.42 12.27
O5 BMA D . 0.16 -0.06 13.06
O6 BMA D . 1.59 -1.05 10.54
H2 BMA D . -0.86 2.51 14.94
H3 BMA D . 0.43 3.26 13.11
H4 BMA D . 2.49 1.13 13.86
H5 BMA D . 0.63 1.14 11.46
H61 BMA D . 2.34 -1.15 12.51
H62 BMA D . 2.96 0.10 11.44
HO2 BMA D . -0.26 0.75 16.22
HO3 BMA D . 1.92 2.94 15.47
HO4 BMA D . 3.63 2.00 12.18
HO6 BMA D . 0.59 -1.10 10.59
C1 MAN D . 2.50 -1.77 9.72
C2 MAN D . 3.49 -2.57 10.59
C3 MAN D . 4.80 -1.84 10.91
C4 MAN D . 5.36 -1.04 9.74
C5 MAN D . 4.30 -0.16 9.09
C6 MAN D . 4.79 0.47 7.81
O2 MAN D . 3.52 -3.96 10.27
O3 MAN D . 5.78 -2.79 11.36
O4 MAN D . 6.43 -0.21 10.20
O5 MAN D . 3.14 -0.93 8.74
O6 MAN D . 3.79 1.29 7.19
H2 MAN D . 3.92 -2.74 9.61
H3 MAN D . 4.64 -1.19 11.77
H4 MAN D . 5.75 -1.73 8.99
H5 MAN D . 4.06 0.70 9.71
H61 MAN D . 5.17 -0.29 7.12
H62 MAN D . 5.61 1.16 8.01
HO2 MAN D . 3.13 -4.47 11.02
HO4 MAN D . 7.01 0.03 9.43
HO6 MAN D . 2.91 0.91 7.46
C1 MAN D . 6.45 -2.62 12.60
C2 MAN D . 7.46 -3.76 12.75
C3 MAN D . 6.71 -5.09 12.86
C4 MAN D . 5.68 -5.06 13.97
C5 MAN D . 4.78 -3.83 13.85
C6 MAN D . 3.90 -3.63 15.07
O2 MAN D . 8.26 -3.55 13.90
O3 MAN D . 7.64 -6.15 13.09
O4 MAN D . 4.88 -6.23 13.90
O5 MAN D . 5.56 -2.62 13.71
O6 MAN D . 3.14 -2.42 15.01
H2 MAN D . 8.13 -3.79 11.88
H3 MAN D . 6.25 -5.33 11.90
H4 MAN D . 6.20 -5.01 14.92
H5 MAN D . 4.11 -3.94 12.99
H61 MAN D . 4.49 -3.71 15.99
H62 MAN D . 3.15 -4.42 15.11
HO2 MAN D . 9.04 -4.15 13.87
HO3 MAN D . 7.16 -7.00 13.27
HO4 MAN D . 4.47 -6.39 14.79
HO6 MAN D . 3.44 -1.92 14.21
C1 NAG E . -8.40 9.07 10.02
C2 NAG E . -7.32 8.15 10.62
C3 NAG E . -7.21 8.43 12.13
C4 NAG E . -6.97 9.90 12.39
C5 NAG E . -8.07 10.74 11.74
C6 NAG E . -7.87 12.22 11.87
C7 NAG E . -6.91 5.90 9.68
C8 NAG E . -7.48 4.51 9.55
N2 NAG E . -7.67 6.76 10.39
O3 NAG E . -6.14 7.67 12.68
O4 NAG E . -6.96 10.15 13.79
O5 NAG E . -8.09 10.44 10.33
O6 NAG E . -6.58 12.66 11.43
O7 NAG E . -5.84 6.22 9.20
H2 NAG E . -6.35 8.40 10.19
H3 NAG E . -8.15 8.13 12.61
H4 NAG E . -6.01 10.15 11.91
H5 NAG E . -9.03 10.48 12.16
H61 NAG E . -7.87 12.51 12.92
H62 NAG E . -8.67 12.78 11.38
H81 NAG E . -6.77 3.80 9.11
H82 NAG E . -8.35 4.51 8.89
H83 NAG E . -7.79 4.11 10.50
HN2 NAG E . -8.55 6.46 10.79
HO3 NAG E . -5.91 8.10 13.53
HO6 NAG E . -6.59 13.66 11.39
C1 NAG E . -5.94 10.96 14.31
C2 NAG E . -6.25 11.25 15.78
C3 NAG E . -5.13 12.14 16.33
C4 NAG E . -3.78 11.49 16.11
C5 NAG E . -3.60 11.17 14.63
C6 NAG E . -2.32 10.43 14.31
C7 NAG E . -8.65 11.34 16.30
C8 NAG E . -9.88 12.19 16.32
N2 NAG E . -7.53 11.93 15.86
O3 NAG E . -5.36 12.35 17.72
O4 NAG E . -2.75 12.37 16.54
O5 NAG E . -4.68 10.33 14.20
O6 NAG E . -2.26 9.17 14.99
O7 NAG E . -8.67 10.16 16.64
H2 NAG E . -6.25 10.33 16.35
H3 NAG E . -5.15 13.10 15.83
H4 NAG E . -3.78 10.55 16.67
H5 NAG E . -3.61 12.09 14.05
H61 NAG E . -1.46 10.96 14.71
H62 NAG E . -2.17 10.31 13.24
H81 NAG E . -10.72 11.74 16.87
H82 NAG E . -10.25 12.38 15.32
H83 NAG E . -9.68 13.16 16.77
HN2 NAG E . -7.55 12.89 15.58
HO3 NAG E . -4.47 12.61 18.10
HO6 NAG E . -3.15 8.74 14.88
C1 BMA E . -1.81 11.91 17.46
C2 BMA E . -0.56 12.76 17.35
C3 BMA E . 0.48 12.28 18.35
C4 BMA E . -0.09 12.27 19.76
C5 BMA E . -1.39 11.47 19.78
C6 BMA E . -2.11 11.49 21.11
O2 BMA E . -0.91 14.12 17.59
O3 BMA E . 1.74 12.95 18.26
O4 BMA E . 0.84 11.68 20.66
O5 BMA E . -2.32 11.98 18.80
O6 BMA E . -2.54 12.81 21.44
H2 BMA E . -0.17 12.60 16.35
H3 BMA E . 0.79 11.27 18.08
H4 BMA E . -0.30 13.29 20.08
H5 BMA E . -1.18 10.42 19.54
H61 BMA E . -1.52 11.02 21.89
H62 BMA E . -3.05 10.94 21.04
HO2 BMA E . -1.36 14.43 16.76
HO4 BMA E . 0.65 11.97 21.58
C1 MAN E . 1.89 14.37 17.99
C2 MAN E . 1.98 14.62 16.48
C3 MAN E . 3.19 13.89 15.91
C4 MAN E . 4.45 14.37 16.61
C5 MAN E . 4.31 14.24 18.12
C6 MAN E . 5.44 14.90 18.87
O2 MAN E . 2.09 16.01 16.23
O3 MAN E . 3.27 14.12 14.51
O4 MAN E . 5.56 13.59 16.16
O5 MAN E . 3.10 14.86 18.59
O6 MAN E . 5.34 14.66 20.28
H2 MAN E . 1.08 14.32 15.95
H3 MAN E . 3.07 12.81 16.01
H4 MAN E . 4.63 15.42 16.36
H5 MAN E . 4.31 13.18 18.40
H61 MAN E . 5.52 15.96 18.64
H62 MAN E . 6.38 14.44 18.60
HO2 MAN E . 1.24 16.45 16.48
HO3 MAN E . 4.07 13.68 14.12
HO4 MAN E . 6.40 14.09 16.33
HO6 MAN E . 4.37 14.56 20.49
C1 MAN E . -2.79 13.01 22.80
C2 MAN E . -4.11 13.78 22.98
C3 MAN E . -3.94 15.30 22.88
C4 MAN E . -2.66 15.83 23.55
C5 MAN E . -1.48 15.00 23.06
C6 MAN E . -0.14 15.43 23.63
O2 MAN E . -4.97 13.23 23.96
O3 MAN E . -5.09 15.97 23.40
O4 MAN E . -2.47 17.20 23.21
O5 MAN E . -1.68 13.64 23.45
O6 MAN E . 0.92 14.70 23.03
H2 MAN E . -3.71 13.90 23.99
H3 MAN E . -3.93 15.57 21.83
H4 MAN E . -2.75 15.72 24.63
H5 MAN E . -1.41 15.09 21.97
H61 MAN E . -0.14 15.36 24.72
H62 MAN E . 0.07 16.47 23.37
HO2 MAN E . -5.37 12.40 23.59
HO3 MAN E . -5.28 15.69 24.32
HO4 MAN E . -1.90 17.63 23.90
HO6 MAN E . 0.60 13.77 22.92
C1 NAG F . -18.38 3.72 -30.59
C2 NAG F . -17.11 4.14 -29.85
C3 NAG F . -15.90 4.00 -30.77
C4 NAG F . -15.81 2.58 -31.33
C5 NAG F . -17.14 2.22 -31.98
C6 NAG F . -17.19 0.79 -32.49
C7 NAG F . -16.93 6.03 -28.27
C8 NAG F . -16.84 7.52 -28.19
N2 NAG F . -17.27 5.53 -29.46
O3 NAG F . -14.73 4.31 -30.02
O4 NAG F . -14.80 2.50 -32.33
O5 NAG F . -18.21 2.37 -31.03
O6 NAG F . -18.31 0.56 -33.33
O7 NAG F . -16.70 5.31 -27.30
H2 NAG F . -16.96 3.50 -28.98
H3 NAG F . -15.98 4.70 -31.60
H4 NAG F . -15.63 1.89 -30.51
H5 NAG F . -17.32 2.89 -32.82
H61 NAG F . -17.34 0.11 -31.66
H62 NAG F . -16.26 0.49 -32.98
H81 NAG F . -16.93 7.94 -27.19
H82 NAG F . -17.63 8.00 -28.77
H83 NAG F . -15.89 7.88 -28.60
HN2 NAG F . -17.68 6.14 -30.16
HO3 NAG F . -13.96 4.21 -30.64
HO6 NAG F . -19.01 1.21 -33.06
C1 NAG F . -13.52 2.11 -31.95
C2 NAG F . -12.74 1.67 -33.19
C3 NAG F . -11.34 1.25 -32.75
C4 NAG F . -10.65 2.36 -31.98
C5 NAG F . -11.56 2.88 -30.88
C6 NAG F . -11.02 4.12 -30.18
C7 NAG F . -13.38 0.30 -35.14
C8 NAG F . -13.97 -1.00 -35.58
N2 NAG F . -13.44 0.56 -33.83
O3 NAG F . -10.59 0.88 -33.90
O4 NAG F . -9.46 1.87 -31.37
O5 NAG F . -12.83 3.23 -31.41
O6 NAG F . -10.93 5.23 -31.06
O7 NAG F . -12.88 1.09 -35.93
H2 NAG F . -12.66 2.51 -33.88
H3 NAG F . -11.44 0.36 -32.10
H4 NAG F . -10.44 3.18 -32.68
H5 NAG F . -11.69 2.11 -30.11
H61 NAG F . -9.99 3.96 -29.85
H62 NAG F . -11.61 4.36 -29.29
H81 NAG F . -13.85 -1.19 -36.66
H82 NAG F . -15.03 -1.04 -35.38
H83 NAG F . -13.52 -1.84 -35.06
HN2 NAG F . -13.98 -0.04 -33.22
HO3 NAG F . -9.74 0.49 -33.56
HO6 NAG F . -11.63 5.11 -31.76
C1 BMA F . -8.20 2.18 -31.91
C2 BMA F . -7.15 1.71 -30.90
C3 BMA F . -5.75 1.91 -31.45
C4 BMA F . -5.60 1.29 -32.84
C5 BMA F . -6.72 1.79 -33.75
C6 BMA F . -6.72 1.13 -35.12
O2 BMA F . -7.37 0.34 -30.59
O3 BMA F . -4.80 1.30 -30.56
O4 BMA F . -4.35 1.66 -33.39
O5 BMA F . -8.00 1.52 -33.15
O6 BMA F . -6.88 -0.28 -35.05
H2 BMA F . -7.25 2.30 -30.00
H3 BMA F . -5.52 2.97 -31.48
H4 BMA F . -5.65 0.20 -32.76
H5 BMA F . -6.63 2.86 -33.89
H61 BMA F . -5.86 1.42 -35.71
H62 BMA F . -7.61 1.45 -35.69
HO2 BMA F . -8.21 0.31 -30.07
HO4 BMA F . -4.08 1.02 -34.09
C1 MAN F . -3.79 2.08 -29.94
C2 MAN F . -2.70 1.14 -29.42
C3 MAN F . -3.23 0.29 -28.27
C4 MAN F . -3.84 1.16 -27.18
C5 MAN F . -4.88 2.10 -27.77
C6 MAN F . -5.41 3.10 -26.78
O2 MAN F . -1.57 1.90 -29.00
O3 MAN F . -2.19 -0.53 -27.74
O4 MAN F . -4.45 0.33 -26.20
O5 MAN F . -4.31 2.86 -28.86
O6 MAN F . -4.42 4.05 -26.38
H2 MAN F . -2.36 0.49 -30.22
H3 MAN F . -3.98 -0.41 -28.65
H4 MAN F . -3.04 1.75 -26.73
H5 MAN F . -5.73 1.52 -28.14
H61 MAN F . -5.87 2.62 -25.92
H62 MAN F . -6.18 3.72 -27.24
HO2 MAN F . -1.00 1.32 -28.42
HO3 MAN F . -2.37 -0.75 -26.79
HO4 MAN F . -4.50 0.84 -25.35
HO6 MAN F . -4.13 4.53 -27.20
C1 MAN F . -7.37 -2.59 -35.78
C2 MAN F . -6.58 -1.31 -36.05
C3 MAN F . -5.13 -1.65 -36.33
C4 MAN F . -4.54 -2.46 -35.18
C5 MAN F . -5.39 -3.70 -34.93
C6 MAN F . -4.95 -4.49 -33.72
O1 MAN F . -7.43 -3.36 -36.97
O3 MAN F . -4.37 -0.47 -36.54
O4 MAN F . -3.20 -2.83 -35.49
O5 MAN F . -6.76 -3.33 -34.71
O6 MAN F . -5.73 -5.67 -33.54
H1 MAN F . -8.36 -2.38 -35.39
H3 MAN F . -5.04 -2.21 -37.27
H4 MAN F . -4.56 -1.84 -34.29
H5 MAN F . -5.32 -4.37 -35.79
H61 MAN F . -4.96 -3.87 -32.82
H62 MAN F . -3.93 -4.85 -33.85
HO1 MAN F . -7.91 -4.20 -36.76
HO3 MAN F . -3.39 -0.66 -36.58
HO4 MAN F . -2.73 -3.04 -34.63
HO6 MAN F . -5.60 -5.97 -32.60
C1 NAG G . -10.48 -11.86 -10.64
C2 NAG G . -9.43 -11.64 -11.71
C3 NAG G . -8.52 -10.49 -11.30
C4 NAG G . -9.34 -9.24 -10.99
C5 NAG G . -10.40 -9.58 -9.95
C6 NAG G . -11.34 -8.43 -9.62
C7 NAG G . -8.59 -13.55 -13.04
C8 NAG G . -7.94 -14.90 -12.97
N2 NAG G . -8.67 -12.87 -11.89
O3 NAG G . -7.57 -10.25 -12.32
O4 NAG G . -8.51 -8.23 -10.43
O5 NAG G . -11.21 -10.64 -10.45
O6 NAG G . -12.05 -7.98 -10.76
O7 NAG G . -9.07 -13.11 -14.09
H2 NAG G . -9.92 -11.34 -12.64
H3 NAG G . -7.98 -10.78 -10.39
H4 NAG G . -9.83 -8.92 -11.91
H5 NAG G . -9.92 -9.90 -9.02
H61 NAG G . -10.78 -7.55 -9.31
H62 NAG G . -12.01 -8.69 -8.81
H81 NAG G . -8.39 -15.63 -13.64
H82 NAG G . -8.02 -15.33 -11.97
H83 NAG G . -6.88 -14.85 -13.20
HN2 NAG G . -8.15 -13.19 -11.07
HO3 NAG G . -7.24 -9.32 -12.19
HO6 NAG G . -12.31 -8.78 -11.29
C1 NAG G . -8.12 -7.17 -11.26
C2 NAG G . -7.79 -5.97 -10.38
C3 NAG G . -7.19 -4.85 -11.24
C4 NAG G . -6.00 -5.39 -12.05
C5 NAG G . -6.49 -6.56 -12.89
C6 NAG G . -5.42 -7.20 -13.74
C7 NAG G . -9.23 -5.69 -8.41
C8 NAG G . -10.49 -5.04 -7.87
N2 NAG G . -9.00 -5.50 -9.72
O3 NAG G . -6.76 -3.79 -10.39
O4 NAG G . -5.46 -4.36 -12.86
O5 NAG G . -6.99 -7.58 -12.03
O6 NAG G . -4.36 -7.69 -12.95
O7 NAG G . -8.48 -6.35 -7.69
H2 NAG G . -7.03 -6.25 -9.65
H3 NAG G . -7.94 -4.48 -11.93
H4 NAG G . -5.28 -5.77 -11.33
H5 NAG G . -7.30 -6.22 -13.56
H61 NAG G . -4.95 -6.47 -14.40
H62 NAG G . -5.83 -7.98 -14.37
H81 NAG G . -10.84 -5.50 -6.95
H82 NAG G . -11.30 -5.11 -8.59
H83 NAG G . -10.33 -3.98 -7.68
HN2 NAG G . -9.66 -5.01 -10.29
HO3 NAG G . -6.23 -3.18 -10.96
HO4 NAG G . -6.18 -4.11 -13.50
HO6 NAG G . -4.74 -8.28 -12.26
C1 BMA G . -4.14 -3.92 -12.60
C2 BMA G . -3.46 -3.58 -13.90
C3 BMA G . -2.03 -3.11 -13.64
C4 BMA G . -2.00 -1.99 -12.60
C5 BMA G . -2.78 -2.43 -11.36
C6 BMA G . -2.87 -1.38 -10.27
O2 BMA G . -4.20 -2.58 -14.60
O3 BMA G . -1.42 -2.67 -14.86
O4 BMA G . -0.65 -1.73 -12.23
O5 BMA G . -4.12 -2.80 -11.72
O6 BMA G . -3.54 -0.17 -10.65
H2 BMA G . -3.43 -4.49 -14.51
H3 BMA G . -1.44 -3.95 -13.31
H4 BMA G . -2.45 -1.09 -12.99
H5 BMA G . -2.28 -3.30 -10.92
H61 BMA G . -1.90 -1.21 -9.81
H62 BMA G . -3.51 -1.75 -9.47
HO2 BMA G . -5.04 -3.03 -14.90
HO4 BMA G . -0.58 -0.82 -11.84
C1 MAN G . -0.98 -3.66 -15.80
C2 MAN G . 0.46 -4.05 -15.48
C3 MAN G . 1.41 -2.90 -15.82
C4 MAN G . 1.20 -2.45 -17.26
C5 MAN G . -0.26 -2.12 -17.51
C6 MAN G . -0.56 -1.78 -18.95
O2 MAN G . 0.81 -5.21 -16.21
O3 MAN G . 2.76 -3.29 -15.60
O4 MAN G . 1.99 -1.29 -17.53
O5 MAN G . -1.09 -3.23 -17.15
O6 MAN G . -1.91 -1.37 -19.12
H2 MAN G . 0.57 -4.28 -14.42
H3 MAN G . 1.23 -2.06 -15.14
H4 MAN G . 1.49 -3.26 -17.93
H5 MAN G . -0.54 -1.24 -16.91
H61 MAN G . -0.30 -2.61 -19.61
H62 MAN G . 0.01 -0.92 -19.28
HO2 MAN G . 1.68 -5.55 -15.88
HO3 MAN G . 3.39 -2.61 -15.95
HO4 MAN G . 2.16 -1.23 -18.51
HO6 MAN G . -2.49 -2.10 -18.77
C1 MAN G . -2.74 0.84 -11.21
C2 MAN G . -1.80 1.43 -10.11
C3 MAN G . -1.32 2.86 -10.40
C4 MAN G . -1.39 3.23 -11.89
C5 MAN G . -2.83 3.05 -12.38
C6 MAN G . -2.94 2.95 -13.89
O2 MAN G . -0.85 0.51 -9.59
O3 MAN G . -0.02 3.12 -9.87
O4 MAN G . -0.95 4.57 -12.08
O5 MAN G . -3.51 1.89 -11.83
O6 MAN G . -4.29 3.03 -14.34
H2 MAN G . -1.15 1.13 -10.94
H3 MAN G . -1.96 3.55 -9.85
H4 MAN G . -0.73 2.59 -12.47
H5 MAN G . -3.43 3.92 -12.09
H61 MAN G . -2.44 2.06 -14.27
H62 MAN G . -2.46 3.81 -14.35
HO3 MAN G . 0.69 2.79 -10.48
HO4 MAN G . -0.85 4.72 -13.06
HO6 MAN G . -4.87 2.72 -13.59
C1 NAG H . 0.25 -13.99 -8.26
C2 NAG H . -0.18 -12.73 -9.01
C3 NAG H . -0.45 -13.08 -10.48
C4 NAG H . 0.77 -13.75 -11.09
C5 NAG H . 1.15 -14.98 -10.26
C6 NAG H . 2.41 -15.68 -10.75
C7 NAG H . -1.48 -10.96 -7.86
C8 NAG H . -2.82 -10.60 -7.29
N2 NAG H . -1.39 -12.18 -8.41
O3 NAG H . -0.75 -11.89 -11.21
O4 NAG H . 0.47 -14.14 -12.43
O5 NAG H . 1.40 -14.57 -8.91
O6 NAG H . 3.52 -14.80 -10.86
O7 NAG H . -0.54 -10.17 -7.85
H2 NAG H . 0.63 -12.00 -8.99
H3 NAG H . -1.30 -13.75 -10.55
H4 NAG H . 1.59 -13.03 -11.04
H5 NAG H . 0.33 -15.69 -10.28
H61 NAG H . 2.27 -16.04 -11.77
H62 NAG H . 2.65 -16.54 -10.12
H81 NAG H . -2.90 -9.56 -6.99
H82 NAG H . -3.01 -11.18 -6.38
H83 NAG H . -3.63 -10.82 -7.97
HN2 NAG H . -2.20 -12.79 -8.42
HO3 NAG H . -0.58 -12.10 -12.16
HO6 NAG H . 4.33 -15.36 -11.02
C1 NAG H . 1.43 -13.87 -13.41
C2 NAG H . 1.01 -14.56 -14.71
C3 NAG H . 2.07 -14.26 -15.78
C4 NAG H . 2.26 -12.76 -15.92
C5 NAG H . 2.60 -12.15 -14.57
C6 NAG H . 2.74 -10.64 -14.57
C7 NAG H . -0.25 -16.63 -14.37
C8 NAG H . -0.15 -18.12 -14.13
N2 NAG H . 0.91 -15.98 -14.47
O3 NAG H . 1.63 -14.81 -17.01
O4 NAG H . 3.32 -12.49 -16.84
O5 NAG H . 1.56 -12.47 -13.63
O6 NAG H . 1.52 -10.04 -14.96
O7 NAG H . -1.33 -16.06 -14.45
H2 NAG H . 0.07 -14.14 -15.06
H3 NAG H . 3.01 -14.71 -15.48
H4 NAG H . 1.31 -12.34 -16.25
H5 NAG H . 3.55 -12.57 -14.21
H61 NAG H . 3.44 -10.32 -15.34
H62 NAG H . 3.09 -10.27 -13.61
H81 NAG H . -1.09 -18.64 -14.26
H82 NAG H . 0.19 -18.32 -13.12
H83 NAG H . 0.58 -18.59 -14.80
HN2 NAG H . 1.79 -16.49 -14.39
HO3 NAG H . 2.13 -14.32 -17.72
HO6 NAG H . 0.77 -10.48 -14.47
C1 BMA H . 3.06 -11.65 -17.93
C2 BMA H . 4.38 -11.09 -18.43
C3 BMA H . 4.13 -10.17 -19.61
C4 BMA H . 3.37 -10.91 -20.71
C5 BMA H . 2.09 -11.51 -20.11
C6 BMA H . 1.31 -12.37 -21.09
O2 BMA H . 5.25 -12.17 -18.78
O3 BMA H . 5.34 -9.59 -20.11
O4 BMA H . 3.01 -9.99 -21.74
O5 BMA H . 2.41 -12.35 -19.00
O6 BMA H . 2.08 -13.51 -21.49
H2 BMA H . 4.81 -10.51 -17.62
H3 BMA H . 3.56 -9.31 -19.27
H4 BMA H . 3.99 -11.71 -21.13
H5 BMA H . 1.44 -10.72 -19.77
H61 BMA H . 0.95 -11.79 -21.93
H62 BMA H . 0.44 -12.79 -20.59
HO2 BMA H . 5.55 -12.57 -17.93
HO3 BMA H . 6.10 -10.15 -19.84
HO4 BMA H . 2.83 -10.49 -22.59
HO6 BMA H . 2.66 -13.76 -20.72
C1 MAN H . 1.47 -14.43 -22.35
C2 MAN H . 2.54 -15.51 -22.67
C3 MAN H . 3.61 -14.95 -23.60
C4 MAN H . 3.03 -14.22 -24.81
C5 MAN H . 2.00 -13.18 -24.37
C6 MAN H . 1.27 -12.53 -25.52
O2 MAN H . 2.02 -16.83 -22.81
O3 MAN H . 4.49 -15.98 -24.02
O4 MAN H . 4.09 -13.55 -25.50
O5 MAN H . 0.99 -13.81 -23.56
O6 MAN H . 0.32 -11.58 -25.08
H2 MAN H . 1.96 -15.67 -23.58
H3 MAN H . 4.23 -14.27 -23.02
H4 MAN H . 2.55 -14.92 -25.49
H5 MAN H . 2.49 -12.39 -23.81
H61 MAN H . 0.83 -13.28 -26.19
H62 MAN H . 1.98 -11.95 -26.12
HO2 MAN H . 2.73 -17.47 -22.54
HO3 MAN H . 5.31 -15.60 -24.43
HO4 MAN H . 3.79 -13.35 -26.43
HO6 MAN H . -0.45 -12.08 -24.71
C1 NAG I . 44.74 2.93 32.19
C2 NAG I . 45.60 3.97 32.90
C3 NAG I . 47.05 3.59 32.63
C4 NAG I . 47.33 2.20 33.20
C5 NAG I . 46.32 1.20 32.65
C6 NAG I . 46.40 -0.15 33.33
C7 NAG I . 44.34 6.10 32.86
C8 NAG I . 44.07 7.35 32.10
N2 NAG I . 45.32 5.31 32.38
O3 NAG I . 47.89 4.56 33.25
O4 NAG I . 48.65 1.80 32.81
O5 NAG I . 44.97 1.68 32.85
O6 NAG I . 45.44 -1.06 32.80
O7 NAG I . 43.70 5.79 33.86
H2 NAG I . 45.43 3.94 33.97
H3 NAG I . 47.24 3.59 31.57
H4 NAG I . 47.24 2.25 34.28
H5 NAG I . 46.48 1.05 31.58
H61 NAG I . 46.11 -0.07 34.38
H62 NAG I . 47.41 -0.56 33.29
H81 NAG I . 43.25 7.94 32.51
H82 NAG I . 43.80 7.14 31.06
H83 NAG I . 44.96 7.99 32.07
HN2 NAG I . 45.87 5.62 31.59
HO3 NAG I . 48.82 4.25 33.08
HO4 NAG I . 48.93 1.09 33.45
HO6 NAG I . 44.54 -0.61 32.85
C1 NAG J . 40.32 -6.68 24.84
C2 NAG J . 40.98 -8.07 24.87
C3 NAG J . 42.18 -7.92 25.80
C4 NAG J . 43.17 -6.92 25.22
C5 NAG J . 42.46 -5.61 24.83
C6 NAG J . 43.31 -4.70 23.97
C7 NAG J . 39.37 -9.92 24.52
C8 NAG J . 38.50 -10.95 25.20
N2 NAG J . 40.08 -9.12 25.34
O3 NAG J . 42.80 -9.19 25.98
O4 NAG J . 44.19 -6.64 26.18
O5 NAG J . 41.28 -5.90 24.08
O6 NAG J . 42.58 -3.54 23.57
O7 NAG J . 39.42 -9.82 23.30
H2 NAG J . 41.36 -8.32 23.87
H3 NAG J . 41.84 -7.56 26.77
H4 NAG J . 43.61 -7.35 24.33
H5 NAG J . 42.18 -5.07 25.73
H61 NAG J . 43.55 -5.19 23.03
H62 NAG J . 44.24 -4.43 24.46
H81 NAG J . 38.18 -11.75 24.54
H82 NAG J . 37.60 -10.50 25.60
H83 NAG J . 39.02 -11.41 26.04
HN2 NAG J . 40.02 -9.23 26.35
HO3 NAG J . 43.78 -9.04 25.97
HO4 NAG J . 44.95 -6.23 25.69
HO6 NAG J . 41.61 -3.80 23.54
C1 NAG K . 12.55 -4.42 53.36
C2 NAG K . 13.91 -4.65 54.05
C3 NAG K . 14.08 -3.51 55.05
C4 NAG K . 14.07 -2.17 54.33
C5 NAG K . 12.77 -2.02 53.55
C6 NAG K . 12.73 -0.78 52.68
C7 NAG K . 14.93 -6.79 54.71
C8 NAG K . 14.82 -7.96 55.64
N2 NAG K . 13.91 -5.93 54.74
O3 NAG K . 15.29 -3.68 55.78
O4 NAG K . 14.20 -1.11 55.28
O5 NAG K . 12.57 -3.15 52.69
O6 NAG K . 11.48 -0.61 52.04
O7 NAG K . 15.91 -6.63 53.98
H2 NAG K . 14.70 -4.58 53.32
H3 NAG K . 13.25 -3.53 55.76
H4 NAG K . 14.90 -2.17 53.63
H5 NAG K . 11.93 -1.96 54.26
H61 NAG K . 13.44 -0.89 51.85
H62 NAG K . 13.02 0.12 53.23
H81 NAG K . 15.66 -8.66 55.57
H82 NAG K . 13.93 -8.55 55.43
H83 NAG K . 14.74 -7.65 56.68
HN2 NAG K . 13.07 -6.15 55.27
HO3 NAG K . 15.48 -2.80 56.21
HO4 NAG K . 14.55 -0.32 54.81
HO6 NAG K . 11.03 -1.50 52.02
C1 NAG L . -32.76 6.47 2.48
C2 NAG L . -33.60 7.01 1.32
C3 NAG L . -34.93 7.41 1.96
C4 NAG L . -35.62 6.20 2.57
C5 NAG L . -34.67 5.43 3.49
C6 NAG L . -35.20 4.05 3.83
C7 NAG L . -33.10 8.33 -0.70
C8 NAG L . -32.86 9.73 -1.19
N2 NAG L . -33.01 8.15 0.63
O3 NAG L . -35.77 8.02 0.99
O4 NAG L . -36.75 6.62 3.32
O5 NAG L . -33.40 5.24 2.84
O6 NAG L . -34.28 3.30 4.60
O7 NAG L . -33.40 7.42 -1.47
H2 NAG L . -33.79 6.19 0.63
H3 NAG L . -34.72 8.14 2.75
H4 NAG L . -35.94 5.54 1.75
H5 NAG L . -34.50 5.98 4.41
H61 NAG L . -35.32 3.46 2.93
H62 NAG L . -36.17 4.11 4.31
H81 NAG L . -33.01 9.85 -2.26
H82 NAG L . -31.85 10.05 -0.98
H83 NAG L . -33.52 10.44 -0.68
HN2 NAG L . -32.50 8.80 1.20
HO3 NAG L . -36.52 8.45 1.49
HO4 NAG L . -37.36 5.84 3.42
HO6 NAG L . -33.93 3.88 5.33
C1 NAG M . -16.10 25.85 14.56
C2 NAG M . -17.31 25.45 15.41
C3 NAG M . -17.01 25.86 16.85
C4 NAG M . -15.73 25.20 17.33
C5 NAG M . -14.60 25.53 16.37
C6 NAG M . -13.29 24.85 16.69
C7 NAG M . -19.61 25.51 14.50
C8 NAG M . -20.62 26.35 13.80
N2 NAG M . -18.50 26.13 14.91
O3 NAG M . -18.09 25.51 17.70
O4 NAG M . -15.41 25.67 18.64
O5 NAG M . -14.96 25.14 15.02
O6 NAG M . -12.25 25.27 15.81
O7 NAG M . -19.79 24.30 14.69
H2 NAG M . -17.42 24.36 15.38
H3 NAG M . -16.88 26.94 16.89
H4 NAG M . -15.89 24.12 17.34
H5 NAG M . -14.41 26.60 16.40
H61 NAG M . -13.37 23.78 16.53
H62 NAG M . -13.00 25.00 17.74
H81 NAG M . -21.61 25.92 13.76
H82 NAG M . -20.32 26.53 12.76
H83 NAG M . -20.72 27.33 14.26
HN2 NAG M . -18.45 27.14 14.89
HO3 NAG M . -18.28 24.54 17.53
HO4 NAG M . -14.83 25.00 19.08
HO6 NAG M . -12.60 25.21 14.88
C1 NAG N . -0.87 32.14 -9.38
C2 NAG N . -0.48 32.08 -10.86
C3 NAG N . -0.86 33.41 -11.52
C4 NAG N . -2.36 33.66 -11.37
C5 NAG N . -2.73 33.60 -9.89
C6 NAG N . -4.22 33.69 -9.63
C7 NAG N . 1.42 30.89 -11.87
C8 NAG N . 2.91 30.91 -12.07
N2 NAG N . 0.94 31.83 -11.02
O3 NAG N . -0.52 33.37 -12.90
O4 NAG N . -2.69 34.93 -11.90
O5 NAG N . -2.29 32.33 -9.34
O6 NAG N . -4.91 32.60 -10.22
O7 NAG N . 0.70 30.09 -12.45
H2 NAG N . -1.06 31.30 -11.34
H3 NAG N . -0.32 34.23 -11.04
H4 NAG N . -2.87 32.86 -11.91
H5 NAG N . -2.23 34.41 -9.35
H61 NAG N . -4.64 34.55 -10.14
H62 NAG N . -4.44 33.77 -8.58
H81 NAG N . 3.31 29.98 -12.45
H82 NAG N . 3.43 31.10 -11.13
H83 NAG N . 3.22 31.71 -12.74
HN2 NAG N . 1.57 32.39 -10.46
HO3 NAG N . -0.90 34.21 -13.30
HO4 NAG N . -3.65 34.92 -12.13
HO6 NAG N . -5.82 32.56 -9.80
C1 NAG O . -31.18 17.61 8.46
C2 NAG O . -32.25 16.52 8.31
C3 NAG O . -33.58 17.21 8.03
C4 NAG O . -33.91 18.22 9.12
C5 NAG O . -32.77 19.22 9.28
C6 NAG O . -32.95 20.15 10.46
C7 NAG O . -31.89 14.36 7.16
C8 NAG O . -31.46 13.72 5.88
N2 NAG O . -31.86 15.70 7.18
O3 NAG O . -34.62 16.25 7.90
O4 NAG O . -35.10 18.93 8.77
O5 NAG O . -31.53 18.53 9.50
O6 NAG O . -32.93 19.45 11.70
O7 NAG O . -32.26 13.70 8.13
H2 NAG O . -32.33 15.95 9.22
H3 NAG O . -33.50 17.77 7.09
H4 NAG O . -34.05 17.67 10.05
H5 NAG O . -32.68 19.82 8.38
H61 NAG O . -33.93 20.61 10.44
H62 NAG O . -32.21 20.96 10.45
H81 NAG O . -31.79 12.68 5.77
H82 NAG O . -30.37 13.70 5.79
H83 NAG O . -31.82 14.26 5.01
HN2 NAG O . -31.53 16.21 6.35
HO3 NAG O . -35.43 16.76 7.63
HO4 NAG O . -35.50 19.28 9.61
HO6 NAG O . -32.81 20.12 12.42
C1 NAG P . 7.92 -17.62 56.39
C2 NAG P . 8.34 -16.68 57.52
C3 NAG P . 8.47 -17.52 58.79
C4 NAG P . 7.14 -18.19 59.12
C5 NAG P . 6.72 -19.06 57.94
C6 NAG P . 5.33 -19.65 58.10
C7 NAG P . 9.80 -14.69 57.51
C8 NAG P . 11.20 -14.19 57.33
N2 NAG P . 9.59 -15.99 57.25
O3 NAG P . 8.86 -16.68 59.88
O4 NAG P . 7.29 -18.98 60.29
O5 NAG P . 6.68 -18.26 56.74
O6 NAG P . 4.31 -18.66 57.98
O7 NAG P . 8.90 -13.95 57.92
H2 NAG P . 7.53 -15.98 57.67
H3 NAG P . 9.23 -18.29 58.65
H4 NAG P . 6.40 -17.41 59.25
H5 NAG P . 7.42 -19.88 57.81
H61 NAG P . 5.18 -20.04 59.10
H62 NAG P . 5.17 -20.49 57.41
H81 NAG P . 11.25 -13.16 56.98
H82 NAG P . 11.74 -14.79 56.61
H83 NAG P . 11.77 -14.25 58.25
HN2 NAG P . 10.32 -16.55 56.83
HO3 NAG P . 8.73 -17.22 60.70
HO4 NAG P . 6.38 -19.09 60.68
HO6 NAG P . 4.33 -18.33 57.04
C1 NAG Q . 32.31 17.58 38.23
C2 NAG Q . 31.73 18.63 39.19
C3 NAG Q . 32.90 19.49 39.70
C4 NAG Q . 33.96 18.61 40.36
C5 NAG Q . 34.45 17.57 39.35
C6 NAG Q . 35.44 16.59 39.91
C7 NAG Q . 29.44 19.22 38.47
C8 NAG Q . 28.60 20.25 37.77
N2 NAG Q . 30.77 19.46 38.50
O3 NAG Q . 32.41 20.46 40.61
O4 NAG Q . 35.05 19.41 40.79
O5 NAG Q . 33.33 16.81 38.85
O6 NAG Q . 34.87 15.81 40.96
O7 NAG Q . 28.95 18.23 39.00
H2 NAG Q . 31.28 18.16 40.06
H3 NAG Q . 33.36 20.00 38.86
H4 NAG Q . 33.49 18.09 41.20
H5 NAG Q . 34.91 18.08 38.50
H61 NAG Q . 36.26 17.10 40.39
H62 NAG Q . 35.86 15.95 39.14
H81 NAG Q . 27.54 20.02 37.78
H82 NAG Q . 28.89 20.35 36.73
H83 NAG Q . 28.72 21.24 38.23
HN2 NAG Q . 31.14 20.27 38.00
HO3 NAG Q . 33.16 20.65 41.23
HO4 NAG Q . 35.52 18.91 41.50
HO6 NAG Q . 34.41 15.03 40.54
C1 NAG R . 32.39 -20.12 34.38
C2 NAG R . 31.80 -20.47 33.01
C3 NAG R . 32.89 -21.35 32.38
C4 NAG R . 34.20 -20.58 32.23
C5 NAG R . 34.62 -19.96 33.57
C6 NAG R . 35.79 -19.01 33.47
C7 NAG R . 29.69 -21.34 32.08
C8 NAG R . 28.53 -22.25 32.31
N2 NAG R . 30.55 -21.20 33.10
O3 NAG R . 32.46 -21.79 31.09
O4 NAG R . 35.23 -21.47 31.80
O5 NAG R . 33.52 -19.23 34.16
O6 NAG R . 35.55 -17.97 32.51
O7 NAG R . 29.86 -20.78 31.00
H2 NAG R . 31.75 -19.60 32.35
H3 NAG R . 33.06 -22.22 33.00
H4 NAG R . 34.05 -19.79 31.50
H5 NAG R . 34.90 -20.75 34.26
H61 NAG R . 36.66 -19.52 33.07
H62 NAG R . 36.07 -18.59 34.43
H81 NAG R . 27.81 -22.28 31.50
H82 NAG R . 27.98 -21.97 33.21
H83 NAG R . 28.86 -23.28 32.47
HN2 NAG R . 30.34 -21.64 34.00
HO3 NAG R . 33.10 -22.49 30.80
HO4 NAG R . 35.95 -20.92 31.37
HO6 NAG R . 34.62 -17.66 32.64
C1 NAG S . -19.41 -26.15 34.21
C2 NAG S . -19.52 -27.61 33.74
C3 NAG S . -19.90 -28.47 34.93
C4 NAG S . -18.88 -28.30 36.05
C5 NAG S . -18.77 -26.82 36.41
C6 NAG S . -17.73 -26.54 37.47
C7 NAG S . -20.18 -27.74 31.37
C8 NAG S . -21.28 -28.10 30.42
N2 NAG S . -20.48 -27.78 32.66
O3 NAG S . -19.93 -29.85 34.55
O4 NAG S . -19.32 -29.04 37.19
O5 NAG S . -18.42 -26.07 35.23
O6 NAG S . -16.51 -27.22 37.23
O7 NAG S . -19.06 -27.41 30.97
H2 NAG S . -18.53 -27.94 33.40
H3 NAG S . -20.88 -28.18 35.30
H4 NAG S . -17.92 -28.67 35.69
H5 NAG S . -19.73 -26.47 36.78
H61 NAG S . -18.06 -26.93 38.43
H62 NAG S . -17.58 -25.46 37.61
H81 NAG S . -21.03 -27.94 29.37
H82 NAG S . -22.17 -27.51 30.60
H83 NAG S . -21.58 -29.15 30.52
HN2 NAG S . -21.44 -27.95 32.95
HO3 NAG S . -19.82 -30.37 35.38
HO4 NAG S . -18.52 -29.25 37.75
HO6 NAG S . -15.88 -26.58 36.78
C1 NAG T . -13.01 1.10 43.17
C2 NAG T . -12.12 0.87 44.40
C3 NAG T . -11.90 2.22 45.09
C4 NAG T . -11.28 3.21 44.12
C5 NAG T . -12.21 3.38 42.92
C6 NAG T . -11.69 4.30 41.84
C7 NAG T . -12.70 -1.41 45.20
C8 NAG T . -13.62 -2.20 46.08
N2 NAG T . -12.77 -0.07 45.31
O3 NAG T . -11.08 2.05 46.24
O4 NAG T . -11.09 4.48 44.76
O5 NAG T . -12.43 2.10 42.31
O6 NAG T . -10.56 3.75 41.15
O7 NAG T . -11.96 -1.95 44.38
H2 NAG T . -11.14 0.49 44.10
H3 NAG T . -12.86 2.61 45.41
H4 NAG T . -10.33 2.81 43.78
H5 NAG T . -13.18 3.76 43.26
H61 NAG T . -11.31 5.22 42.27
H62 NAG T . -12.48 4.57 41.14
H81 NAG T . -13.41 -3.26 46.09
H82 NAG T . -14.66 -2.08 45.76
H83 NAG T . -13.58 -1.85 47.11
HN2 NAG T . -13.29 0.34 46.08
HO3 NAG T . -11.08 2.93 46.71
HO4 NAG T . -10.40 4.97 44.26
HO6 NAG T . -10.22 4.45 40.54
N1 A1BLO U . -25.99 1.02 -4.76
C7 A1BLO U . -31.60 0.45 -5.92
C8 A1BLO U . -27.63 -0.87 -4.45
N2 A1BLO U . -26.33 2.38 -6.71
C9 A1BLO U . -32.70 1.25 -5.70
O1 A1BLO U . -30.98 4.06 -0.89
C1 A1BLO U . -27.98 -2.77 -3.02
C5 A1BLO U . -29.41 -2.45 -4.92
C6 A1BLO U . -32.82 1.67 -8.07
N3 A1BLO U . -28.83 -0.45 -6.33
C4 A1BLO U . -33.32 1.83 -6.79
O4 A1BLO U . -31.07 0.73 -9.48
C3 A1BLO U . -27.28 -1.62 -3.32
O3 A1BLO U . -30.80 5.20 -8.85
C2 A1BLO U . -29.04 -3.19 -3.81
N4 A1BLO U . -24.54 2.70 -5.29
C10 A1BLO U . -31.05 0.28 -7.19
C11 A1BLO U . -27.06 0.30 -5.10
C12 A1BLO U . -28.70 -1.30 -5.24
C13 A1BLO U . -27.83 0.53 -6.25
C14 A1BLO U . -31.67 0.91 -8.26
C15 A1BLO U . -27.40 1.67 -7.08
C16 A1BLO U . -25.66 2.03 -5.58
C17 A1BLO U . -31.64 4.42 -2.11
C18 A1BLO U . -31.85 3.15 -0.22
C19 A1BLO U . -32.58 3.28 -2.49
C20 A1BLO U . -32.39 2.25 -1.31
C21 A1BLO U . -26.15 0.84 -11.96
C22 A1BLO U . -31.51 1.51 -10.58
C23 A1BLO U . -29.84 -0.60 -7.38
C24 A1BLO U . -33.10 1.65 -4.29
C25 A1BLO U . -26.44 1.23 -10.51
C26 A1BLO U . -26.92 2.65 -10.37
C27 A1BLO U . -28.89 3.94 -9.53
C28 A1BLO U . -29.66 4.53 -8.38
C29 A1BLO U . -27.66 3.13 -9.11
N5 A1BLO U . -28.04 2.03 -8.23
N6 A1BLO U . -32.21 2.71 -3.80
O2 A1BLO U . -33.62 1.65 -0.90
H7 A1BLO U . -31.17 -0.06 -5.05
H1 A1BLO U . -27.71 -3.36 -2.14
H5 A1BLO U . -30.25 -2.77 -5.53
H6 A1BLO U . -33.37 2.16 -8.87
H4 A1BLO U . -34.23 2.43 -6.65
H3 A1BLO U . -26.45 -1.29 -2.69
H38 A1BLO U . -31.33 5.46 -8.06
H2 A1BLO U . -29.58 -4.10 -3.56
H34 A1BLO U . -24.24 3.48 -5.88
H33 A1BLO U . -23.98 2.47 -4.49
H9 A1BLO U . -32.18 5.36 -1.93
H8 A1BLO U . -30.85 4.65 -2.83
H10 A1BLO U . -31.26 2.65 0.55
H11 A1BLO U . -32.64 3.72 0.27
H12 A1BLO U . -33.60 3.67 -2.51
H13 A1BLO U . -31.67 1.47 -1.54
H14 A1BLO U . -25.79 -0.18 -12.05
H15 A1BLO U . -25.39 1.47 -12.42
H16 A1BLO U . -27.04 0.92 -12.57
H17 A1BLO U . -30.67 1.46 -11.26
H19 A1BLO U . -31.71 2.56 -10.33
H18 A1BLO U . -32.39 1.08 -11.06
H21 A1BLO U . -29.36 -0.46 -8.34
H20 A1BLO U . -30.14 -1.64 -7.40
H22 A1BLO U . -33.12 0.76 -3.67
H23 A1BLO U . -34.12 2.03 -4.28
H24 A1BLO U . -25.51 1.14 -9.95
H25 A1BLO U . -27.13 0.52 -10.09
H27 A1BLO U . -27.56 2.85 -11.22
H26 A1BLO U . -26.09 3.32 -10.55
H28 A1BLO U . -29.54 3.30 -10.11
H29 A1BLO U . -28.64 4.74 -10.21
H30 A1BLO U . -29.03 5.19 -7.79
H31 A1BLO U . -30.01 3.76 -7.68
H32 A1BLO U . -26.99 3.83 -8.60
H35 A1BLO U . -28.89 1.55 -8.49
H36 A1BLO U . -32.00 3.41 -4.50
H37 A1BLO U . -33.39 1.08 -0.12
C1 NAG V . 13.29 28.05 -45.33
C2 NAG V . 14.37 27.79 -46.37
C3 NAG V . 15.12 29.12 -46.62
C4 NAG V . 14.14 30.18 -47.12
C5 NAG V . 12.95 30.29 -46.18
C6 NAG V . 11.83 31.15 -46.71
C7 NAG V . 15.18 25.47 -46.17
C8 NAG V . 16.23 24.58 -45.61
N2 NAG V . 15.33 26.78 -45.93
O3 NAG V . 16.14 28.93 -47.59
O4 NAG V . 14.81 31.44 -47.20
O5 NAG V . 12.39 28.99 -45.94
O6 NAG V . 10.75 31.23 -45.79
O7 NAG V . 14.23 25.03 -46.81
H2 NAG V . 13.92 27.50 -47.32
H3 NAG V . 15.56 29.47 -45.70
H4 NAG V . 13.78 29.87 -48.11
H5 NAG V . 13.28 30.70 -45.22
H61 NAG V . 11.40 30.69 -47.60
H62 NAG V . 12.18 32.14 -47.00
H81 NAG V . 16.07 23.52 -45.78
H82 NAG V . 16.29 24.70 -44.52
H83 NAG V . 17.22 24.80 -45.99
HN2 NAG V . 16.15 27.12 -45.45
HO3 NAG V . 16.57 29.82 -47.72
HO4 NAG V . 14.29 32.01 -47.83
HO6 NAG V . 10.46 30.29 -45.58
C1 NAG W . 5.35 31.11 -35.14
C2 NAG W . 4.52 32.41 -35.13
C3 NAG W . 4.93 33.11 -36.44
C4 NAG W . 6.42 33.45 -36.43
C5 NAG W . 7.25 32.22 -36.05
C6 NAG W . 8.69 32.55 -35.69
C7 NAG W . 2.37 32.22 -33.95
C8 NAG W . 0.90 31.99 -34.10
N2 NAG W . 3.08 32.19 -35.08
O3 NAG W . 4.14 34.29 -36.60
O4 NAG W . 6.81 33.94 -37.71
O5 NAG W . 6.68 31.57 -34.89
O6 NAG W . 9.39 31.38 -35.27
O7 NAG W . 2.89 32.43 -32.86
H2 NAG W . 4.84 33.04 -34.31
H3 NAG W . 4.72 32.45 -37.28
H4 NAG W . 6.57 34.21 -35.68
H5 NAG W . 7.26 31.52 -36.87
H61 NAG W . 8.72 33.20 -34.82
H62 NAG W . 9.20 33.06 -36.51
H81 NAG W . 0.31 32.31 -33.24
H82 NAG W . 0.69 30.92 -34.24
H83 NAG W . 0.50 32.49 -34.97
HN2 NAG W . 2.63 32.02 -35.98
HO3 NAG W . 4.75 35.01 -36.94
HO4 NAG W . 7.69 34.40 -37.59
HO6 NAG W . 8.73 30.75 -34.88
C1 NAG X . -13.26 30.27 -40.72
C2 NAG X . -13.44 31.74 -40.35
C3 NAG X . -13.78 32.51 -41.62
C4 NAG X . -12.66 32.33 -42.65
C5 NAG X . -12.43 30.84 -42.89
C6 NAG X . -11.28 30.54 -43.83
C7 NAG X . -14.35 31.72 -38.04
C8 NAG X . -15.59 31.77 -37.20
N2 NAG X . -14.52 31.88 -39.37
O3 NAG X . -13.92 33.89 -41.30
O4 NAG X . -13.03 32.96 -43.88
O5 NAG X . -12.16 30.18 -41.64
O6 NAG X . -10.03 31.03 -43.33
O7 NAG X . -13.23 31.53 -37.55
H2 NAG X . -12.52 32.16 -39.96
H3 NAG X . -14.70 32.15 -42.04
H4 NAG X . -11.76 32.77 -42.24
H5 NAG X . -13.33 30.41 -43.32
H61 NAG X . -11.40 31.07 -44.77
H62 NAG X . -11.22 29.48 -44.06
H81 NAG X . -15.40 31.88 -36.14
H82 NAG X . -16.17 30.86 -37.32
H83 NAG X . -16.24 32.60 -37.50
HN2 NAG X . -15.43 32.12 -39.74
HO3 NAG X . -13.71 34.40 -42.14
HO4 NAG X . -12.19 33.17 -44.37
HO6 NAG X . -9.93 30.70 -42.40
C1 NAG Y . -16.05 2.46 -52.71
C2 NAG Y . -15.81 3.55 -53.76
C3 NAG Y . -15.15 2.89 -54.95
C4 NAG Y . -13.83 2.25 -54.53
C5 NAG Y . -14.09 1.23 -53.42
C6 NAG Y . -12.82 0.66 -52.84
C7 NAG Y . -17.26 5.47 -54.29
C8 NAG Y . -18.57 5.88 -54.90
N2 NAG Y . -17.08 4.15 -54.15
O3 NAG Y . -14.93 3.84 -55.99
O4 NAG Y . -13.24 1.60 -55.65
O5 NAG Y . -14.80 1.87 -52.34
O6 NAG Y . -13.07 -0.33 -51.87
O7 NAG Y . -16.40 6.29 -53.97
H2 NAG Y . -15.12 4.29 -53.35
H3 NAG Y . -15.80 2.10 -55.33
H4 NAG Y . -13.18 3.04 -54.16
H5 NAG Y . -14.69 0.41 -53.81
H61 NAG Y . -12.28 1.43 -52.28
H62 NAG Y . -12.14 0.29 -53.61
H81 NAG Y . -18.70 6.96 -54.99
H82 NAG Y . -19.41 5.53 -54.30
H83 NAG Y . -18.70 5.46 -55.89
HN2 NAG Y . -17.84 3.51 -54.32
HO3 NAG Y . -14.29 3.42 -56.62
HO4 NAG Y . -12.27 1.52 -55.48
HO6 NAG Y . -14.00 -0.19 -51.53
C1 NAG Z . -10.94 -30.74 7.59
C2 NAG Z . -10.51 -31.50 8.84
C3 NAG Z . -11.03 -32.92 8.64
C4 NAG Z . -12.56 -32.92 8.54
C5 NAG Z . -13.04 -31.89 7.51
C6 NAG Z . -14.52 -31.61 7.64
C7 NAG Z . -8.50 -31.47 10.27
C8 NAG Z . -7.10 -31.97 10.38
N2 NAG Z . -9.07 -31.53 9.06
O3 NAG Z . -10.63 -33.76 9.71
O4 NAG Z . -13.01 -34.21 8.14
O5 NAG Z . -12.36 -30.64 7.71
O6 NAG Z . -14.96 -30.59 6.76
O7 NAG Z . -9.11 -31.05 11.26
H2 NAG Z . -11.01 -31.07 9.70
H3 NAG Z . -10.62 -33.31 7.71
H4 NAG Z . -12.95 -32.65 9.52
H5 NAG Z . -12.83 -32.23 6.50
H61 NAG Z . -14.74 -31.20 8.63
H62 NAG Z . -15.11 -32.52 7.53
H81 NAG Z . -6.69 -31.95 11.38
H82 NAG Z . -6.42 -31.36 9.77
H83 NAG Z . -7.01 -32.99 10.01
HN2 NAG Z . -8.49 -31.60 8.23
HO3 NAG Z . -10.80 -34.69 9.43
HO4 NAG Z . -13.96 -34.29 8.41
HO6 NAG Z . -14.57 -30.77 5.86
C1 NAG AA . 8.49 -30.49 -12.95
C2 NAG AA . 7.28 -31.39 -13.24
C3 NAG AA . 7.27 -31.65 -14.74
C4 NAG AA . 7.18 -30.33 -15.50
C5 NAG AA . 8.33 -29.43 -15.07
C6 NAG AA . 8.29 -28.05 -15.69
C7 NAG AA . 6.55 -33.10 -11.62
C8 NAG AA . 6.98 -34.26 -10.79
N2 NAG AA . 7.44 -32.63 -12.50
O3 NAG AA . 6.17 -32.48 -15.09
O4 NAG AA . 7.27 -30.60 -16.90
O5 NAG AA . 8.30 -29.25 -13.64
O6 NAG AA . 9.43 -27.28 -15.32
O7 NAG AA . 5.42 -32.61 -11.50
H2 NAG AA . 6.37 -30.86 -12.96
H3 NAG AA . 8.19 -32.15 -15.03
H4 NAG AA . 6.23 -29.85 -15.25
H5 NAG AA . 9.27 -29.89 -15.36
H61 NAG AA . 7.45 -27.48 -15.31
H62 NAG AA . 8.19 -28.10 -16.77
H81 NAG AA . 6.16 -34.81 -10.32
H82 NAG AA . 7.62 -33.94 -9.96
H83 NAG AA . 7.56 -34.98 -11.36
HN2 NAG AA . 8.29 -33.16 -12.68
HO3 NAG AA . 5.37 -32.07 -14.69
HO4 NAG AA . 6.85 -29.83 -17.38
HO6 NAG AA . 9.54 -27.36 -14.33
C1 NAG BA . 29.20 -17.39 2.65
C2 NAG BA . 29.86 -16.77 3.89
C3 NAG BA . 30.97 -17.70 4.38
C4 NAG BA . 30.39 -19.07 4.71
C5 NAG BA . 29.64 -19.60 3.49
C6 NAG BA . 28.90 -20.90 3.74
C7 NAG BA . 30.18 -14.38 4.40
C8 NAG BA . 30.98 -13.16 4.07
N2 NAG BA . 30.40 -15.44 3.61
O3 NAG BA . 31.59 -17.15 5.54
O4 NAG BA . 31.43 -19.96 5.06
O5 NAG BA . 28.65 -18.65 3.06
O6 NAG BA . 27.89 -20.74 4.73
O7 NAG BA . 29.38 -14.42 5.34
H2 NAG BA . 29.12 -16.71 4.68
H3 NAG BA . 31.72 -17.82 3.59
H4 NAG BA . 29.69 -18.94 5.53
H5 NAG BA . 30.34 -19.76 2.66
H61 NAG BA . 29.57 -21.64 4.18
H62 NAG BA . 28.50 -21.32 2.83
H81 NAG BA . 30.56 -12.24 4.47
H82 NAG BA . 31.05 -13.01 3.00
H83 NAG BA . 32.00 -13.23 4.44
HN2 NAG BA . 30.96 -15.36 2.77
HO3 NAG BA . 32.20 -17.86 5.88
HO4 NAG BA . 31.03 -20.69 5.61
HO6 NAG BA . 27.27 -21.52 4.67
C1 NAG CA . -4.91 -34.99 -0.44
C2 NAG CA . -5.88 -36.06 -0.94
C3 NAG CA . -7.26 -35.80 -0.33
C4 NAG CA . -7.18 -35.78 1.20
C5 NAG CA . -6.11 -34.78 1.65
C6 NAG CA . -5.84 -34.84 3.14
C7 NAG CA . -6.17 -37.08 -3.17
C8 NAG CA . -6.16 -36.82 -4.65
N2 NAG CA . -5.96 -36.01 -2.39
O3 NAG CA . -8.16 -36.84 -0.73
O4 NAG CA . -8.44 -35.40 1.75
O5 NAG CA . -4.87 -35.07 1.00
O6 NAG CA . -5.50 -36.15 3.58
O7 NAG CA . -6.37 -38.20 -2.71
H2 NAG CA . -5.55 -37.05 -0.60
H3 NAG CA . -7.64 -34.84 -0.69
H4 NAG CA . -6.91 -36.78 1.53
H5 NAG CA . -6.42 -33.77 1.40
H61 NAG CA . -6.75 -34.60 3.70
H62 NAG CA . -5.08 -34.10 3.43
H81 NAG CA . -6.61 -37.62 -5.24
H82 NAG CA . -5.13 -36.72 -5.02
H83 NAG CA . -6.66 -35.90 -4.91
HN2 NAG CA . -5.83 -35.10 -2.81
HO3 NAG CA . -9.00 -36.68 -0.22
HO4 NAG CA . -8.64 -34.48 1.41
HO6 NAG CA . -4.50 -36.22 3.57
C1 NAG DA . -30.37 5.49 -51.13
C2 NAG DA . -29.86 5.07 -52.52
C3 NAG DA . -30.92 5.48 -53.53
C4 NAG DA . -32.24 4.79 -53.23
C5 NAG DA . -32.68 5.13 -51.81
C6 NAG DA . -33.88 4.33 -51.35
C7 NAG DA . -27.57 5.03 -53.47
C8 NAG DA . -26.39 5.86 -53.88
N2 NAG DA . -28.58 5.69 -52.85
O3 NAG DA . -30.48 5.14 -54.85
O4 NAG DA . -33.23 5.21 -54.15
O5 NAG DA . -31.61 4.82 -50.88
O6 NAG DA . -33.57 2.95 -51.14
O7 NAG DA . -27.62 3.82 -53.70
H2 NAG DA . -29.77 3.99 -52.55
H3 NAG DA . -31.06 6.56 -53.48
H4 NAG DA . -32.07 3.71 -53.29
H5 NAG DA . -32.90 6.19 -51.73
H61 NAG DA . -34.64 4.31 -52.13
H62 NAG DA . -34.33 4.76 -50.45
H81 NAG DA . -25.45 5.33 -53.84
H82 NAG DA . -26.27 6.72 -53.23
H83 NAG DA . -26.51 6.25 -54.89
HN2 NAG DA . -28.47 6.65 -52.59
HO3 NAG DA . -31.29 5.24 -55.43
HO4 NAG DA . -33.93 4.51 -54.18
HO6 NAG DA . -32.93 2.90 -50.38
C1 NAG EA . -20.13 -19.02 -35.97
C2 NAG EA . -20.91 -18.40 -37.14
C3 NAG EA . -20.43 -19.03 -38.46
C4 NAG EA . -18.92 -18.90 -38.60
C5 NAG EA . -18.25 -19.53 -37.39
C6 NAG EA . -16.74 -19.36 -37.38
C7 NAG EA . -23.28 -17.77 -37.33
C8 NAG EA . -24.69 -18.27 -37.27
N2 NAG EA . -22.33 -18.64 -36.97
O3 NAG EA . -21.08 -18.40 -39.55
O4 NAG EA . -18.50 -19.57 -39.79
O5 NAG EA . -18.73 -18.88 -36.22
O6 NAG EA . -16.36 -18.02 -37.12
O7 NAG EA . -23.02 -16.62 -37.70
H2 NAG EA . -20.69 -17.35 -37.19
H3 NAG EA . -20.69 -20.09 -38.47
H4 NAG EA . -18.68 -17.83 -38.64
H5 NAG EA . -18.48 -20.59 -37.34
H61 NAG EA . -16.32 -19.57 -38.36
H62 NAG EA . -16.26 -20.05 -36.68
H81 NAG EA . -25.44 -17.49 -37.17
H82 NAG EA . -24.84 -18.95 -36.44
H83 NAG EA . -24.95 -18.83 -38.18
HN2 NAG EA . -22.58 -19.52 -36.54
HO3 NAG EA . -20.51 -18.59 -40.35
HO4 NAG EA . -17.64 -19.17 -40.06
HO6 NAG EA . -15.42 -18.03 -36.77
N1 A1BLO FA . -9.52 -20.94 12.95
C7 A1BLO FA . -12.31 -24.94 16.04
C8 A1BLO FA . -11.94 -21.27 13.54
N2 A1BLO FA . -7.94 -21.56 14.65
C9 A1BLO FA . -12.21 -26.34 16.04
O1 A1BLO FA . -10.68 -27.49 10.66
C1 A1BLO FA . -14.12 -20.74 12.69
C5 A1BLO FA . -13.93 -21.74 14.87
C6 A1BLO FA . -10.96 -26.19 18.09
N3 A1BLO FA . -11.56 -22.13 15.61
C4 A1BLO FA . -11.54 -26.93 17.09
O4 A1BLO FA . -10.38 -23.97 18.93
C3 A1BLO FA . -12.74 -20.77 12.52
O3 A1BLO FA . -6.56 -26.29 17.39
C2 A1BLO FA . -14.71 -21.22 13.85
N4 A1BLO FA . -7.29 -20.58 12.68
C10 A1BLO FA . -11.72 -24.16 17.03
C11 A1BLO FA . -10.51 -21.36 13.75
C12 A1BLO FA . -12.54 -21.75 14.71
C13 A1BLO FA . -10.30 -21.88 15.03
C14 A1BLO FA . -11.02 -24.80 18.05
C15 A1BLO FA . -8.92 -21.98 15.46
C16 A1BLO FA . -8.27 -21.05 13.45
C17 A1BLO FA . -10.47 -28.12 11.93
C18 A1BLO FA . -12.01 -27.85 10.30
C19 A1BLO FA . -11.81 -28.01 12.69
C20 A1BLO FA . -12.83 -27.66 11.54
C21 A1BLO FA . -7.33 -19.63 19.70
C22 A1BLO FA . -9.85 -24.55 20.12
C23 A1BLO FA . -11.82 -22.65 16.95
C24 A1BLO FA . -12.68 -27.13 14.84
C25 A1BLO FA . -7.70 -20.34 18.41
C26 A1BLO FA . -6.79 -21.51 18.14
C27 A1BLO FA . -6.98 -23.99 17.83
C28 A1BLO FA . -7.31 -25.17 16.96
C29 A1BLO FA . -7.18 -22.63 17.16
N5 A1BLO FA . -8.56 -22.49 16.67
N6 A1BLO FA . -11.75 -26.96 13.72
O2 A1BLO FA . -13.95 -28.57 11.51
H7 A1BLO FA . -12.88 -24.49 15.24
H1 A1BLO FA . -14.74 -20.33 11.89
H5 A1BLO FA . -14.40 -22.12 15.78
H6 A1BLO FA . -10.45 -26.75 18.89
H4 A1BLO FA . -11.47 -28.03 17.14
H3 A1BLO FA . -12.27 -20.40 11.61
H38 A1BLO FA . -6.91 -27.08 16.88
H2 A1BLO FA . -15.79 -21.18 13.96
H34 A1BLO FA . -6.32 -20.63 12.98
H33 A1BLO FA . -7.48 -20.17 11.77
H9 A1BLO FA . -10.21 -29.16 11.75
H8 A1BLO FA . -9.61 -27.64 12.39
H10 A1BLO FA . -12.29 -27.24 9.44
H11 A1BLO FA . -12.01 -28.90 9.98
H12 A1BLO FA . -12.00 -28.98 13.13
H13 A1BLO FA . -13.22 -26.64 11.58
H14 A1BLO FA . -7.99 -18.78 19.90
H15 A1BLO FA . -6.32 -19.23 19.69
H16 A1BLO FA . -7.41 -20.28 20.56
H17 A1BLO FA . -9.38 -23.69 20.60
H19 A1BLO FA . -9.08 -25.31 19.94
H18 A1BLO FA . -10.62 -24.95 20.78
H21 A1BLO FA . -11.18 -22.15 17.67
H20 A1BLO FA . -12.82 -22.35 17.25
H22 A1BLO FA . -13.71 -26.86 14.63
H23 A1BLO FA . -12.72 -28.19 15.11
H24 A1BLO FA . -7.58 -19.64 17.59
H25 A1BLO FA . -8.75 -20.61 18.44
H27 A1BLO FA . -6.56 -21.98 19.10
H26 A1BLO FA . -5.82 -21.13 17.84
H28 A1BLO FA . -7.61 -24.02 18.72
H29 A1BLO FA . -5.97 -24.08 18.23
H30 A1BLO FA . -7.11 -24.93 15.92
H31 A1BLO FA . -8.35 -25.43 17.02
H32 A1BLO FA . -6.47 -22.59 16.34
H35 A1BLO FA . -9.27 -22.85 17.29
H36 A1BLO FA . -10.81 -26.71 14.03
H37 A1BLO FA . -14.56 -28.23 10.80
#